data_5T7S
# 
_entry.id   5T7S 
# 
_audit_conform.dict_name       mmcif_pdbx.dic 
_audit_conform.dict_version    5.397 
_audit_conform.dict_location   http://mmcif.pdb.org/dictionaries/ascii/mmcif_pdbx.dic 
# 
loop_
_database_2.database_id 
_database_2.database_code 
_database_2.pdbx_database_accession 
_database_2.pdbx_DOI 
PDB   5T7S         pdb_00005t7s 10.2210/pdb5t7s/pdb 
WWPDB D_1000223846 ?            ?                   
# 
loop_
_pdbx_audit_revision_history.ordinal 
_pdbx_audit_revision_history.data_content_type 
_pdbx_audit_revision_history.major_revision 
_pdbx_audit_revision_history.minor_revision 
_pdbx_audit_revision_history.revision_date 
1 'Structure model' 1 0 2017-01-04 
2 'Structure model' 2 0 2020-07-29 
3 'Structure model' 2 1 2023-10-04 
4 'Structure model' 2 2 2024-10-23 
# 
loop_
_pdbx_audit_revision_details.ordinal 
_pdbx_audit_revision_details.revision_ordinal 
_pdbx_audit_revision_details.data_content_type 
_pdbx_audit_revision_details.provider 
_pdbx_audit_revision_details.type 
_pdbx_audit_revision_details.description 
_pdbx_audit_revision_details.details 
1 1 'Structure model' repository 'Initial release' ?                          ? 
2 2 'Structure model' repository Remediation       'Carbohydrate remediation' ? 
# 
loop_
_pdbx_audit_revision_group.ordinal 
_pdbx_audit_revision_group.revision_ordinal 
_pdbx_audit_revision_group.data_content_type 
_pdbx_audit_revision_group.group 
1  2 'Structure model' 'Atomic model'            
2  2 'Structure model' 'Data collection'         
3  2 'Structure model' 'Derived calculations'    
4  2 'Structure model' 'Non-polymer description' 
5  2 'Structure model' 'Structure summary'       
6  3 'Structure model' 'Data collection'         
7  3 'Structure model' 'Database references'     
8  3 'Structure model' 'Refinement description'  
9  3 'Structure model' 'Structure summary'       
10 4 'Structure model' 'Structure summary'       
# 
loop_
_pdbx_audit_revision_category.ordinal 
_pdbx_audit_revision_category.revision_ordinal 
_pdbx_audit_revision_category.data_content_type 
_pdbx_audit_revision_category.category 
1  2 'Structure model' atom_site                     
2  2 'Structure model' chem_comp                     
3  2 'Structure model' diffrn_source                 
4  2 'Structure model' entity                        
5  2 'Structure model' entity_name_com               
6  2 'Structure model' pdbx_branch_scheme            
7  2 'Structure model' pdbx_chem_comp_identifier     
8  2 'Structure model' pdbx_entity_branch            
9  2 'Structure model' pdbx_entity_branch_descriptor 
10 2 'Structure model' pdbx_entity_branch_link       
11 2 'Structure model' pdbx_entity_branch_list       
12 2 'Structure model' pdbx_entity_nonpoly           
13 2 'Structure model' pdbx_molecule_features        
14 2 'Structure model' pdbx_nonpoly_scheme           
15 2 'Structure model' struct_conn                   
16 2 'Structure model' struct_site                   
17 2 'Structure model' struct_site_gen               
18 3 'Structure model' chem_comp                     
19 3 'Structure model' chem_comp_atom                
20 3 'Structure model' chem_comp_bond                
21 3 'Structure model' database_2                    
22 3 'Structure model' pdbx_initial_refinement_model 
23 4 'Structure model' pdbx_entry_details            
24 4 'Structure model' pdbx_modification_feature     
# 
loop_
_pdbx_audit_revision_item.ordinal 
_pdbx_audit_revision_item.revision_ordinal 
_pdbx_audit_revision_item.data_content_type 
_pdbx_audit_revision_item.item 
1  2 'Structure model' '_atom_site.B_iso_or_equiv'            
2  2 'Structure model' '_atom_site.Cartn_x'                   
3  2 'Structure model' '_atom_site.Cartn_y'                   
4  2 'Structure model' '_atom_site.Cartn_z'                   
5  2 'Structure model' '_atom_site.auth_asym_id'              
6  2 'Structure model' '_atom_site.auth_atom_id'              
7  2 'Structure model' '_atom_site.auth_comp_id'              
8  2 'Structure model' '_atom_site.auth_seq_id'               
9  2 'Structure model' '_atom_site.label_atom_id'             
10 2 'Structure model' '_atom_site.label_comp_id'             
11 2 'Structure model' '_chem_comp.formula'                   
12 2 'Structure model' '_chem_comp.formula_weight'            
13 2 'Structure model' '_chem_comp.id'                        
14 2 'Structure model' '_chem_comp.mon_nstd_flag'             
15 2 'Structure model' '_chem_comp.name'                      
16 2 'Structure model' '_chem_comp.pdbx_synonyms'             
17 2 'Structure model' '_chem_comp.type'                      
18 2 'Structure model' '_diffrn_source.pdbx_synchrotron_site' 
19 2 'Structure model' '_entity.formula_weight'               
20 2 'Structure model' '_entity.pdbx_description'             
21 2 'Structure model' '_entity.type'                         
22 3 'Structure model' '_chem_comp.pdbx_synonyms'             
23 3 'Structure model' '_database_2.pdbx_DOI'                 
24 3 'Structure model' '_database_2.pdbx_database_accession'  
# 
_pdbx_database_status.status_code                     REL 
_pdbx_database_status.status_code_sf                  REL 
_pdbx_database_status.status_code_mr                  ? 
_pdbx_database_status.entry_id                        5T7S 
_pdbx_database_status.recvd_initial_deposition_date   2016-09-05 
_pdbx_database_status.SG_entry                        N 
_pdbx_database_status.deposit_site                    RCSB 
_pdbx_database_status.process_site                    RCSB 
_pdbx_database_status.status_code_cs                  ? 
_pdbx_database_status.methods_development_category    ? 
_pdbx_database_status.pdb_format_compatible           Y 
_pdbx_database_status.status_code_nmr_data            ? 
# 
loop_
_pdbx_database_related.db_name 
_pdbx_database_related.details 
_pdbx_database_related.db_id 
_pdbx_database_related.content_type 
PDB . 5T7I unspecified 
PDB . 5T7T unspecified 
PDB . 5T7U unspecified 
# 
loop_
_audit_author.name 
_audit_author.pdbx_ordinal 
'Bohari, M.H.'  1 
'Yu, X.'        2 
'Blanchard, H.' 3 
# 
_citation.abstract                  ? 
_citation.abstract_id_CAS           ? 
_citation.book_id_ISBN              ? 
_citation.book_publisher            ? 
_citation.book_publisher_city       ? 
_citation.book_title                ? 
_citation.coordinate_linkage        ? 
_citation.country                   UK 
_citation.database_id_Medline       ? 
_citation.details                   ? 
_citation.id                        primary 
_citation.journal_abbrev            'Sci Rep' 
_citation.journal_id_ASTM           ? 
_citation.journal_id_CSD            ? 
_citation.journal_id_ISSN           2045-2322 
_citation.journal_full              ? 
_citation.journal_issue             ? 
_citation.journal_volume            6 
_citation.language                  ? 
_citation.page_first                39556 
_citation.page_last                 39556 
_citation.title                     
;Structure-based rationale for differential recognition of lacto- and neolacto- series glycosphingolipids by the N-terminal domain of human galectin-8.
;
_citation.year                      2016 
_citation.database_id_CSD           ? 
_citation.pdbx_database_id_DOI      10.1038/srep39556 
_citation.pdbx_database_id_PubMed   28000747 
_citation.unpublished_flag          ? 
# 
loop_
_citation_author.citation_id 
_citation_author.name 
_citation_author.ordinal 
_citation_author.identifier_ORCID 
primary 'Bohari, M.H.'  1 ? 
primary 'Yu, X.'        2 ? 
primary 'Zick, Y.'      3 ? 
primary 'Blanchard, H.' 4 ? 
# 
loop_
_entity.id 
_entity.type 
_entity.src_method 
_entity.pdbx_description 
_entity.formula_weight 
_entity.pdbx_number_of_molecules 
_entity.pdbx_ec 
_entity.pdbx_mutation 
_entity.pdbx_fragment 
_entity.details 
1 polymer     man Galectin-8                                           17586.322 1   ? M56V 
'N-terminal Domaine (UNP residues 1-155)' ? 
2 branched    man 'beta-D-galactopyranose-(1-4)-alpha-D-glucopyranose' 342.297   1   ? ?    ? ? 
3 non-polymer syn GLYCEROL                                             92.094    1   ? ?    ? ? 
4 water       nat water                                                18.015    222 ? ?    ? ? 
# 
loop_
_entity_name_com.entity_id 
_entity_name_com.name 
1 'Gal-8,Po66 carbohydrate-binding protein,Po66-CBP,Prostate carcinoma tumor antigen 1,PCTA-1' 
2 alpha-lactose                                                                                
# 
_entity_poly.entity_id                      1 
_entity_poly.type                           'polypeptide(L)' 
_entity_poly.nstd_linkage                   no 
_entity_poly.nstd_monomer                   yes 
_entity_poly.pdbx_seq_one_letter_code       
;MMLSLNNLQNIIYNPVIPFVGTIPDQLDPGTLIVIRGHVPSDADRFQVDLQNGSSVKPRADVAFHFNPRFKRAG(CME)I
VCNTLINEKWGREEITYDTPFKREKSFEIVIMVLKDKFQVAVNGKHTLLYGHRIGPEKIDTLGIYGKVNIHSIGFSFSS
;
_entity_poly.pdbx_seq_one_letter_code_can   
;MMLSLNNLQNIIYNPVIPFVGTIPDQLDPGTLIVIRGHVPSDADRFQVDLQNGSSVKPRADVAFHFNPRFKRAGCIVCNT
LINEKWGREEITYDTPFKREKSFEIVIMVLKDKFQVAVNGKHTLLYGHRIGPEKIDTLGIYGKVNIHSIGFSFSS
;
_entity_poly.pdbx_strand_id                 A 
_entity_poly.pdbx_target_identifier         ? 
# 
loop_
_pdbx_entity_nonpoly.entity_id 
_pdbx_entity_nonpoly.name 
_pdbx_entity_nonpoly.comp_id 
3 GLYCEROL GOL 
4 water    HOH 
# 
loop_
_entity_poly_seq.entity_id 
_entity_poly_seq.num 
_entity_poly_seq.mon_id 
_entity_poly_seq.hetero 
1 1   MET n 
1 2   MET n 
1 3   LEU n 
1 4   SER n 
1 5   LEU n 
1 6   ASN n 
1 7   ASN n 
1 8   LEU n 
1 9   GLN n 
1 10  ASN n 
1 11  ILE n 
1 12  ILE n 
1 13  TYR n 
1 14  ASN n 
1 15  PRO n 
1 16  VAL n 
1 17  ILE n 
1 18  PRO n 
1 19  PHE n 
1 20  VAL n 
1 21  GLY n 
1 22  THR n 
1 23  ILE n 
1 24  PRO n 
1 25  ASP n 
1 26  GLN n 
1 27  LEU n 
1 28  ASP n 
1 29  PRO n 
1 30  GLY n 
1 31  THR n 
1 32  LEU n 
1 33  ILE n 
1 34  VAL n 
1 35  ILE n 
1 36  ARG n 
1 37  GLY n 
1 38  HIS n 
1 39  VAL n 
1 40  PRO n 
1 41  SER n 
1 42  ASP n 
1 43  ALA n 
1 44  ASP n 
1 45  ARG n 
1 46  PHE n 
1 47  GLN n 
1 48  VAL n 
1 49  ASP n 
1 50  LEU n 
1 51  GLN n 
1 52  ASN n 
1 53  GLY n 
1 54  SER n 
1 55  SER n 
1 56  VAL n 
1 57  LYS n 
1 58  PRO n 
1 59  ARG n 
1 60  ALA n 
1 61  ASP n 
1 62  VAL n 
1 63  ALA n 
1 64  PHE n 
1 65  HIS n 
1 66  PHE n 
1 67  ASN n 
1 68  PRO n 
1 69  ARG n 
1 70  PHE n 
1 71  LYS n 
1 72  ARG n 
1 73  ALA n 
1 74  GLY n 
1 75  CME n 
1 76  ILE n 
1 77  VAL n 
1 78  CYS n 
1 79  ASN n 
1 80  THR n 
1 81  LEU n 
1 82  ILE n 
1 83  ASN n 
1 84  GLU n 
1 85  LYS n 
1 86  TRP n 
1 87  GLY n 
1 88  ARG n 
1 89  GLU n 
1 90  GLU n 
1 91  ILE n 
1 92  THR n 
1 93  TYR n 
1 94  ASP n 
1 95  THR n 
1 96  PRO n 
1 97  PHE n 
1 98  LYS n 
1 99  ARG n 
1 100 GLU n 
1 101 LYS n 
1 102 SER n 
1 103 PHE n 
1 104 GLU n 
1 105 ILE n 
1 106 VAL n 
1 107 ILE n 
1 108 MET n 
1 109 VAL n 
1 110 LEU n 
1 111 LYS n 
1 112 ASP n 
1 113 LYS n 
1 114 PHE n 
1 115 GLN n 
1 116 VAL n 
1 117 ALA n 
1 118 VAL n 
1 119 ASN n 
1 120 GLY n 
1 121 LYS n 
1 122 HIS n 
1 123 THR n 
1 124 LEU n 
1 125 LEU n 
1 126 TYR n 
1 127 GLY n 
1 128 HIS n 
1 129 ARG n 
1 130 ILE n 
1 131 GLY n 
1 132 PRO n 
1 133 GLU n 
1 134 LYS n 
1 135 ILE n 
1 136 ASP n 
1 137 THR n 
1 138 LEU n 
1 139 GLY n 
1 140 ILE n 
1 141 TYR n 
1 142 GLY n 
1 143 LYS n 
1 144 VAL n 
1 145 ASN n 
1 146 ILE n 
1 147 HIS n 
1 148 SER n 
1 149 ILE n 
1 150 GLY n 
1 151 PHE n 
1 152 SER n 
1 153 PHE n 
1 154 SER n 
1 155 SER n 
# 
_entity_src_gen.entity_id                          1 
_entity_src_gen.pdbx_src_id                        1 
_entity_src_gen.pdbx_alt_source_flag               sample 
_entity_src_gen.pdbx_seq_type                      'Biological sequence' 
_entity_src_gen.pdbx_beg_seq_num                   1 
_entity_src_gen.pdbx_end_seq_num                   155 
_entity_src_gen.gene_src_common_name               Human 
_entity_src_gen.gene_src_genus                     ? 
_entity_src_gen.pdbx_gene_src_gene                 LGALS8 
_entity_src_gen.gene_src_species                   ? 
_entity_src_gen.gene_src_strain                    ? 
_entity_src_gen.gene_src_tissue                    ? 
_entity_src_gen.gene_src_tissue_fraction           ? 
_entity_src_gen.gene_src_details                   ? 
_entity_src_gen.pdbx_gene_src_fragment             ? 
_entity_src_gen.pdbx_gene_src_scientific_name      'Homo sapiens' 
_entity_src_gen.pdbx_gene_src_ncbi_taxonomy_id     9606 
_entity_src_gen.pdbx_gene_src_variant              ? 
_entity_src_gen.pdbx_gene_src_cell_line            ? 
_entity_src_gen.pdbx_gene_src_atcc                 ? 
_entity_src_gen.pdbx_gene_src_organ                ? 
_entity_src_gen.pdbx_gene_src_organelle            ? 
_entity_src_gen.pdbx_gene_src_cell                 ? 
_entity_src_gen.pdbx_gene_src_cellular_location    ? 
_entity_src_gen.host_org_common_name               ? 
_entity_src_gen.pdbx_host_org_scientific_name      'Escherichia coli' 
_entity_src_gen.pdbx_host_org_ncbi_taxonomy_id     562 
_entity_src_gen.host_org_genus                     ? 
_entity_src_gen.pdbx_host_org_gene                 ? 
_entity_src_gen.pdbx_host_org_organ                ? 
_entity_src_gen.host_org_species                   ? 
_entity_src_gen.pdbx_host_org_tissue               ? 
_entity_src_gen.pdbx_host_org_tissue_fraction      ? 
_entity_src_gen.pdbx_host_org_strain               ? 
_entity_src_gen.pdbx_host_org_variant              ? 
_entity_src_gen.pdbx_host_org_cell_line            ? 
_entity_src_gen.pdbx_host_org_atcc                 ? 
_entity_src_gen.pdbx_host_org_culture_collection   ? 
_entity_src_gen.pdbx_host_org_cell                 ? 
_entity_src_gen.pdbx_host_org_organelle            ? 
_entity_src_gen.pdbx_host_org_cellular_location    ? 
_entity_src_gen.pdbx_host_org_vector_type          ? 
_entity_src_gen.pdbx_host_org_vector               ? 
_entity_src_gen.host_org_details                   ? 
_entity_src_gen.expression_system_id               ? 
_entity_src_gen.plasmid_name                       ? 
_entity_src_gen.plasmid_details                    ? 
_entity_src_gen.pdbx_description                   ? 
# 
_pdbx_entity_branch.entity_id   2 
_pdbx_entity_branch.type        oligosaccharide 
# 
loop_
_pdbx_entity_branch_descriptor.ordinal 
_pdbx_entity_branch_descriptor.entity_id 
_pdbx_entity_branch_descriptor.descriptor 
_pdbx_entity_branch_descriptor.type 
_pdbx_entity_branch_descriptor.program 
_pdbx_entity_branch_descriptor.program_version 
1 2 DGalpb1-4DGlcpa1-ROH                                       'Glycam Condensed Sequence' GMML       1.0   
2 2 'WURCS=2.0/2,2,1/[a2122h-1a_1-5][a2112h-1b_1-5]/1-2/a4-b1' WURCS                       PDB2Glycan 1.1.0 
3 2 '[][a-D-Glcp]{[(4+1)][b-D-Galp]{}}'                        LINUCS                      PDB-CARE   ?     
# 
_pdbx_entity_branch_link.link_id                    1 
_pdbx_entity_branch_link.entity_id                  2 
_pdbx_entity_branch_link.entity_branch_list_num_1   2 
_pdbx_entity_branch_link.comp_id_1                  GAL 
_pdbx_entity_branch_link.atom_id_1                  C1 
_pdbx_entity_branch_link.leaving_atom_id_1          O1 
_pdbx_entity_branch_link.entity_branch_list_num_2   1 
_pdbx_entity_branch_link.comp_id_2                  GLC 
_pdbx_entity_branch_link.atom_id_2                  O4 
_pdbx_entity_branch_link.leaving_atom_id_2          HO4 
_pdbx_entity_branch_link.value_order                sing 
_pdbx_entity_branch_link.details                    ? 
# 
loop_
_chem_comp.id 
_chem_comp.type 
_chem_comp.mon_nstd_flag 
_chem_comp.name 
_chem_comp.pdbx_synonyms 
_chem_comp.formula 
_chem_comp.formula_weight 
ALA 'L-peptide linking'           y ALANINE                            ?                                          'C3 H7 N O2'     
89.093  
ARG 'L-peptide linking'           y ARGININE                           ?                                          'C6 H15 N4 O2 1' 
175.209 
ASN 'L-peptide linking'           y ASPARAGINE                         ?                                          'C4 H8 N2 O3'    
132.118 
ASP 'L-peptide linking'           y 'ASPARTIC ACID'                    ?                                          'C4 H7 N O4'     
133.103 
CME 'L-peptide linking'           n 'S,S-(2-HYDROXYETHYL)THIOCYSTEINE' ?                                          'C5 H11 N O3 S2' 
197.276 
CYS 'L-peptide linking'           y CYSTEINE                           ?                                          'C3 H7 N O2 S'   
121.158 
GAL 'D-saccharide, beta linking'  . beta-D-galactopyranose             'beta-D-galactose; D-galactose; galactose' 'C6 H12 O6'      
180.156 
GLC 'D-saccharide, alpha linking' . alpha-D-glucopyranose              'alpha-D-glucose; D-glucose; glucose'      'C6 H12 O6'      
180.156 
GLN 'L-peptide linking'           y GLUTAMINE                          ?                                          'C5 H10 N2 O3'   
146.144 
GLU 'L-peptide linking'           y 'GLUTAMIC ACID'                    ?                                          'C5 H9 N O4'     
147.129 
GLY 'peptide linking'             y GLYCINE                            ?                                          'C2 H5 N O2'     
75.067  
GOL non-polymer                   . GLYCEROL                           'GLYCERIN; PROPANE-1,2,3-TRIOL'            'C3 H8 O3'       
92.094  
HIS 'L-peptide linking'           y HISTIDINE                          ?                                          'C6 H10 N3 O2 1' 
156.162 
HOH non-polymer                   . WATER                              ?                                          'H2 O'           
18.015  
ILE 'L-peptide linking'           y ISOLEUCINE                         ?                                          'C6 H13 N O2'    
131.173 
LEU 'L-peptide linking'           y LEUCINE                            ?                                          'C6 H13 N O2'    
131.173 
LYS 'L-peptide linking'           y LYSINE                             ?                                          'C6 H15 N2 O2 1' 
147.195 
MET 'L-peptide linking'           y METHIONINE                         ?                                          'C5 H11 N O2 S'  
149.211 
PHE 'L-peptide linking'           y PHENYLALANINE                      ?                                          'C9 H11 N O2'    
165.189 
PRO 'L-peptide linking'           y PROLINE                            ?                                          'C5 H9 N O2'     
115.130 
SER 'L-peptide linking'           y SERINE                             ?                                          'C3 H7 N O3'     
105.093 
THR 'L-peptide linking'           y THREONINE                          ?                                          'C4 H9 N O3'     
119.119 
TRP 'L-peptide linking'           y TRYPTOPHAN                         ?                                          'C11 H12 N2 O2'  
204.225 
TYR 'L-peptide linking'           y TYROSINE                           ?                                          'C9 H11 N O3'    
181.189 
VAL 'L-peptide linking'           y VALINE                             ?                                          'C5 H11 N O2'    
117.146 
# 
loop_
_pdbx_chem_comp_identifier.comp_id 
_pdbx_chem_comp_identifier.type 
_pdbx_chem_comp_identifier.program 
_pdbx_chem_comp_identifier.program_version 
_pdbx_chem_comp_identifier.identifier 
GAL 'CONDENSED IUPAC CARBOHYDRATE SYMBOL' GMML     1.0 DGalpb              
GAL 'COMMON NAME'                         GMML     1.0 b-D-galactopyranose 
GAL 'IUPAC CARBOHYDRATE SYMBOL'           PDB-CARE 1.0 b-D-Galp            
GAL 'SNFG CARBOHYDRATE SYMBOL'            GMML     1.0 Gal                 
GLC 'CONDENSED IUPAC CARBOHYDRATE SYMBOL' GMML     1.0 DGlcpa              
GLC 'COMMON NAME'                         GMML     1.0 a-D-glucopyranose   
GLC 'IUPAC CARBOHYDRATE SYMBOL'           PDB-CARE 1.0 a-D-Glcp            
GLC 'SNFG CARBOHYDRATE SYMBOL'            GMML     1.0 Glc                 
# 
loop_
_pdbx_poly_seq_scheme.asym_id 
_pdbx_poly_seq_scheme.entity_id 
_pdbx_poly_seq_scheme.seq_id 
_pdbx_poly_seq_scheme.mon_id 
_pdbx_poly_seq_scheme.ndb_seq_num 
_pdbx_poly_seq_scheme.pdb_seq_num 
_pdbx_poly_seq_scheme.auth_seq_num 
_pdbx_poly_seq_scheme.pdb_mon_id 
_pdbx_poly_seq_scheme.auth_mon_id 
_pdbx_poly_seq_scheme.pdb_strand_id 
_pdbx_poly_seq_scheme.pdb_ins_code 
_pdbx_poly_seq_scheme.hetero 
A 1 1   MET 1   1   ?   ?   ?   A . n 
A 1 2   MET 2   2   ?   ?   ?   A . n 
A 1 3   LEU 3   3   ?   ?   ?   A . n 
A 1 4   SER 4   4   ?   ?   ?   A . n 
A 1 5   LEU 5   5   ?   ?   ?   A . n 
A 1 6   ASN 6   6   ?   ?   ?   A . n 
A 1 7   ASN 7   7   ?   ?   ?   A . n 
A 1 8   LEU 8   8   8   LEU LEU A . n 
A 1 9   GLN 9   9   9   GLN GLN A . n 
A 1 10  ASN 10  10  10  ASN ASN A . n 
A 1 11  ILE 11  11  11  ILE ILE A . n 
A 1 12  ILE 12  12  12  ILE ILE A . n 
A 1 13  TYR 13  13  13  TYR TYR A . n 
A 1 14  ASN 14  14  14  ASN ASN A . n 
A 1 15  PRO 15  15  15  PRO PRO A . n 
A 1 16  VAL 16  16  16  VAL VAL A . n 
A 1 17  ILE 17  17  17  ILE ILE A . n 
A 1 18  PRO 18  18  18  PRO PRO A . n 
A 1 19  PHE 19  19  19  PHE PHE A . n 
A 1 20  VAL 20  20  20  VAL VAL A . n 
A 1 21  GLY 21  21  21  GLY GLY A . n 
A 1 22  THR 22  22  22  THR THR A . n 
A 1 23  ILE 23  23  23  ILE ILE A . n 
A 1 24  PRO 24  24  24  PRO PRO A . n 
A 1 25  ASP 25  25  25  ASP ASP A . n 
A 1 26  GLN 26  26  26  GLN GLN A . n 
A 1 27  LEU 27  27  27  LEU LEU A . n 
A 1 28  ASP 28  28  28  ASP ASP A . n 
A 1 29  PRO 29  29  29  PRO PRO A . n 
A 1 30  GLY 30  30  30  GLY GLY A . n 
A 1 31  THR 31  31  31  THR THR A . n 
A 1 32  LEU 32  32  32  LEU LEU A . n 
A 1 33  ILE 33  33  33  ILE ILE A . n 
A 1 34  VAL 34  34  34  VAL VAL A . n 
A 1 35  ILE 35  35  35  ILE ILE A . n 
A 1 36  ARG 36  36  36  ARG ARG A . n 
A 1 37  GLY 37  37  37  GLY GLY A . n 
A 1 38  HIS 38  38  38  HIS HIS A . n 
A 1 39  VAL 39  39  39  VAL VAL A . n 
A 1 40  PRO 40  40  40  PRO PRO A . n 
A 1 41  SER 41  41  41  SER SER A . n 
A 1 42  ASP 42  42  42  ASP ASP A . n 
A 1 43  ALA 43  43  43  ALA ALA A . n 
A 1 44  ASP 44  44  44  ASP ASP A . n 
A 1 45  ARG 45  45  45  ARG ARG A . n 
A 1 46  PHE 46  46  46  PHE PHE A . n 
A 1 47  GLN 47  47  47  GLN GLN A . n 
A 1 48  VAL 48  48  48  VAL VAL A . n 
A 1 49  ASP 49  49  49  ASP ASP A . n 
A 1 50  LEU 50  50  50  LEU LEU A . n 
A 1 51  GLN 51  51  51  GLN GLN A . n 
A 1 52  ASN 52  52  52  ASN ASN A . n 
A 1 53  GLY 53  53  53  GLY GLY A . n 
A 1 54  SER 54  54  54  SER SER A . n 
A 1 55  SER 55  55  55  SER SER A . n 
A 1 56  VAL 56  56  56  VAL VAL A . n 
A 1 57  LYS 57  57  57  LYS LYS A . n 
A 1 58  PRO 58  58  58  PRO PRO A . n 
A 1 59  ARG 59  59  59  ARG ARG A . n 
A 1 60  ALA 60  60  60  ALA ALA A . n 
A 1 61  ASP 61  61  61  ASP ASP A . n 
A 1 62  VAL 62  62  62  VAL VAL A . n 
A 1 63  ALA 63  63  63  ALA ALA A . n 
A 1 64  PHE 64  64  64  PHE PHE A . n 
A 1 65  HIS 65  65  65  HIS HIS A . n 
A 1 66  PHE 66  66  66  PHE PHE A . n 
A 1 67  ASN 67  67  67  ASN ASN A . n 
A 1 68  PRO 68  68  68  PRO PRO A . n 
A 1 69  ARG 69  69  69  ARG ARG A . n 
A 1 70  PHE 70  70  70  PHE PHE A . n 
A 1 71  LYS 71  71  71  LYS LYS A . n 
A 1 72  ARG 72  72  72  ARG ARG A . n 
A 1 73  ALA 73  73  73  ALA ALA A . n 
A 1 74  GLY 74  74  74  GLY GLY A . n 
A 1 75  CME 75  75  75  CME CME A . n 
A 1 76  ILE 76  76  76  ILE ILE A . n 
A 1 77  VAL 77  77  77  VAL VAL A . n 
A 1 78  CYS 78  78  78  CYS CYS A . n 
A 1 79  ASN 79  79  79  ASN ASN A . n 
A 1 80  THR 80  80  80  THR THR A . n 
A 1 81  LEU 81  81  81  LEU LEU A . n 
A 1 82  ILE 82  82  82  ILE ILE A . n 
A 1 83  ASN 83  83  83  ASN ASN A . n 
A 1 84  GLU 84  84  84  GLU GLU A . n 
A 1 85  LYS 85  85  85  LYS LYS A . n 
A 1 86  TRP 86  86  86  TRP TRP A . n 
A 1 87  GLY 87  87  87  GLY GLY A . n 
A 1 88  ARG 88  88  88  ARG ARG A . n 
A 1 89  GLU 89  89  89  GLU GLU A . n 
A 1 90  GLU 90  90  90  GLU GLU A . n 
A 1 91  ILE 91  91  91  ILE ILE A . n 
A 1 92  THR 92  92  92  THR THR A . n 
A 1 93  TYR 93  93  93  TYR TYR A . n 
A 1 94  ASP 94  94  94  ASP ASP A . n 
A 1 95  THR 95  95  95  THR THR A . n 
A 1 96  PRO 96  96  96  PRO PRO A . n 
A 1 97  PHE 97  97  97  PHE PHE A . n 
A 1 98  LYS 98  98  98  LYS LYS A . n 
A 1 99  ARG 99  99  99  ARG ARG A . n 
A 1 100 GLU 100 100 100 GLU GLU A . n 
A 1 101 LYS 101 101 101 LYS LYS A . n 
A 1 102 SER 102 102 102 SER SER A . n 
A 1 103 PHE 103 103 103 PHE PHE A . n 
A 1 104 GLU 104 104 104 GLU GLU A . n 
A 1 105 ILE 105 105 105 ILE ILE A . n 
A 1 106 VAL 106 106 106 VAL VAL A . n 
A 1 107 ILE 107 107 107 ILE ILE A . n 
A 1 108 MET 108 108 108 MET MET A . n 
A 1 109 VAL 109 109 109 VAL VAL A . n 
A 1 110 LEU 110 110 110 LEU LEU A . n 
A 1 111 LYS 111 111 111 LYS LYS A . n 
A 1 112 ASP 112 112 112 ASP ASP A . n 
A 1 113 LYS 113 113 113 LYS LYS A . n 
A 1 114 PHE 114 114 114 PHE PHE A . n 
A 1 115 GLN 115 115 115 GLN GLN A . n 
A 1 116 VAL 116 116 116 VAL VAL A . n 
A 1 117 ALA 117 117 117 ALA ALA A . n 
A 1 118 VAL 118 118 118 VAL VAL A . n 
A 1 119 ASN 119 119 119 ASN ASN A . n 
A 1 120 GLY 120 120 120 GLY GLY A . n 
A 1 121 LYS 121 121 121 LYS LYS A . n 
A 1 122 HIS 122 122 122 HIS HIS A . n 
A 1 123 THR 123 123 123 THR THR A . n 
A 1 124 LEU 124 124 124 LEU LEU A . n 
A 1 125 LEU 125 125 125 LEU LEU A . n 
A 1 126 TYR 126 126 126 TYR TYR A . n 
A 1 127 GLY 127 127 127 GLY GLY A . n 
A 1 128 HIS 128 128 128 HIS HIS A . n 
A 1 129 ARG 129 129 129 ARG ARG A . n 
A 1 130 ILE 130 130 130 ILE ILE A . n 
A 1 131 GLY 131 131 131 GLY GLY A . n 
A 1 132 PRO 132 132 132 PRO PRO A . n 
A 1 133 GLU 133 133 133 GLU GLU A . n 
A 1 134 LYS 134 134 134 LYS LYS A . n 
A 1 135 ILE 135 135 135 ILE ILE A . n 
A 1 136 ASP 136 136 136 ASP ASP A . n 
A 1 137 THR 137 137 137 THR THR A . n 
A 1 138 LEU 138 138 138 LEU LEU A . n 
A 1 139 GLY 139 139 139 GLY GLY A . n 
A 1 140 ILE 140 140 140 ILE ILE A . n 
A 1 141 TYR 141 141 141 TYR TYR A . n 
A 1 142 GLY 142 142 142 GLY GLY A . n 
A 1 143 LYS 143 143 143 LYS LYS A . n 
A 1 144 VAL 144 144 144 VAL VAL A . n 
A 1 145 ASN 145 145 145 ASN ASN A . n 
A 1 146 ILE 146 146 146 ILE ILE A . n 
A 1 147 HIS 147 147 147 HIS HIS A . n 
A 1 148 SER 148 148 148 SER SER A . n 
A 1 149 ILE 149 149 149 ILE ILE A . n 
A 1 150 GLY 150 150 150 GLY GLY A . n 
A 1 151 PHE 151 151 151 PHE PHE A . n 
A 1 152 SER 152 152 152 SER SER A . n 
A 1 153 PHE 153 153 153 PHE PHE A . n 
A 1 154 SER 154 154 154 SER SER A . n 
A 1 155 SER 155 155 ?   ?   ?   A . n 
# 
loop_
_pdbx_branch_scheme.asym_id 
_pdbx_branch_scheme.entity_id 
_pdbx_branch_scheme.mon_id 
_pdbx_branch_scheme.num 
_pdbx_branch_scheme.pdb_asym_id 
_pdbx_branch_scheme.pdb_mon_id 
_pdbx_branch_scheme.pdb_seq_num 
_pdbx_branch_scheme.auth_asym_id 
_pdbx_branch_scheme.auth_mon_id 
_pdbx_branch_scheme.auth_seq_num 
_pdbx_branch_scheme.hetero 
B 2 GLC 1 B GLC 1 G LBT 155 n 
B 2 GAL 2 B GAL 2 G LBT 155 n 
# 
loop_
_pdbx_nonpoly_scheme.asym_id 
_pdbx_nonpoly_scheme.entity_id 
_pdbx_nonpoly_scheme.mon_id 
_pdbx_nonpoly_scheme.ndb_seq_num 
_pdbx_nonpoly_scheme.pdb_seq_num 
_pdbx_nonpoly_scheme.auth_seq_num 
_pdbx_nonpoly_scheme.pdb_mon_id 
_pdbx_nonpoly_scheme.auth_mon_id 
_pdbx_nonpoly_scheme.pdb_strand_id 
_pdbx_nonpoly_scheme.pdb_ins_code 
C 3 GOL 1   202 1   GOL GOL A . 
D 4 HOH 1   301 187 HOH HOH A . 
D 4 HOH 2   302 68  HOH HOH A . 
D 4 HOH 3   303 120 HOH HOH A . 
D 4 HOH 4   304 128 HOH HOH A . 
D 4 HOH 5   305 235 HOH HOH A . 
D 4 HOH 6   306 234 HOH HOH A . 
D 4 HOH 7   307 1   HOH HOH A . 
D 4 HOH 8   308 71  HOH HOH A . 
D 4 HOH 9   309 157 HOH HOH A . 
D 4 HOH 10  310 20  HOH HOH A . 
D 4 HOH 11  311 199 HOH HOH A . 
D 4 HOH 12  312 9   HOH HOH A . 
D 4 HOH 13  313 110 HOH HOH A . 
D 4 HOH 14  314 79  HOH HOH A . 
D 4 HOH 15  315 118 HOH HOH A . 
D 4 HOH 16  316 54  HOH HOH A . 
D 4 HOH 17  317 35  HOH HOH A . 
D 4 HOH 18  318 299 HOH HOH A . 
D 4 HOH 19  319 286 HOH HOH A . 
D 4 HOH 20  320 191 HOH HOH A . 
D 4 HOH 21  321 74  HOH HOH A . 
D 4 HOH 22  322 179 HOH HOH A . 
D 4 HOH 23  323 237 HOH HOH A . 
D 4 HOH 24  324 127 HOH HOH A . 
D 4 HOH 25  325 59  HOH HOH A . 
D 4 HOH 26  326 13  HOH HOH A . 
D 4 HOH 27  327 204 HOH HOH A . 
D 4 HOH 28  328 144 HOH HOH A . 
D 4 HOH 29  329 160 HOH HOH A . 
D 4 HOH 30  330 81  HOH HOH A . 
D 4 HOH 31  331 14  HOH HOH A . 
D 4 HOH 32  332 124 HOH HOH A . 
D 4 HOH 33  333 51  HOH HOH A . 
D 4 HOH 34  334 98  HOH HOH A . 
D 4 HOH 35  335 95  HOH HOH A . 
D 4 HOH 36  336 239 HOH HOH A . 
D 4 HOH 37  337 216 HOH HOH A . 
D 4 HOH 38  338 117 HOH HOH A . 
D 4 HOH 39  339 243 HOH HOH A . 
D 4 HOH 40  340 181 HOH HOH A . 
D 4 HOH 41  341 18  HOH HOH A . 
D 4 HOH 42  342 78  HOH HOH A . 
D 4 HOH 43  343 172 HOH HOH A . 
D 4 HOH 44  344 63  HOH HOH A . 
D 4 HOH 45  345 281 HOH HOH A . 
D 4 HOH 46  346 277 HOH HOH A . 
D 4 HOH 47  347 133 HOH HOH A . 
D 4 HOH 48  348 56  HOH HOH A . 
D 4 HOH 49  349 57  HOH HOH A . 
D 4 HOH 50  350 53  HOH HOH A . 
D 4 HOH 51  351 2   HOH HOH A . 
D 4 HOH 52  352 84  HOH HOH A . 
D 4 HOH 53  353 107 HOH HOH A . 
D 4 HOH 54  354 203 HOH HOH A . 
D 4 HOH 55  355 231 HOH HOH A . 
D 4 HOH 56  356 201 HOH HOH A . 
D 4 HOH 57  357 217 HOH HOH A . 
D 4 HOH 58  358 22  HOH HOH A . 
D 4 HOH 59  359 67  HOH HOH A . 
D 4 HOH 60  360 90  HOH HOH A . 
D 4 HOH 61  361 76  HOH HOH A . 
D 4 HOH 62  362 192 HOH HOH A . 
D 4 HOH 63  363 99  HOH HOH A . 
D 4 HOH 64  364 193 HOH HOH A . 
D 4 HOH 65  365 161 HOH HOH A . 
D 4 HOH 66  366 205 HOH HOH A . 
D 4 HOH 67  367 27  HOH HOH A . 
D 4 HOH 68  368 15  HOH HOH A . 
D 4 HOH 69  369 52  HOH HOH A . 
D 4 HOH 70  370 103 HOH HOH A . 
D 4 HOH 71  371 50  HOH HOH A . 
D 4 HOH 72  372 283 HOH HOH A . 
D 4 HOH 73  373 83  HOH HOH A . 
D 4 HOH 74  374 97  HOH HOH A . 
D 4 HOH 75  375 7   HOH HOH A . 
D 4 HOH 76  376 11  HOH HOH A . 
D 4 HOH 77  377 85  HOH HOH A . 
D 4 HOH 78  378 77  HOH HOH A . 
D 4 HOH 79  379 5   HOH HOH A . 
D 4 HOH 80  380 89  HOH HOH A . 
D 4 HOH 81  381 82  HOH HOH A . 
D 4 HOH 82  382 136 HOH HOH A . 
D 4 HOH 83  383 141 HOH HOH A . 
D 4 HOH 84  384 100 HOH HOH A . 
D 4 HOH 85  385 32  HOH HOH A . 
D 4 HOH 86  386 116 HOH HOH A . 
D 4 HOH 87  387 306 HOH HOH A . 
D 4 HOH 88  388 92  HOH HOH A . 
D 4 HOH 89  389 119 HOH HOH A . 
D 4 HOH 90  390 41  HOH HOH A . 
D 4 HOH 91  391 121 HOH HOH A . 
D 4 HOH 92  392 168 HOH HOH A . 
D 4 HOH 93  393 46  HOH HOH A . 
D 4 HOH 94  394 37  HOH HOH A . 
D 4 HOH 95  395 292 HOH HOH A . 
D 4 HOH 96  396 112 HOH HOH A . 
D 4 HOH 97  397 12  HOH HOH A . 
D 4 HOH 98  398 102 HOH HOH A . 
D 4 HOH 99  399 164 HOH HOH A . 
D 4 HOH 100 400 155 HOH HOH A . 
D 4 HOH 101 401 80  HOH HOH A . 
D 4 HOH 102 402 260 HOH HOH A . 
D 4 HOH 103 403 16  HOH HOH A . 
D 4 HOH 104 404 60  HOH HOH A . 
D 4 HOH 105 405 65  HOH HOH A . 
D 4 HOH 106 406 21  HOH HOH A . 
D 4 HOH 107 407 226 HOH HOH A . 
D 4 HOH 108 408 143 HOH HOH A . 
D 4 HOH 109 409 69  HOH HOH A . 
D 4 HOH 110 410 47  HOH HOH A . 
D 4 HOH 111 411 169 HOH HOH A . 
D 4 HOH 112 412 30  HOH HOH A . 
D 4 HOH 113 413 91  HOH HOH A . 
D 4 HOH 114 414 184 HOH HOH A . 
D 4 HOH 115 415 64  HOH HOH A . 
D 4 HOH 116 416 284 HOH HOH A . 
D 4 HOH 117 417 94  HOH HOH A . 
D 4 HOH 118 418 148 HOH HOH A . 
D 4 HOH 119 419 34  HOH HOH A . 
D 4 HOH 120 420 113 HOH HOH A . 
D 4 HOH 121 421 70  HOH HOH A . 
D 4 HOH 122 422 61  HOH HOH A . 
D 4 HOH 123 423 176 HOH HOH A . 
D 4 HOH 124 424 274 HOH HOH A . 
D 4 HOH 125 425 75  HOH HOH A . 
D 4 HOH 126 426 137 HOH HOH A . 
D 4 HOH 127 427 86  HOH HOH A . 
D 4 HOH 128 428 44  HOH HOH A . 
D 4 HOH 129 429 105 HOH HOH A . 
D 4 HOH 130 430 6   HOH HOH A . 
D 4 HOH 131 431 125 HOH HOH A . 
D 4 HOH 132 432 108 HOH HOH A . 
D 4 HOH 133 433 109 HOH HOH A . 
D 4 HOH 134 434 305 HOH HOH A . 
D 4 HOH 135 435 183 HOH HOH A . 
D 4 HOH 136 436 62  HOH HOH A . 
D 4 HOH 137 437 48  HOH HOH A . 
D 4 HOH 138 438 287 HOH HOH A . 
D 4 HOH 139 439 25  HOH HOH A . 
D 4 HOH 140 440 259 HOH HOH A . 
D 4 HOH 141 441 111 HOH HOH A . 
D 4 HOH 142 442 115 HOH HOH A . 
D 4 HOH 143 443 73  HOH HOH A . 
D 4 HOH 144 444 294 HOH HOH A . 
D 4 HOH 145 445 45  HOH HOH A . 
D 4 HOH 146 446 19  HOH HOH A . 
D 4 HOH 147 447 195 HOH HOH A . 
D 4 HOH 148 448 24  HOH HOH A . 
D 4 HOH 149 449 104 HOH HOH A . 
D 4 HOH 150 450 219 HOH HOH A . 
D 4 HOH 151 451 150 HOH HOH A . 
D 4 HOH 152 452 72  HOH HOH A . 
D 4 HOH 153 453 189 HOH HOH A . 
D 4 HOH 154 454 173 HOH HOH A . 
D 4 HOH 155 455 87  HOH HOH A . 
D 4 HOH 156 456 156 HOH HOH A . 
D 4 HOH 157 457 269 HOH HOH A . 
D 4 HOH 158 458 8   HOH HOH A . 
D 4 HOH 159 459 58  HOH HOH A . 
D 4 HOH 160 460 167 HOH HOH A . 
D 4 HOH 161 461 225 HOH HOH A . 
D 4 HOH 162 462 39  HOH HOH A . 
D 4 HOH 163 463 302 HOH HOH A . 
D 4 HOH 164 464 151 HOH HOH A . 
D 4 HOH 165 465 154 HOH HOH A . 
D 4 HOH 166 466 282 HOH HOH A . 
D 4 HOH 167 467 66  HOH HOH A . 
D 4 HOH 168 468 304 HOH HOH A . 
D 4 HOH 169 469 170 HOH HOH A . 
D 4 HOH 170 470 275 HOH HOH A . 
D 4 HOH 171 471 251 HOH HOH A . 
D 4 HOH 172 472 266 HOH HOH A . 
D 4 HOH 173 473 276 HOH HOH A . 
D 4 HOH 174 474 307 HOH HOH A . 
D 4 HOH 175 475 36  HOH HOH A . 
D 4 HOH 176 476 4   HOH HOH A . 
D 4 HOH 177 477 28  HOH HOH A . 
D 4 HOH 178 478 194 HOH HOH A . 
D 4 HOH 179 479 267 HOH HOH A . 
D 4 HOH 180 480 132 HOH HOH A . 
D 4 HOH 181 481 262 HOH HOH A . 
D 4 HOH 182 482 303 HOH HOH A . 
D 4 HOH 183 483 272 HOH HOH A . 
D 4 HOH 184 484 228 HOH HOH A . 
D 4 HOH 185 485 256 HOH HOH A . 
D 4 HOH 186 486 159 HOH HOH A . 
D 4 HOH 187 487 130 HOH HOH A . 
D 4 HOH 188 488 223 HOH HOH A . 
D 4 HOH 189 489 93  HOH HOH A . 
D 4 HOH 190 490 129 HOH HOH A . 
D 4 HOH 191 491 197 HOH HOH A . 
D 4 HOH 192 492 126 HOH HOH A . 
D 4 HOH 193 493 152 HOH HOH A . 
D 4 HOH 194 494 88  HOH HOH A . 
D 4 HOH 195 495 142 HOH HOH A . 
D 4 HOH 196 496 165 HOH HOH A . 
D 4 HOH 197 497 163 HOH HOH A . 
D 4 HOH 198 498 220 HOH HOH A . 
D 4 HOH 199 499 114 HOH HOH A . 
D 4 HOH 200 500 175 HOH HOH A . 
D 4 HOH 201 501 147 HOH HOH A . 
D 4 HOH 202 502 3   HOH HOH A . 
D 4 HOH 203 503 242 HOH HOH A . 
D 4 HOH 204 504 202 HOH HOH A . 
D 4 HOH 205 505 38  HOH HOH A . 
D 4 HOH 206 506 26  HOH HOH A . 
D 4 HOH 207 507 138 HOH HOH A . 
D 4 HOH 208 508 131 HOH HOH A . 
D 4 HOH 209 509 166 HOH HOH A . 
D 4 HOH 210 510 196 HOH HOH A . 
D 4 HOH 211 511 146 HOH HOH A . 
D 4 HOH 212 512 249 HOH HOH A . 
D 4 HOH 213 513 96  HOH HOH A . 
D 4 HOH 214 514 101 HOH HOH A . 
D 4 HOH 215 515 206 HOH HOH A . 
D 4 HOH 216 516 177 HOH HOH A . 
D 4 HOH 217 517 174 HOH HOH A . 
D 4 HOH 218 518 135 HOH HOH A . 
D 4 HOH 219 519 40  HOH HOH A . 
D 4 HOH 220 520 198 HOH HOH A . 
D 4 HOH 221 521 213 HOH HOH A . 
D 4 HOH 222 522 188 HOH HOH A . 
# 
loop_
_software.citation_id 
_software.classification 
_software.compiler_name 
_software.compiler_version 
_software.contact_author 
_software.contact_author_email 
_software.date 
_software.description 
_software.dependencies 
_software.hardware 
_software.language 
_software.location 
_software.mods 
_software.name 
_software.os 
_software.os_version 
_software.type 
_software.version 
_software.pdbx_ordinal 
? refinement       ? ? ? ? ? ? ? ? ? ? ? REFMAC  ? ? ? 5.8.0135 1 
? 'data reduction' ? ? ? ? ? ? ? ? ? ? ? iMOSFLM ? ? ? .        2 
? 'data scaling'   ? ? ? ? ? ? ? ? ? ? ? Aimless ? ? ? .        3 
? phasing          ? ? ? ? ? ? ? ? ? ? ? PHASER  ? ? ? .        4 
# 
_cell.entry_id           5T7S 
_cell.length_a           47.610 
_cell.length_b           50.400 
_cell.length_c           69.730 
_cell.angle_alpha        90.00 
_cell.angle_beta         90.00 
_cell.angle_gamma        90.00 
_cell.Z_PDB              4 
_cell.pdbx_unique_axis   ? 
# 
_symmetry.entry_id                         5T7S 
_symmetry.space_group_name_H-M             'P 21 21 21' 
_symmetry.pdbx_full_space_group_name_H-M   ? 
_symmetry.cell_setting                     ? 
_symmetry.Int_Tables_number                19 
# 
_exptl.absorpt_coefficient_mu     ? 
_exptl.absorpt_correction_T_max   ? 
_exptl.absorpt_correction_T_min   ? 
_exptl.absorpt_correction_type    ? 
_exptl.absorpt_process_details    ? 
_exptl.entry_id                   5T7S 
_exptl.crystals_number            1 
_exptl.details                    ? 
_exptl.method                     'X-RAY DIFFRACTION' 
_exptl.method_details             ? 
# 
_exptl_crystal.colour                      ? 
_exptl_crystal.density_diffrn              ? 
_exptl_crystal.density_Matthews            2.38 
_exptl_crystal.density_method              ? 
_exptl_crystal.density_percent_sol         48.29 
_exptl_crystal.description                 ? 
_exptl_crystal.F_000                       ? 
_exptl_crystal.id                          1 
_exptl_crystal.preparation                 ? 
_exptl_crystal.size_max                    ? 
_exptl_crystal.size_mid                    ? 
_exptl_crystal.size_min                    ? 
_exptl_crystal.size_rad                    ? 
_exptl_crystal.colour_lustre               ? 
_exptl_crystal.colour_modifier             ? 
_exptl_crystal.colour_primary              ? 
_exptl_crystal.density_meas                ? 
_exptl_crystal.density_meas_esd            ? 
_exptl_crystal.density_meas_gt             ? 
_exptl_crystal.density_meas_lt             ? 
_exptl_crystal.density_meas_temp           ? 
_exptl_crystal.density_meas_temp_esd       ? 
_exptl_crystal.density_meas_temp_gt        ? 
_exptl_crystal.density_meas_temp_lt        ? 
_exptl_crystal.pdbx_crystal_image_url      ? 
_exptl_crystal.pdbx_crystal_image_format   ? 
_exptl_crystal.pdbx_mosaicity              ? 
_exptl_crystal.pdbx_mosaicity_esd          ? 
# 
_exptl_crystal_grow.apparatus       ? 
_exptl_crystal_grow.atmosphere      ? 
_exptl_crystal_grow.crystal_id      1 
_exptl_crystal_grow.details         ? 
_exptl_crystal_grow.method          'VAPOR DIFFUSION, HANGING DROP' 
_exptl_crystal_grow.method_ref      ? 
_exptl_crystal_grow.pH              ? 
_exptl_crystal_grow.pressure        ? 
_exptl_crystal_grow.pressure_esd    ? 
_exptl_crystal_grow.seeding         ? 
_exptl_crystal_grow.seeding_ref     ? 
_exptl_crystal_grow.temp            293 
_exptl_crystal_grow.temp_details    ? 
_exptl_crystal_grow.temp_esd        ? 
_exptl_crystal_grow.time            ? 
_exptl_crystal_grow.pdbx_details    
'10 mM sodium phosphate, 137 mM sodium chloride, 2.7 mM potassium chloride, 1.8 mM potassium phosphate' 
_exptl_crystal_grow.pdbx_pH_range   ? 
# 
_diffrn.ambient_environment    ? 
_diffrn.ambient_temp           100 
_diffrn.ambient_temp_details   ? 
_diffrn.ambient_temp_esd       ? 
_diffrn.crystal_id             1 
_diffrn.crystal_support        ? 
_diffrn.crystal_treatment      ? 
_diffrn.details                ? 
_diffrn.id                     1 
_diffrn.ambient_pressure       ? 
_diffrn.ambient_pressure_esd   ? 
_diffrn.ambient_pressure_gt    ? 
_diffrn.ambient_pressure_lt    ? 
_diffrn.ambient_temp_gt        ? 
_diffrn.ambient_temp_lt        ? 
# 
_diffrn_detector.details                      ? 
_diffrn_detector.detector                     CCD 
_diffrn_detector.diffrn_id                    1 
_diffrn_detector.type                         'ADSC QUANTUM 210r' 
_diffrn_detector.area_resol_mean              ? 
_diffrn_detector.dtime                        ? 
_diffrn_detector.pdbx_frames_total            ? 
_diffrn_detector.pdbx_collection_time_total   ? 
_diffrn_detector.pdbx_collection_date         2015-10-15 
# 
_diffrn_radiation.collimation                      ? 
_diffrn_radiation.diffrn_id                        1 
_diffrn_radiation.filter_edge                      ? 
_diffrn_radiation.inhomogeneity                    ? 
_diffrn_radiation.monochromator                    ? 
_diffrn_radiation.polarisn_norm                    ? 
_diffrn_radiation.polarisn_ratio                   ? 
_diffrn_radiation.probe                            ? 
_diffrn_radiation.type                             ? 
_diffrn_radiation.xray_symbol                      ? 
_diffrn_radiation.wavelength_id                    1 
_diffrn_radiation.pdbx_monochromatic_or_laue_m_l   M 
_diffrn_radiation.pdbx_wavelength_list             ? 
_diffrn_radiation.pdbx_wavelength                  ? 
_diffrn_radiation.pdbx_diffrn_protocol             'SINGLE WAVELENGTH' 
_diffrn_radiation.pdbx_analyzer                    ? 
_diffrn_radiation.pdbx_scattering_type             x-ray 
# 
_diffrn_radiation_wavelength.id           1 
_diffrn_radiation_wavelength.wavelength   0.9537 
_diffrn_radiation_wavelength.wt           1.0 
# 
_diffrn_source.current                     ? 
_diffrn_source.details                     ? 
_diffrn_source.diffrn_id                   1 
_diffrn_source.power                       ? 
_diffrn_source.size                        ? 
_diffrn_source.source                      SYNCHROTRON 
_diffrn_source.target                      ? 
_diffrn_source.type                        'AUSTRALIAN SYNCHROTRON BEAMLINE MX1' 
_diffrn_source.voltage                     ? 
_diffrn_source.take-off_angle              ? 
_diffrn_source.pdbx_wavelength_list        0.9537 
_diffrn_source.pdbx_wavelength             ? 
_diffrn_source.pdbx_synchrotron_beamline   MX1 
_diffrn_source.pdbx_synchrotron_site       'Australian Synchrotron' 
# 
_reflns.B_iso_Wilson_estimate            ? 
_reflns.entry_id                         5T7S 
_reflns.data_reduction_details           ? 
_reflns.data_reduction_method            ? 
_reflns.d_resolution_high                1.90 
_reflns.d_resolution_low                 40.85 
_reflns.details                          ? 
_reflns.limit_h_max                      ? 
_reflns.limit_h_min                      ? 
_reflns.limit_k_max                      ? 
_reflns.limit_k_min                      ? 
_reflns.limit_l_max                      ? 
_reflns.limit_l_min                      ? 
_reflns.number_all                       ? 
_reflns.number_obs                       13910 
_reflns.observed_criterion               ? 
_reflns.observed_criterion_F_max         ? 
_reflns.observed_criterion_F_min         ? 
_reflns.observed_criterion_I_max         ? 
_reflns.observed_criterion_I_min         ? 
_reflns.observed_criterion_sigma_F       ? 
_reflns.observed_criterion_sigma_I       ? 
_reflns.percent_possible_obs             100 
_reflns.R_free_details                   ? 
_reflns.Rmerge_F_all                     ? 
_reflns.Rmerge_F_obs                     ? 
_reflns.Friedel_coverage                 ? 
_reflns.number_gt                        ? 
_reflns.threshold_expression             ? 
_reflns.pdbx_redundancy                  8.6 
_reflns.pdbx_Rmerge_I_obs                0.059 
_reflns.pdbx_Rmerge_I_all                ? 
_reflns.pdbx_Rsym_value                  ? 
_reflns.pdbx_netI_over_av_sigmaI         ? 
_reflns.pdbx_netI_over_sigmaI            24.0 
_reflns.pdbx_res_netI_over_av_sigmaI_2   ? 
_reflns.pdbx_res_netI_over_sigmaI_2      ? 
_reflns.pdbx_chi_squared                 ? 
_reflns.pdbx_scaling_rejects             ? 
_reflns.pdbx_d_res_high_opt              ? 
_reflns.pdbx_d_res_low_opt               ? 
_reflns.pdbx_d_res_opt_method            ? 
_reflns.phase_calculation_details        ? 
_reflns.pdbx_Rrim_I_all                  ? 
_reflns.pdbx_Rpim_I_all                  ? 
_reflns.pdbx_d_opt                       ? 
_reflns.pdbx_number_measured_all         ? 
_reflns.pdbx_diffrn_id                   1 
_reflns.pdbx_ordinal                     1 
_reflns.pdbx_CC_half                     ? 
_reflns.pdbx_R_split                     ? 
# 
_reflns_shell.d_res_high                  . 
_reflns_shell.d_res_low                   ? 
_reflns_shell.meanI_over_sigI_all         ? 
_reflns_shell.meanI_over_sigI_obs         ? 
_reflns_shell.number_measured_all         ? 
_reflns_shell.number_measured_obs         ? 
_reflns_shell.number_possible             ? 
_reflns_shell.number_unique_all           ? 
_reflns_shell.number_unique_obs           ? 
_reflns_shell.percent_possible_all        ? 
_reflns_shell.percent_possible_obs        ? 
_reflns_shell.Rmerge_F_all                ? 
_reflns_shell.Rmerge_F_obs                ? 
_reflns_shell.Rmerge_I_all                ? 
_reflns_shell.Rmerge_I_obs                ? 
_reflns_shell.meanI_over_sigI_gt          ? 
_reflns_shell.meanI_over_uI_all           ? 
_reflns_shell.meanI_over_uI_gt            ? 
_reflns_shell.number_measured_gt          ? 
_reflns_shell.number_unique_gt            ? 
_reflns_shell.percent_possible_gt         ? 
_reflns_shell.Rmerge_F_gt                 ? 
_reflns_shell.Rmerge_I_gt                 ? 
_reflns_shell.pdbx_redundancy             ? 
_reflns_shell.pdbx_Rsym_value             ? 
_reflns_shell.pdbx_chi_squared            ? 
_reflns_shell.pdbx_netI_over_sigmaI_all   ? 
_reflns_shell.pdbx_netI_over_sigmaI_obs   ? 
_reflns_shell.pdbx_Rrim_I_all             ? 
_reflns_shell.pdbx_Rpim_I_all             ? 
_reflns_shell.pdbx_rejects                ? 
_reflns_shell.pdbx_ordinal                1 
_reflns_shell.pdbx_diffrn_id              1 
_reflns_shell.pdbx_CC_half                ? 
_reflns_shell.pdbx_R_split                ? 
# 
_refine.pdbx_refine_id                           'X-RAY DIFFRACTION' 
_refine.entry_id                                 5T7S 
_refine.pdbx_diffrn_id                           1 
_refine.pdbx_TLS_residual_ADP_flag               ? 
_refine.ls_number_reflns_obs                     13198 
_refine.ls_number_reflns_all                     ? 
_refine.pdbx_ls_sigma_I                          ? 
_refine.pdbx_ls_sigma_F                          ? 
_refine.pdbx_data_cutoff_high_absF               ? 
_refine.pdbx_data_cutoff_low_absF                ? 
_refine.pdbx_data_cutoff_high_rms_absF           ? 
_refine.ls_d_res_low                             40.85 
_refine.ls_d_res_high                            1.90 
_refine.ls_percent_reflns_obs                    99.97 
_refine.ls_R_factor_obs                          0.15213 
_refine.ls_R_factor_all                          ? 
_refine.ls_R_factor_R_work                       0.15069 
_refine.ls_R_factor_R_free                       0.17962 
_refine.ls_R_factor_R_free_error                 ? 
_refine.ls_R_factor_R_free_error_details         ? 
_refine.ls_percent_reflns_R_free                 4.8 
_refine.ls_number_reflns_R_free                  670 
_refine.ls_number_parameters                     ? 
_refine.ls_number_restraints                     ? 
_refine.occupancy_min                            ? 
_refine.occupancy_max                            ? 
_refine.correlation_coeff_Fo_to_Fc               0.961 
_refine.correlation_coeff_Fo_to_Fc_free          0.952 
_refine.B_iso_mean                               16.843 
_refine.aniso_B[1][1]                            -0.02 
_refine.aniso_B[2][2]                            -0.01 
_refine.aniso_B[3][3]                            0.03 
_refine.aniso_B[1][2]                            -0.00 
_refine.aniso_B[1][3]                            -0.00 
_refine.aniso_B[2][3]                            0.00 
_refine.solvent_model_details                    MASK 
_refine.solvent_model_param_ksol                 ? 
_refine.solvent_model_param_bsol                 ? 
_refine.pdbx_solvent_vdw_probe_radii             1.00 
_refine.pdbx_solvent_ion_probe_radii             0.80 
_refine.pdbx_solvent_shrinkage_radii             0.80 
_refine.pdbx_ls_cross_valid_method               THROUGHOUT 
_refine.details                                  'HYDROGENS HAVE BEEN ADDED IN THE RIDING POSITIONS' 
_refine.pdbx_starting_model                      3AP5 
_refine.pdbx_method_to_determine_struct          'MOLECULAR REPLACEMENT' 
_refine.pdbx_isotropic_thermal_model             ? 
_refine.pdbx_stereochemistry_target_values       'MAXIMUM LIKELIHOOD' 
_refine.pdbx_stereochem_target_val_spec_case     ? 
_refine.pdbx_R_Free_selection_details            RANDOM 
_refine.pdbx_overall_ESU_R                       0.127 
_refine.pdbx_overall_ESU_R_Free                  0.114 
_refine.overall_SU_ML                            0.073 
_refine.pdbx_overall_phase_error                 ? 
_refine.overall_SU_B                             2.462 
_refine.overall_SU_R_Cruickshank_DPI             ? 
_refine.pdbx_overall_SU_R_free_Cruickshank_DPI   ? 
_refine.pdbx_overall_SU_R_Blow_DPI               ? 
_refine.pdbx_overall_SU_R_free_Blow_DPI          ? 
# 
_refine_hist.pdbx_refine_id                   'X-RAY DIFFRACTION' 
_refine_hist.cycle_id                         1 
_refine_hist.pdbx_number_atoms_protein        1178 
_refine_hist.pdbx_number_atoms_nucleic_acid   0 
_refine_hist.pdbx_number_atoms_ligand         29 
_refine_hist.number_atoms_solvent             222 
_refine_hist.number_atoms_total               1429 
_refine_hist.d_res_high                       1.90 
_refine_hist.d_res_low                        40.85 
# 
loop_
_refine_ls_restr.type 
_refine_ls_restr.dev_ideal 
_refine_ls_restr.dev_ideal_target 
_refine_ls_restr.weight 
_refine_ls_restr.number 
_refine_ls_restr.pdbx_refine_id 
_refine_ls_restr.pdbx_restraint_function 
r_bond_refined_d             0.007  0.019  ? 1242 'X-RAY DIFFRACTION' ? 
r_bond_other_d               0.002  0.020  ? 1206 'X-RAY DIFFRACTION' ? 
r_angle_refined_deg          1.254  1.976  ? 1682 'X-RAY DIFFRACTION' ? 
r_angle_other_deg            0.808  3.000  ? 2780 'X-RAY DIFFRACTION' ? 
r_dihedral_angle_1_deg       6.619  5.000  ? 148  'X-RAY DIFFRACTION' ? 
r_dihedral_angle_2_deg       30.369 23.571 ? 56   'X-RAY DIFFRACTION' ? 
r_dihedral_angle_3_deg       10.789 15.000 ? 206  'X-RAY DIFFRACTION' ? 
r_dihedral_angle_4_deg       14.785 15.000 ? 8    'X-RAY DIFFRACTION' ? 
r_chiral_restr               0.075  0.200  ? 193  'X-RAY DIFFRACTION' ? 
r_gen_planes_refined         0.004  0.021  ? 1354 'X-RAY DIFFRACTION' ? 
r_gen_planes_other           0.001  0.020  ? 288  'X-RAY DIFFRACTION' ? 
r_nbd_refined                ?      ?      ? ?    'X-RAY DIFFRACTION' ? 
r_nbd_other                  ?      ?      ? ?    'X-RAY DIFFRACTION' ? 
r_nbtor_refined              ?      ?      ? ?    'X-RAY DIFFRACTION' ? 
r_nbtor_other                ?      ?      ? ?    'X-RAY DIFFRACTION' ? 
r_xyhbond_nbd_refined        ?      ?      ? ?    'X-RAY DIFFRACTION' ? 
r_xyhbond_nbd_other          ?      ?      ? ?    'X-RAY DIFFRACTION' ? 
r_metal_ion_refined          ?      ?      ? ?    'X-RAY DIFFRACTION' ? 
r_metal_ion_other            ?      ?      ? ?    'X-RAY DIFFRACTION' ? 
r_symmetry_vdw_refined       ?      ?      ? ?    'X-RAY DIFFRACTION' ? 
r_symmetry_vdw_other         ?      ?      ? ?    'X-RAY DIFFRACTION' ? 
r_symmetry_hbond_refined     ?      ?      ? ?    'X-RAY DIFFRACTION' ? 
r_symmetry_hbond_other       ?      ?      ? ?    'X-RAY DIFFRACTION' ? 
r_symmetry_metal_ion_refined ?      ?      ? ?    'X-RAY DIFFRACTION' ? 
r_symmetry_metal_ion_other   ?      ?      ? ?    'X-RAY DIFFRACTION' ? 
r_mcbond_it                  1.857  1.263  ? 589  'X-RAY DIFFRACTION' ? 
r_mcbond_other               1.831  1.258  ? 588  'X-RAY DIFFRACTION' ? 
r_mcangle_it                 2.477  1.877  ? 735  'X-RAY DIFFRACTION' ? 
r_mcangle_other              2.488  1.881  ? 736  'X-RAY DIFFRACTION' ? 
r_scbond_it                  3.646  1.684  ? 653  'X-RAY DIFFRACTION' ? 
r_scbond_other               3.595  1.685  ? 653  'X-RAY DIFFRACTION' ? 
r_scangle_it                 ?      ?      ? ?    'X-RAY DIFFRACTION' ? 
r_scangle_other              5.672  2.351  ? 947  'X-RAY DIFFRACTION' ? 
r_long_range_B_refined       8.321  13.103 ? 1488 'X-RAY DIFFRACTION' ? 
r_long_range_B_other         8.340  13.112 ? 1489 'X-RAY DIFFRACTION' ? 
r_rigid_bond_restr           ?      ?      ? ?    'X-RAY DIFFRACTION' ? 
r_sphericity_free            ?      ?      ? ?    'X-RAY DIFFRACTION' ? 
r_sphericity_bonded          ?      ?      ? ?    'X-RAY DIFFRACTION' ? 
# 
_refine_ls_shell.pdbx_refine_id                   'X-RAY DIFFRACTION' 
_refine_ls_shell.pdbx_total_number_of_bins_used   20 
_refine_ls_shell.d_res_high                       1.895 
_refine_ls_shell.d_res_low                        1.944 
_refine_ls_shell.number_reflns_R_work             966 
_refine_ls_shell.R_factor_R_work                  0.156 
_refine_ls_shell.percent_reflns_obs               100.00 
_refine_ls_shell.R_factor_R_free                  0.193 
_refine_ls_shell.R_factor_R_free_error            ? 
_refine_ls_shell.percent_reflns_R_free            ? 
_refine_ls_shell.number_reflns_R_free             47 
_refine_ls_shell.number_reflns_all                ? 
_refine_ls_shell.R_factor_all                     ? 
# 
_struct.entry_id                     5T7S 
_struct.title                        'Crystal structure of galectin-8N in complex with Lactose' 
_struct.pdbx_model_details           ? 
_struct.pdbx_formula_weight          ? 
_struct.pdbx_formula_weight_method   ? 
_struct.pdbx_model_type_details      ? 
_struct.pdbx_CASP_flag               N 
# 
_struct_keywords.entry_id        5T7S 
_struct_keywords.text            'carbohydrate-binding protein, galectin-8 lectin, SUGAR BINDING PROTEIN' 
_struct_keywords.pdbx_keywords   'SUGAR BINDING PROTEIN' 
# 
loop_
_struct_asym.id 
_struct_asym.pdbx_blank_PDB_chainid_flag 
_struct_asym.pdbx_modified 
_struct_asym.entity_id 
_struct_asym.details 
A N N 1 ? 
B N N 2 ? 
C N N 3 ? 
D N N 4 ? 
# 
_struct_ref.id                         1 
_struct_ref.db_name                    UNP 
_struct_ref.db_code                    LEG8_HUMAN 
_struct_ref.pdbx_db_accession          O00214 
_struct_ref.pdbx_db_isoform            ? 
_struct_ref.entity_id                  1 
_struct_ref.pdbx_seq_one_letter_code   
;MMLSLNNLQNIIYNPVIPFVGTIPDQLDPGTLIVIRGHVPSDADRFQVDLQNGSSMKPRADVAFHFNPRFKRAGCIVCNT
LINEKWGREEITYDTPFKREKSFEIVIMVLKDKFQVAVNGKHTLLYGHRIGPEKIDTLGIYGKVNIHSIGFSFSS
;
_struct_ref.pdbx_align_begin           1 
# 
_struct_ref_seq.align_id                      1 
_struct_ref_seq.ref_id                        1 
_struct_ref_seq.pdbx_PDB_id_code              5T7S 
_struct_ref_seq.pdbx_strand_id                A 
_struct_ref_seq.seq_align_beg                 1 
_struct_ref_seq.pdbx_seq_align_beg_ins_code   ? 
_struct_ref_seq.seq_align_end                 155 
_struct_ref_seq.pdbx_seq_align_end_ins_code   ? 
_struct_ref_seq.pdbx_db_accession             O00214 
_struct_ref_seq.db_align_beg                  1 
_struct_ref_seq.pdbx_db_align_beg_ins_code    ? 
_struct_ref_seq.db_align_end                  155 
_struct_ref_seq.pdbx_db_align_end_ins_code    ? 
_struct_ref_seq.pdbx_auth_seq_align_beg       1 
_struct_ref_seq.pdbx_auth_seq_align_end       155 
# 
_struct_ref_seq_dif.align_id                     1 
_struct_ref_seq_dif.pdbx_pdb_id_code             5T7S 
_struct_ref_seq_dif.mon_id                       VAL 
_struct_ref_seq_dif.pdbx_pdb_strand_id           A 
_struct_ref_seq_dif.seq_num                      56 
_struct_ref_seq_dif.pdbx_pdb_ins_code            ? 
_struct_ref_seq_dif.pdbx_seq_db_name             UNP 
_struct_ref_seq_dif.pdbx_seq_db_accession_code   O00214 
_struct_ref_seq_dif.db_mon_id                    MET 
_struct_ref_seq_dif.pdbx_seq_db_seq_num          56 
_struct_ref_seq_dif.details                      'engineered mutation' 
_struct_ref_seq_dif.pdbx_auth_seq_num            56 
_struct_ref_seq_dif.pdbx_ordinal                 1 
# 
_pdbx_struct_assembly.id                   1 
_pdbx_struct_assembly.details              author_and_software_defined_assembly 
_pdbx_struct_assembly.method_details       PISA 
_pdbx_struct_assembly.oligomeric_details   monomeric 
_pdbx_struct_assembly.oligomeric_count     1 
# 
_pdbx_struct_assembly_gen.assembly_id       1 
_pdbx_struct_assembly_gen.oper_expression   1 
_pdbx_struct_assembly_gen.asym_id_list      A,B,C,D 
# 
_pdbx_struct_oper_list.id                   1 
_pdbx_struct_oper_list.type                 'identity operation' 
_pdbx_struct_oper_list.name                 1_555 
_pdbx_struct_oper_list.symmetry_operation   x,y,z 
_pdbx_struct_oper_list.matrix[1][1]         1.0000000000 
_pdbx_struct_oper_list.matrix[1][2]         0.0000000000 
_pdbx_struct_oper_list.matrix[1][3]         0.0000000000 
_pdbx_struct_oper_list.vector[1]            0.0000000000 
_pdbx_struct_oper_list.matrix[2][1]         0.0000000000 
_pdbx_struct_oper_list.matrix[2][2]         1.0000000000 
_pdbx_struct_oper_list.matrix[2][3]         0.0000000000 
_pdbx_struct_oper_list.vector[2]            0.0000000000 
_pdbx_struct_oper_list.matrix[3][1]         0.0000000000 
_pdbx_struct_oper_list.matrix[3][2]         0.0000000000 
_pdbx_struct_oper_list.matrix[3][3]         1.0000000000 
_pdbx_struct_oper_list.vector[3]            0.0000000000 
# 
_struct_conf.conf_type_id            HELX_P 
_struct_conf.id                      HELX_P1 
_struct_conf.pdbx_PDB_helix_id       AA1 
_struct_conf.beg_label_comp_id       GLY 
_struct_conf.beg_label_asym_id       A 
_struct_conf.beg_label_seq_id        131 
_struct_conf.pdbx_beg_PDB_ins_code   ? 
_struct_conf.end_label_comp_id       ILE 
_struct_conf.end_label_asym_id       A 
_struct_conf.end_label_seq_id        135 
_struct_conf.pdbx_end_PDB_ins_code   ? 
_struct_conf.beg_auth_comp_id        GLY 
_struct_conf.beg_auth_asym_id        A 
_struct_conf.beg_auth_seq_id         131 
_struct_conf.end_auth_comp_id        ILE 
_struct_conf.end_auth_asym_id        A 
_struct_conf.end_auth_seq_id         135 
_struct_conf.pdbx_PDB_helix_class    5 
_struct_conf.details                 ? 
_struct_conf.pdbx_PDB_helix_length   5 
# 
_struct_conf_type.id          HELX_P 
_struct_conf_type.criteria    ? 
_struct_conf_type.reference   ? 
# 
loop_
_struct_conn.id 
_struct_conn.conn_type_id 
_struct_conn.pdbx_leaving_atom_flag 
_struct_conn.pdbx_PDB_id 
_struct_conn.ptnr1_label_asym_id 
_struct_conn.ptnr1_label_comp_id 
_struct_conn.ptnr1_label_seq_id 
_struct_conn.ptnr1_label_atom_id 
_struct_conn.pdbx_ptnr1_label_alt_id 
_struct_conn.pdbx_ptnr1_PDB_ins_code 
_struct_conn.pdbx_ptnr1_standard_comp_id 
_struct_conn.ptnr1_symmetry 
_struct_conn.ptnr2_label_asym_id 
_struct_conn.ptnr2_label_comp_id 
_struct_conn.ptnr2_label_seq_id 
_struct_conn.ptnr2_label_atom_id 
_struct_conn.pdbx_ptnr2_label_alt_id 
_struct_conn.pdbx_ptnr2_PDB_ins_code 
_struct_conn.ptnr1_auth_asym_id 
_struct_conn.ptnr1_auth_comp_id 
_struct_conn.ptnr1_auth_seq_id 
_struct_conn.ptnr2_auth_asym_id 
_struct_conn.ptnr2_auth_comp_id 
_struct_conn.ptnr2_auth_seq_id 
_struct_conn.ptnr2_symmetry 
_struct_conn.pdbx_ptnr3_label_atom_id 
_struct_conn.pdbx_ptnr3_label_seq_id 
_struct_conn.pdbx_ptnr3_label_comp_id 
_struct_conn.pdbx_ptnr3_label_asym_id 
_struct_conn.pdbx_ptnr3_label_alt_id 
_struct_conn.pdbx_ptnr3_PDB_ins_code 
_struct_conn.details 
_struct_conn.pdbx_dist_value 
_struct_conn.pdbx_value_order 
_struct_conn.pdbx_role 
covale1 covale both ? A GLY 74 C  ? ? ? 1_555 A CME 75 N  ? ? A GLY 74 A CME 75 1_555 ? ? ? ? ? ? ? 1.328 ?    ? 
covale2 covale both ? A CME 75 C  ? ? ? 1_555 A ILE 76 N  ? ? A CME 75 A ILE 76 1_555 ? ? ? ? ? ? ? 1.328 ?    ? 
covale3 covale both ? B GLC .  O4 ? ? ? 1_555 B GAL .  C1 ? ? B GLC 1  B GAL 2  1_555 ? ? ? ? ? ? ? 1.431 sing ? 
# 
_struct_conn_type.id          covale 
_struct_conn_type.criteria    ? 
_struct_conn_type.reference   ? 
# 
_pdbx_modification_feature.ordinal                            1 
_pdbx_modification_feature.label_comp_id                      CME 
_pdbx_modification_feature.label_asym_id                      A 
_pdbx_modification_feature.label_seq_id                       75 
_pdbx_modification_feature.label_alt_id                       ? 
_pdbx_modification_feature.modified_residue_label_comp_id     . 
_pdbx_modification_feature.modified_residue_label_asym_id     . 
_pdbx_modification_feature.modified_residue_label_seq_id      . 
_pdbx_modification_feature.modified_residue_label_alt_id      . 
_pdbx_modification_feature.auth_comp_id                       CME 
_pdbx_modification_feature.auth_asym_id                       A 
_pdbx_modification_feature.auth_seq_id                        75 
_pdbx_modification_feature.PDB_ins_code                       ? 
_pdbx_modification_feature.symmetry                           1_555 
_pdbx_modification_feature.modified_residue_auth_comp_id      . 
_pdbx_modification_feature.modified_residue_auth_asym_id      . 
_pdbx_modification_feature.modified_residue_auth_seq_id       . 
_pdbx_modification_feature.modified_residue_PDB_ins_code      . 
_pdbx_modification_feature.modified_residue_symmetry          . 
_pdbx_modification_feature.comp_id_linking_atom               . 
_pdbx_modification_feature.modified_residue_id_linking_atom   . 
_pdbx_modification_feature.modified_residue_id                CYS 
_pdbx_modification_feature.ref_pcm_id                         1 
_pdbx_modification_feature.ref_comp_id                        CME 
_pdbx_modification_feature.type                               Beta-mercaptoethanol 
_pdbx_modification_feature.category                           'Named protein modification' 
# 
loop_
_struct_mon_prot_cis.pdbx_id 
_struct_mon_prot_cis.label_comp_id 
_struct_mon_prot_cis.label_seq_id 
_struct_mon_prot_cis.label_asym_id 
_struct_mon_prot_cis.label_alt_id 
_struct_mon_prot_cis.pdbx_PDB_ins_code 
_struct_mon_prot_cis.auth_comp_id 
_struct_mon_prot_cis.auth_seq_id 
_struct_mon_prot_cis.auth_asym_id 
_struct_mon_prot_cis.pdbx_label_comp_id_2 
_struct_mon_prot_cis.pdbx_label_seq_id_2 
_struct_mon_prot_cis.pdbx_label_asym_id_2 
_struct_mon_prot_cis.pdbx_PDB_ins_code_2 
_struct_mon_prot_cis.pdbx_auth_comp_id_2 
_struct_mon_prot_cis.pdbx_auth_seq_id_2 
_struct_mon_prot_cis.pdbx_auth_asym_id_2 
_struct_mon_prot_cis.pdbx_PDB_model_num 
_struct_mon_prot_cis.pdbx_omega_angle 
1 ILE 17 A . ? ILE 17 A PRO 18 A ? PRO 18 A 1 8.72  
2 LYS 57 A . ? LYS 57 A PRO 58 A ? PRO 58 A 1 -6.85 
# 
loop_
_struct_sheet.id 
_struct_sheet.type 
_struct_sheet.number_strands 
_struct_sheet.details 
AA1 ? 6 ? 
AA2 ? 6 ? 
AA3 ? 6 ? 
# 
loop_
_struct_sheet_order.sheet_id 
_struct_sheet_order.range_id_1 
_struct_sheet_order.range_id_2 
_struct_sheet_order.offset 
_struct_sheet_order.sense 
AA1 1 2 ? anti-parallel 
AA1 2 3 ? anti-parallel 
AA1 3 4 ? anti-parallel 
AA1 4 5 ? anti-parallel 
AA1 5 6 ? anti-parallel 
AA2 1 2 ? anti-parallel 
AA2 2 3 ? anti-parallel 
AA2 3 4 ? anti-parallel 
AA2 4 5 ? anti-parallel 
AA2 5 6 ? anti-parallel 
AA3 1 2 ? anti-parallel 
AA3 2 3 ? anti-parallel 
AA3 3 4 ? anti-parallel 
AA3 4 5 ? anti-parallel 
AA3 5 6 ? anti-parallel 
# 
loop_
_struct_sheet_range.sheet_id 
_struct_sheet_range.id 
_struct_sheet_range.beg_label_comp_id 
_struct_sheet_range.beg_label_asym_id 
_struct_sheet_range.beg_label_seq_id 
_struct_sheet_range.pdbx_beg_PDB_ins_code 
_struct_sheet_range.end_label_comp_id 
_struct_sheet_range.end_label_asym_id 
_struct_sheet_range.end_label_seq_id 
_struct_sheet_range.pdbx_end_PDB_ins_code 
_struct_sheet_range.beg_auth_comp_id 
_struct_sheet_range.beg_auth_asym_id 
_struct_sheet_range.beg_auth_seq_id 
_struct_sheet_range.end_auth_comp_id 
_struct_sheet_range.end_auth_asym_id 
_struct_sheet_range.end_auth_seq_id 
AA1 1 GLN A 9   ? TYR A 13  ? GLN A 9   TYR A 13  
AA1 2 ASN A 145 ? SER A 152 ? ASN A 145 SER A 152 
AA1 3 LEU A 32  ? HIS A 38  ? LEU A 32  HIS A 38  
AA1 4 SER A 102 ? VAL A 109 ? SER A 102 VAL A 109 
AA1 5 LYS A 113 ? VAL A 118 ? LYS A 113 VAL A 118 
AA1 6 LYS A 121 ? GLY A 127 ? LYS A 121 GLY A 127 
AA2 1 PHE A 19  ? THR A 22  ? PHE A 19  THR A 22  
AA2 2 THR A 137 ? GLY A 142 ? THR A 137 GLY A 142 
AA2 3 PHE A 46  ? ASN A 52  ? PHE A 46  ASN A 52  
AA2 4 ASP A 61  ? ARG A 69  ? ASP A 61  ARG A 69  
AA2 5 CME A 75  ? ILE A 82  ? CME A 75  ILE A 82  
AA2 6 LYS A 85  ? TRP A 86  ? LYS A 85  TRP A 86  
AA3 1 PHE A 19  ? THR A 22  ? PHE A 19  THR A 22  
AA3 2 THR A 137 ? GLY A 142 ? THR A 137 GLY A 142 
AA3 3 PHE A 46  ? ASN A 52  ? PHE A 46  ASN A 52  
AA3 4 ASP A 61  ? ARG A 69  ? ASP A 61  ARG A 69  
AA3 5 CME A 75  ? ILE A 82  ? CME A 75  ILE A 82  
AA3 6 GLU A 90  ? THR A 92  ? GLU A 90  THR A 92  
# 
loop_
_pdbx_struct_sheet_hbond.sheet_id 
_pdbx_struct_sheet_hbond.range_id_1 
_pdbx_struct_sheet_hbond.range_id_2 
_pdbx_struct_sheet_hbond.range_1_label_atom_id 
_pdbx_struct_sheet_hbond.range_1_label_comp_id 
_pdbx_struct_sheet_hbond.range_1_label_asym_id 
_pdbx_struct_sheet_hbond.range_1_label_seq_id 
_pdbx_struct_sheet_hbond.range_1_PDB_ins_code 
_pdbx_struct_sheet_hbond.range_1_auth_atom_id 
_pdbx_struct_sheet_hbond.range_1_auth_comp_id 
_pdbx_struct_sheet_hbond.range_1_auth_asym_id 
_pdbx_struct_sheet_hbond.range_1_auth_seq_id 
_pdbx_struct_sheet_hbond.range_2_label_atom_id 
_pdbx_struct_sheet_hbond.range_2_label_comp_id 
_pdbx_struct_sheet_hbond.range_2_label_asym_id 
_pdbx_struct_sheet_hbond.range_2_label_seq_id 
_pdbx_struct_sheet_hbond.range_2_PDB_ins_code 
_pdbx_struct_sheet_hbond.range_2_auth_atom_id 
_pdbx_struct_sheet_hbond.range_2_auth_comp_id 
_pdbx_struct_sheet_hbond.range_2_auth_asym_id 
_pdbx_struct_sheet_hbond.range_2_auth_seq_id 
AA1 1 2 N GLN A 9   ? N GLN A 9   O PHE A 151 ? O PHE A 151 
AA1 2 3 O GLY A 150 ? O GLY A 150 N VAL A 34  ? N VAL A 34  
AA1 3 4 N ILE A 35  ? N ILE A 35  O ILE A 105 ? O ILE A 105 
AA1 4 5 N MET A 108 ? N MET A 108 O GLN A 115 ? O GLN A 115 
AA1 5 6 N PHE A 114 ? N PHE A 114 O TYR A 126 ? O TYR A 126 
AA2 1 2 N GLY A 21  ? N GLY A 21  O LEU A 138 ? O LEU A 138 
AA2 2 3 O GLY A 139 ? O GLY A 139 N ASP A 49  ? N ASP A 49  
AA2 3 4 N LEU A 50  ? N LEU A 50  O PHE A 64  ? O PHE A 64  
AA2 4 5 N ARG A 69  ? N ARG A 69  O CME A 75  ? O CME A 75  
AA2 5 6 N ILE A 82  ? N ILE A 82  O LYS A 85  ? O LYS A 85  
AA3 1 2 N GLY A 21  ? N GLY A 21  O LEU A 138 ? O LEU A 138 
AA3 2 3 O GLY A 139 ? O GLY A 139 N ASP A 49  ? N ASP A 49  
AA3 3 4 N LEU A 50  ? N LEU A 50  O PHE A 64  ? O PHE A 64  
AA3 4 5 N ARG A 69  ? N ARG A 69  O CME A 75  ? O CME A 75  
AA3 5 6 N CYS A 78  ? N CYS A 78  O GLU A 90  ? O GLU A 90  
# 
_pdbx_entry_details.entry_id                   5T7S 
_pdbx_entry_details.compound_details           ? 
_pdbx_entry_details.source_details             ? 
_pdbx_entry_details.nonpolymer_details         ? 
_pdbx_entry_details.sequence_details           ? 
_pdbx_entry_details.has_ligand_of_interest     ? 
_pdbx_entry_details.has_protein_modification   Y 
# 
_pdbx_validate_torsion.id              1 
_pdbx_validate_torsion.PDB_model_num   1 
_pdbx_validate_torsion.auth_comp_id    ARG 
_pdbx_validate_torsion.auth_asym_id    A 
_pdbx_validate_torsion.auth_seq_id     72 
_pdbx_validate_torsion.PDB_ins_code    ? 
_pdbx_validate_torsion.label_alt_id    ? 
_pdbx_validate_torsion.phi             58.99 
_pdbx_validate_torsion.psi             -126.26 
# 
_pdbx_molecule_features.prd_id    PRD_900008 
_pdbx_molecule_features.name      alpha-lactose 
_pdbx_molecule_features.type      Oligosaccharide 
_pdbx_molecule_features.class     Nutrient 
_pdbx_molecule_features.details   oligosaccharide 
# 
_pdbx_molecule.instance_id   1 
_pdbx_molecule.prd_id        PRD_900008 
_pdbx_molecule.asym_id       B 
# 
_pdbx_struct_mod_residue.id               1 
_pdbx_struct_mod_residue.label_asym_id    A 
_pdbx_struct_mod_residue.label_comp_id    CME 
_pdbx_struct_mod_residue.label_seq_id     75 
_pdbx_struct_mod_residue.auth_asym_id     A 
_pdbx_struct_mod_residue.auth_comp_id     CME 
_pdbx_struct_mod_residue.auth_seq_id      75 
_pdbx_struct_mod_residue.PDB_ins_code     ? 
_pdbx_struct_mod_residue.parent_comp_id   CYS 
_pdbx_struct_mod_residue.details          'modified residue' 
# 
loop_
_pdbx_unobs_or_zero_occ_residues.id 
_pdbx_unobs_or_zero_occ_residues.PDB_model_num 
_pdbx_unobs_or_zero_occ_residues.polymer_flag 
_pdbx_unobs_or_zero_occ_residues.occupancy_flag 
_pdbx_unobs_or_zero_occ_residues.auth_asym_id 
_pdbx_unobs_or_zero_occ_residues.auth_comp_id 
_pdbx_unobs_or_zero_occ_residues.auth_seq_id 
_pdbx_unobs_or_zero_occ_residues.PDB_ins_code 
_pdbx_unobs_or_zero_occ_residues.label_asym_id 
_pdbx_unobs_or_zero_occ_residues.label_comp_id 
_pdbx_unobs_or_zero_occ_residues.label_seq_id 
1 1 Y 1 A MET 1   ? A MET 1   
2 1 Y 1 A MET 2   ? A MET 2   
3 1 Y 1 A LEU 3   ? A LEU 3   
4 1 Y 1 A SER 4   ? A SER 4   
5 1 Y 1 A LEU 5   ? A LEU 5   
6 1 Y 1 A ASN 6   ? A ASN 6   
7 1 Y 1 A ASN 7   ? A ASN 7   
8 1 Y 1 A SER 155 ? A SER 155 
# 
loop_
_chem_comp_atom.comp_id 
_chem_comp_atom.atom_id 
_chem_comp_atom.type_symbol 
_chem_comp_atom.pdbx_aromatic_flag 
_chem_comp_atom.pdbx_stereo_config 
_chem_comp_atom.pdbx_ordinal 
ALA N    N N N 1   
ALA CA   C N S 2   
ALA C    C N N 3   
ALA O    O N N 4   
ALA CB   C N N 5   
ALA OXT  O N N 6   
ALA H    H N N 7   
ALA H2   H N N 8   
ALA HA   H N N 9   
ALA HB1  H N N 10  
ALA HB2  H N N 11  
ALA HB3  H N N 12  
ALA HXT  H N N 13  
ARG N    N N N 14  
ARG CA   C N S 15  
ARG C    C N N 16  
ARG O    O N N 17  
ARG CB   C N N 18  
ARG CG   C N N 19  
ARG CD   C N N 20  
ARG NE   N N N 21  
ARG CZ   C N N 22  
ARG NH1  N N N 23  
ARG NH2  N N N 24  
ARG OXT  O N N 25  
ARG H    H N N 26  
ARG H2   H N N 27  
ARG HA   H N N 28  
ARG HB2  H N N 29  
ARG HB3  H N N 30  
ARG HG2  H N N 31  
ARG HG3  H N N 32  
ARG HD2  H N N 33  
ARG HD3  H N N 34  
ARG HE   H N N 35  
ARG HH11 H N N 36  
ARG HH12 H N N 37  
ARG HH21 H N N 38  
ARG HH22 H N N 39  
ARG HXT  H N N 40  
ASN N    N N N 41  
ASN CA   C N S 42  
ASN C    C N N 43  
ASN O    O N N 44  
ASN CB   C N N 45  
ASN CG   C N N 46  
ASN OD1  O N N 47  
ASN ND2  N N N 48  
ASN OXT  O N N 49  
ASN H    H N N 50  
ASN H2   H N N 51  
ASN HA   H N N 52  
ASN HB2  H N N 53  
ASN HB3  H N N 54  
ASN HD21 H N N 55  
ASN HD22 H N N 56  
ASN HXT  H N N 57  
ASP N    N N N 58  
ASP CA   C N S 59  
ASP C    C N N 60  
ASP O    O N N 61  
ASP CB   C N N 62  
ASP CG   C N N 63  
ASP OD1  O N N 64  
ASP OD2  O N N 65  
ASP OXT  O N N 66  
ASP H    H N N 67  
ASP H2   H N N 68  
ASP HA   H N N 69  
ASP HB2  H N N 70  
ASP HB3  H N N 71  
ASP HD2  H N N 72  
ASP HXT  H N N 73  
CME N    N N N 74  
CME CA   C N R 75  
CME CB   C N N 76  
CME SG   S N N 77  
CME SD   S N N 78  
CME CE   C N N 79  
CME CZ   C N N 80  
CME OH   O N N 81  
CME C    C N N 82  
CME O    O N N 83  
CME OXT  O N N 84  
CME H    H N N 85  
CME H2   H N N 86  
CME HA   H N N 87  
CME HB2  H N N 88  
CME HB3  H N N 89  
CME HE2  H N N 90  
CME HE3  H N N 91  
CME HZ2  H N N 92  
CME HZ3  H N N 93  
CME HH   H N N 94  
CME HXT  H N N 95  
CYS N    N N N 96  
CYS CA   C N R 97  
CYS C    C N N 98  
CYS O    O N N 99  
CYS CB   C N N 100 
CYS SG   S N N 101 
CYS OXT  O N N 102 
CYS H    H N N 103 
CYS H2   H N N 104 
CYS HA   H N N 105 
CYS HB2  H N N 106 
CYS HB3  H N N 107 
CYS HG   H N N 108 
CYS HXT  H N N 109 
GAL C1   C N R 110 
GAL C2   C N R 111 
GAL C3   C N S 112 
GAL C4   C N R 113 
GAL C5   C N R 114 
GAL C6   C N N 115 
GAL O1   O N N 116 
GAL O2   O N N 117 
GAL O3   O N N 118 
GAL O4   O N N 119 
GAL O5   O N N 120 
GAL O6   O N N 121 
GAL H1   H N N 122 
GAL H2   H N N 123 
GAL H3   H N N 124 
GAL H4   H N N 125 
GAL H5   H N N 126 
GAL H61  H N N 127 
GAL H62  H N N 128 
GAL HO1  H N N 129 
GAL HO2  H N N 130 
GAL HO3  H N N 131 
GAL HO4  H N N 132 
GAL HO6  H N N 133 
GLC C1   C N S 134 
GLC C2   C N R 135 
GLC C3   C N S 136 
GLC C4   C N S 137 
GLC C5   C N R 138 
GLC C6   C N N 139 
GLC O1   O N N 140 
GLC O2   O N N 141 
GLC O3   O N N 142 
GLC O4   O N N 143 
GLC O5   O N N 144 
GLC O6   O N N 145 
GLC H1   H N N 146 
GLC H2   H N N 147 
GLC H3   H N N 148 
GLC H4   H N N 149 
GLC H5   H N N 150 
GLC H61  H N N 151 
GLC H62  H N N 152 
GLC HO1  H N N 153 
GLC HO2  H N N 154 
GLC HO3  H N N 155 
GLC HO4  H N N 156 
GLC HO6  H N N 157 
GLN N    N N N 158 
GLN CA   C N S 159 
GLN C    C N N 160 
GLN O    O N N 161 
GLN CB   C N N 162 
GLN CG   C N N 163 
GLN CD   C N N 164 
GLN OE1  O N N 165 
GLN NE2  N N N 166 
GLN OXT  O N N 167 
GLN H    H N N 168 
GLN H2   H N N 169 
GLN HA   H N N 170 
GLN HB2  H N N 171 
GLN HB3  H N N 172 
GLN HG2  H N N 173 
GLN HG3  H N N 174 
GLN HE21 H N N 175 
GLN HE22 H N N 176 
GLN HXT  H N N 177 
GLU N    N N N 178 
GLU CA   C N S 179 
GLU C    C N N 180 
GLU O    O N N 181 
GLU CB   C N N 182 
GLU CG   C N N 183 
GLU CD   C N N 184 
GLU OE1  O N N 185 
GLU OE2  O N N 186 
GLU OXT  O N N 187 
GLU H    H N N 188 
GLU H2   H N N 189 
GLU HA   H N N 190 
GLU HB2  H N N 191 
GLU HB3  H N N 192 
GLU HG2  H N N 193 
GLU HG3  H N N 194 
GLU HE2  H N N 195 
GLU HXT  H N N 196 
GLY N    N N N 197 
GLY CA   C N N 198 
GLY C    C N N 199 
GLY O    O N N 200 
GLY OXT  O N N 201 
GLY H    H N N 202 
GLY H2   H N N 203 
GLY HA2  H N N 204 
GLY HA3  H N N 205 
GLY HXT  H N N 206 
GOL C1   C N N 207 
GOL O1   O N N 208 
GOL C2   C N N 209 
GOL O2   O N N 210 
GOL C3   C N N 211 
GOL O3   O N N 212 
GOL H11  H N N 213 
GOL H12  H N N 214 
GOL HO1  H N N 215 
GOL H2   H N N 216 
GOL HO2  H N N 217 
GOL H31  H N N 218 
GOL H32  H N N 219 
GOL HO3  H N N 220 
HIS N    N N N 221 
HIS CA   C N S 222 
HIS C    C N N 223 
HIS O    O N N 224 
HIS CB   C N N 225 
HIS CG   C Y N 226 
HIS ND1  N Y N 227 
HIS CD2  C Y N 228 
HIS CE1  C Y N 229 
HIS NE2  N Y N 230 
HIS OXT  O N N 231 
HIS H    H N N 232 
HIS H2   H N N 233 
HIS HA   H N N 234 
HIS HB2  H N N 235 
HIS HB3  H N N 236 
HIS HD1  H N N 237 
HIS HD2  H N N 238 
HIS HE1  H N N 239 
HIS HE2  H N N 240 
HIS HXT  H N N 241 
HOH O    O N N 242 
HOH H1   H N N 243 
HOH H2   H N N 244 
ILE N    N N N 245 
ILE CA   C N S 246 
ILE C    C N N 247 
ILE O    O N N 248 
ILE CB   C N S 249 
ILE CG1  C N N 250 
ILE CG2  C N N 251 
ILE CD1  C N N 252 
ILE OXT  O N N 253 
ILE H    H N N 254 
ILE H2   H N N 255 
ILE HA   H N N 256 
ILE HB   H N N 257 
ILE HG12 H N N 258 
ILE HG13 H N N 259 
ILE HG21 H N N 260 
ILE HG22 H N N 261 
ILE HG23 H N N 262 
ILE HD11 H N N 263 
ILE HD12 H N N 264 
ILE HD13 H N N 265 
ILE HXT  H N N 266 
LEU N    N N N 267 
LEU CA   C N S 268 
LEU C    C N N 269 
LEU O    O N N 270 
LEU CB   C N N 271 
LEU CG   C N N 272 
LEU CD1  C N N 273 
LEU CD2  C N N 274 
LEU OXT  O N N 275 
LEU H    H N N 276 
LEU H2   H N N 277 
LEU HA   H N N 278 
LEU HB2  H N N 279 
LEU HB3  H N N 280 
LEU HG   H N N 281 
LEU HD11 H N N 282 
LEU HD12 H N N 283 
LEU HD13 H N N 284 
LEU HD21 H N N 285 
LEU HD22 H N N 286 
LEU HD23 H N N 287 
LEU HXT  H N N 288 
LYS N    N N N 289 
LYS CA   C N S 290 
LYS C    C N N 291 
LYS O    O N N 292 
LYS CB   C N N 293 
LYS CG   C N N 294 
LYS CD   C N N 295 
LYS CE   C N N 296 
LYS NZ   N N N 297 
LYS OXT  O N N 298 
LYS H    H N N 299 
LYS H2   H N N 300 
LYS HA   H N N 301 
LYS HB2  H N N 302 
LYS HB3  H N N 303 
LYS HG2  H N N 304 
LYS HG3  H N N 305 
LYS HD2  H N N 306 
LYS HD3  H N N 307 
LYS HE2  H N N 308 
LYS HE3  H N N 309 
LYS HZ1  H N N 310 
LYS HZ2  H N N 311 
LYS HZ3  H N N 312 
LYS HXT  H N N 313 
MET N    N N N 314 
MET CA   C N S 315 
MET C    C N N 316 
MET O    O N N 317 
MET CB   C N N 318 
MET CG   C N N 319 
MET SD   S N N 320 
MET CE   C N N 321 
MET OXT  O N N 322 
MET H    H N N 323 
MET H2   H N N 324 
MET HA   H N N 325 
MET HB2  H N N 326 
MET HB3  H N N 327 
MET HG2  H N N 328 
MET HG3  H N N 329 
MET HE1  H N N 330 
MET HE2  H N N 331 
MET HE3  H N N 332 
MET HXT  H N N 333 
PHE N    N N N 334 
PHE CA   C N S 335 
PHE C    C N N 336 
PHE O    O N N 337 
PHE CB   C N N 338 
PHE CG   C Y N 339 
PHE CD1  C Y N 340 
PHE CD2  C Y N 341 
PHE CE1  C Y N 342 
PHE CE2  C Y N 343 
PHE CZ   C Y N 344 
PHE OXT  O N N 345 
PHE H    H N N 346 
PHE H2   H N N 347 
PHE HA   H N N 348 
PHE HB2  H N N 349 
PHE HB3  H N N 350 
PHE HD1  H N N 351 
PHE HD2  H N N 352 
PHE HE1  H N N 353 
PHE HE2  H N N 354 
PHE HZ   H N N 355 
PHE HXT  H N N 356 
PRO N    N N N 357 
PRO CA   C N S 358 
PRO C    C N N 359 
PRO O    O N N 360 
PRO CB   C N N 361 
PRO CG   C N N 362 
PRO CD   C N N 363 
PRO OXT  O N N 364 
PRO H    H N N 365 
PRO HA   H N N 366 
PRO HB2  H N N 367 
PRO HB3  H N N 368 
PRO HG2  H N N 369 
PRO HG3  H N N 370 
PRO HD2  H N N 371 
PRO HD3  H N N 372 
PRO HXT  H N N 373 
SER N    N N N 374 
SER CA   C N S 375 
SER C    C N N 376 
SER O    O N N 377 
SER CB   C N N 378 
SER OG   O N N 379 
SER OXT  O N N 380 
SER H    H N N 381 
SER H2   H N N 382 
SER HA   H N N 383 
SER HB2  H N N 384 
SER HB3  H N N 385 
SER HG   H N N 386 
SER HXT  H N N 387 
THR N    N N N 388 
THR CA   C N S 389 
THR C    C N N 390 
THR O    O N N 391 
THR CB   C N R 392 
THR OG1  O N N 393 
THR CG2  C N N 394 
THR OXT  O N N 395 
THR H    H N N 396 
THR H2   H N N 397 
THR HA   H N N 398 
THR HB   H N N 399 
THR HG1  H N N 400 
THR HG21 H N N 401 
THR HG22 H N N 402 
THR HG23 H N N 403 
THR HXT  H N N 404 
TRP N    N N N 405 
TRP CA   C N S 406 
TRP C    C N N 407 
TRP O    O N N 408 
TRP CB   C N N 409 
TRP CG   C Y N 410 
TRP CD1  C Y N 411 
TRP CD2  C Y N 412 
TRP NE1  N Y N 413 
TRP CE2  C Y N 414 
TRP CE3  C Y N 415 
TRP CZ2  C Y N 416 
TRP CZ3  C Y N 417 
TRP CH2  C Y N 418 
TRP OXT  O N N 419 
TRP H    H N N 420 
TRP H2   H N N 421 
TRP HA   H N N 422 
TRP HB2  H N N 423 
TRP HB3  H N N 424 
TRP HD1  H N N 425 
TRP HE1  H N N 426 
TRP HE3  H N N 427 
TRP HZ2  H N N 428 
TRP HZ3  H N N 429 
TRP HH2  H N N 430 
TRP HXT  H N N 431 
TYR N    N N N 432 
TYR CA   C N S 433 
TYR C    C N N 434 
TYR O    O N N 435 
TYR CB   C N N 436 
TYR CG   C Y N 437 
TYR CD1  C Y N 438 
TYR CD2  C Y N 439 
TYR CE1  C Y N 440 
TYR CE2  C Y N 441 
TYR CZ   C Y N 442 
TYR OH   O N N 443 
TYR OXT  O N N 444 
TYR H    H N N 445 
TYR H2   H N N 446 
TYR HA   H N N 447 
TYR HB2  H N N 448 
TYR HB3  H N N 449 
TYR HD1  H N N 450 
TYR HD2  H N N 451 
TYR HE1  H N N 452 
TYR HE2  H N N 453 
TYR HH   H N N 454 
TYR HXT  H N N 455 
VAL N    N N N 456 
VAL CA   C N S 457 
VAL C    C N N 458 
VAL O    O N N 459 
VAL CB   C N N 460 
VAL CG1  C N N 461 
VAL CG2  C N N 462 
VAL OXT  O N N 463 
VAL H    H N N 464 
VAL H2   H N N 465 
VAL HA   H N N 466 
VAL HB   H N N 467 
VAL HG11 H N N 468 
VAL HG12 H N N 469 
VAL HG13 H N N 470 
VAL HG21 H N N 471 
VAL HG22 H N N 472 
VAL HG23 H N N 473 
VAL HXT  H N N 474 
# 
loop_
_chem_comp_bond.comp_id 
_chem_comp_bond.atom_id_1 
_chem_comp_bond.atom_id_2 
_chem_comp_bond.value_order 
_chem_comp_bond.pdbx_aromatic_flag 
_chem_comp_bond.pdbx_stereo_config 
_chem_comp_bond.pdbx_ordinal 
ALA N   CA   sing N N 1   
ALA N   H    sing N N 2   
ALA N   H2   sing N N 3   
ALA CA  C    sing N N 4   
ALA CA  CB   sing N N 5   
ALA CA  HA   sing N N 6   
ALA C   O    doub N N 7   
ALA C   OXT  sing N N 8   
ALA CB  HB1  sing N N 9   
ALA CB  HB2  sing N N 10  
ALA CB  HB3  sing N N 11  
ALA OXT HXT  sing N N 12  
ARG N   CA   sing N N 13  
ARG N   H    sing N N 14  
ARG N   H2   sing N N 15  
ARG CA  C    sing N N 16  
ARG CA  CB   sing N N 17  
ARG CA  HA   sing N N 18  
ARG C   O    doub N N 19  
ARG C   OXT  sing N N 20  
ARG CB  CG   sing N N 21  
ARG CB  HB2  sing N N 22  
ARG CB  HB3  sing N N 23  
ARG CG  CD   sing N N 24  
ARG CG  HG2  sing N N 25  
ARG CG  HG3  sing N N 26  
ARG CD  NE   sing N N 27  
ARG CD  HD2  sing N N 28  
ARG CD  HD3  sing N N 29  
ARG NE  CZ   sing N N 30  
ARG NE  HE   sing N N 31  
ARG CZ  NH1  sing N N 32  
ARG CZ  NH2  doub N N 33  
ARG NH1 HH11 sing N N 34  
ARG NH1 HH12 sing N N 35  
ARG NH2 HH21 sing N N 36  
ARG NH2 HH22 sing N N 37  
ARG OXT HXT  sing N N 38  
ASN N   CA   sing N N 39  
ASN N   H    sing N N 40  
ASN N   H2   sing N N 41  
ASN CA  C    sing N N 42  
ASN CA  CB   sing N N 43  
ASN CA  HA   sing N N 44  
ASN C   O    doub N N 45  
ASN C   OXT  sing N N 46  
ASN CB  CG   sing N N 47  
ASN CB  HB2  sing N N 48  
ASN CB  HB3  sing N N 49  
ASN CG  OD1  doub N N 50  
ASN CG  ND2  sing N N 51  
ASN ND2 HD21 sing N N 52  
ASN ND2 HD22 sing N N 53  
ASN OXT HXT  sing N N 54  
ASP N   CA   sing N N 55  
ASP N   H    sing N N 56  
ASP N   H2   sing N N 57  
ASP CA  C    sing N N 58  
ASP CA  CB   sing N N 59  
ASP CA  HA   sing N N 60  
ASP C   O    doub N N 61  
ASP C   OXT  sing N N 62  
ASP CB  CG   sing N N 63  
ASP CB  HB2  sing N N 64  
ASP CB  HB3  sing N N 65  
ASP CG  OD1  doub N N 66  
ASP CG  OD2  sing N N 67  
ASP OD2 HD2  sing N N 68  
ASP OXT HXT  sing N N 69  
CME N   CA   sing N N 70  
CME N   H    sing N N 71  
CME N   H2   sing N N 72  
CME CA  CB   sing N N 73  
CME CA  C    sing N N 74  
CME CA  HA   sing N N 75  
CME CB  SG   sing N N 76  
CME CB  HB2  sing N N 77  
CME CB  HB3  sing N N 78  
CME SG  SD   sing N N 79  
CME SD  CE   sing N N 80  
CME CE  CZ   sing N N 81  
CME CE  HE2  sing N N 82  
CME CE  HE3  sing N N 83  
CME CZ  OH   sing N N 84  
CME CZ  HZ2  sing N N 85  
CME CZ  HZ3  sing N N 86  
CME OH  HH   sing N N 87  
CME C   O    doub N N 88  
CME C   OXT  sing N N 89  
CME OXT HXT  sing N N 90  
CYS N   CA   sing N N 91  
CYS N   H    sing N N 92  
CYS N   H2   sing N N 93  
CYS CA  C    sing N N 94  
CYS CA  CB   sing N N 95  
CYS CA  HA   sing N N 96  
CYS C   O    doub N N 97  
CYS C   OXT  sing N N 98  
CYS CB  SG   sing N N 99  
CYS CB  HB2  sing N N 100 
CYS CB  HB3  sing N N 101 
CYS SG  HG   sing N N 102 
CYS OXT HXT  sing N N 103 
GAL C1  C2   sing N N 104 
GAL C1  O1   sing N N 105 
GAL C1  O5   sing N N 106 
GAL C1  H1   sing N N 107 
GAL C2  C3   sing N N 108 
GAL C2  O2   sing N N 109 
GAL C2  H2   sing N N 110 
GAL C3  C4   sing N N 111 
GAL C3  O3   sing N N 112 
GAL C3  H3   sing N N 113 
GAL C4  C5   sing N N 114 
GAL C4  O4   sing N N 115 
GAL C4  H4   sing N N 116 
GAL C5  C6   sing N N 117 
GAL C5  O5   sing N N 118 
GAL C5  H5   sing N N 119 
GAL C6  O6   sing N N 120 
GAL C6  H61  sing N N 121 
GAL C6  H62  sing N N 122 
GAL O1  HO1  sing N N 123 
GAL O2  HO2  sing N N 124 
GAL O3  HO3  sing N N 125 
GAL O4  HO4  sing N N 126 
GAL O6  HO6  sing N N 127 
GLC C1  C2   sing N N 128 
GLC C1  O1   sing N N 129 
GLC C1  O5   sing N N 130 
GLC C1  H1   sing N N 131 
GLC C2  C3   sing N N 132 
GLC C2  O2   sing N N 133 
GLC C2  H2   sing N N 134 
GLC C3  C4   sing N N 135 
GLC C3  O3   sing N N 136 
GLC C3  H3   sing N N 137 
GLC C4  C5   sing N N 138 
GLC C4  O4   sing N N 139 
GLC C4  H4   sing N N 140 
GLC C5  C6   sing N N 141 
GLC C5  O5   sing N N 142 
GLC C5  H5   sing N N 143 
GLC C6  O6   sing N N 144 
GLC C6  H61  sing N N 145 
GLC C6  H62  sing N N 146 
GLC O1  HO1  sing N N 147 
GLC O2  HO2  sing N N 148 
GLC O3  HO3  sing N N 149 
GLC O4  HO4  sing N N 150 
GLC O6  HO6  sing N N 151 
GLN N   CA   sing N N 152 
GLN N   H    sing N N 153 
GLN N   H2   sing N N 154 
GLN CA  C    sing N N 155 
GLN CA  CB   sing N N 156 
GLN CA  HA   sing N N 157 
GLN C   O    doub N N 158 
GLN C   OXT  sing N N 159 
GLN CB  CG   sing N N 160 
GLN CB  HB2  sing N N 161 
GLN CB  HB3  sing N N 162 
GLN CG  CD   sing N N 163 
GLN CG  HG2  sing N N 164 
GLN CG  HG3  sing N N 165 
GLN CD  OE1  doub N N 166 
GLN CD  NE2  sing N N 167 
GLN NE2 HE21 sing N N 168 
GLN NE2 HE22 sing N N 169 
GLN OXT HXT  sing N N 170 
GLU N   CA   sing N N 171 
GLU N   H    sing N N 172 
GLU N   H2   sing N N 173 
GLU CA  C    sing N N 174 
GLU CA  CB   sing N N 175 
GLU CA  HA   sing N N 176 
GLU C   O    doub N N 177 
GLU C   OXT  sing N N 178 
GLU CB  CG   sing N N 179 
GLU CB  HB2  sing N N 180 
GLU CB  HB3  sing N N 181 
GLU CG  CD   sing N N 182 
GLU CG  HG2  sing N N 183 
GLU CG  HG3  sing N N 184 
GLU CD  OE1  doub N N 185 
GLU CD  OE2  sing N N 186 
GLU OE2 HE2  sing N N 187 
GLU OXT HXT  sing N N 188 
GLY N   CA   sing N N 189 
GLY N   H    sing N N 190 
GLY N   H2   sing N N 191 
GLY CA  C    sing N N 192 
GLY CA  HA2  sing N N 193 
GLY CA  HA3  sing N N 194 
GLY C   O    doub N N 195 
GLY C   OXT  sing N N 196 
GLY OXT HXT  sing N N 197 
GOL C1  O1   sing N N 198 
GOL C1  C2   sing N N 199 
GOL C1  H11  sing N N 200 
GOL C1  H12  sing N N 201 
GOL O1  HO1  sing N N 202 
GOL C2  O2   sing N N 203 
GOL C2  C3   sing N N 204 
GOL C2  H2   sing N N 205 
GOL O2  HO2  sing N N 206 
GOL C3  O3   sing N N 207 
GOL C3  H31  sing N N 208 
GOL C3  H32  sing N N 209 
GOL O3  HO3  sing N N 210 
HIS N   CA   sing N N 211 
HIS N   H    sing N N 212 
HIS N   H2   sing N N 213 
HIS CA  C    sing N N 214 
HIS CA  CB   sing N N 215 
HIS CA  HA   sing N N 216 
HIS C   O    doub N N 217 
HIS C   OXT  sing N N 218 
HIS CB  CG   sing N N 219 
HIS CB  HB2  sing N N 220 
HIS CB  HB3  sing N N 221 
HIS CG  ND1  sing Y N 222 
HIS CG  CD2  doub Y N 223 
HIS ND1 CE1  doub Y N 224 
HIS ND1 HD1  sing N N 225 
HIS CD2 NE2  sing Y N 226 
HIS CD2 HD2  sing N N 227 
HIS CE1 NE2  sing Y N 228 
HIS CE1 HE1  sing N N 229 
HIS NE2 HE2  sing N N 230 
HIS OXT HXT  sing N N 231 
HOH O   H1   sing N N 232 
HOH O   H2   sing N N 233 
ILE N   CA   sing N N 234 
ILE N   H    sing N N 235 
ILE N   H2   sing N N 236 
ILE CA  C    sing N N 237 
ILE CA  CB   sing N N 238 
ILE CA  HA   sing N N 239 
ILE C   O    doub N N 240 
ILE C   OXT  sing N N 241 
ILE CB  CG1  sing N N 242 
ILE CB  CG2  sing N N 243 
ILE CB  HB   sing N N 244 
ILE CG1 CD1  sing N N 245 
ILE CG1 HG12 sing N N 246 
ILE CG1 HG13 sing N N 247 
ILE CG2 HG21 sing N N 248 
ILE CG2 HG22 sing N N 249 
ILE CG2 HG23 sing N N 250 
ILE CD1 HD11 sing N N 251 
ILE CD1 HD12 sing N N 252 
ILE CD1 HD13 sing N N 253 
ILE OXT HXT  sing N N 254 
LEU N   CA   sing N N 255 
LEU N   H    sing N N 256 
LEU N   H2   sing N N 257 
LEU CA  C    sing N N 258 
LEU CA  CB   sing N N 259 
LEU CA  HA   sing N N 260 
LEU C   O    doub N N 261 
LEU C   OXT  sing N N 262 
LEU CB  CG   sing N N 263 
LEU CB  HB2  sing N N 264 
LEU CB  HB3  sing N N 265 
LEU CG  CD1  sing N N 266 
LEU CG  CD2  sing N N 267 
LEU CG  HG   sing N N 268 
LEU CD1 HD11 sing N N 269 
LEU CD1 HD12 sing N N 270 
LEU CD1 HD13 sing N N 271 
LEU CD2 HD21 sing N N 272 
LEU CD2 HD22 sing N N 273 
LEU CD2 HD23 sing N N 274 
LEU OXT HXT  sing N N 275 
LYS N   CA   sing N N 276 
LYS N   H    sing N N 277 
LYS N   H2   sing N N 278 
LYS CA  C    sing N N 279 
LYS CA  CB   sing N N 280 
LYS CA  HA   sing N N 281 
LYS C   O    doub N N 282 
LYS C   OXT  sing N N 283 
LYS CB  CG   sing N N 284 
LYS CB  HB2  sing N N 285 
LYS CB  HB3  sing N N 286 
LYS CG  CD   sing N N 287 
LYS CG  HG2  sing N N 288 
LYS CG  HG3  sing N N 289 
LYS CD  CE   sing N N 290 
LYS CD  HD2  sing N N 291 
LYS CD  HD3  sing N N 292 
LYS CE  NZ   sing N N 293 
LYS CE  HE2  sing N N 294 
LYS CE  HE3  sing N N 295 
LYS NZ  HZ1  sing N N 296 
LYS NZ  HZ2  sing N N 297 
LYS NZ  HZ3  sing N N 298 
LYS OXT HXT  sing N N 299 
MET N   CA   sing N N 300 
MET N   H    sing N N 301 
MET N   H2   sing N N 302 
MET CA  C    sing N N 303 
MET CA  CB   sing N N 304 
MET CA  HA   sing N N 305 
MET C   O    doub N N 306 
MET C   OXT  sing N N 307 
MET CB  CG   sing N N 308 
MET CB  HB2  sing N N 309 
MET CB  HB3  sing N N 310 
MET CG  SD   sing N N 311 
MET CG  HG2  sing N N 312 
MET CG  HG3  sing N N 313 
MET SD  CE   sing N N 314 
MET CE  HE1  sing N N 315 
MET CE  HE2  sing N N 316 
MET CE  HE3  sing N N 317 
MET OXT HXT  sing N N 318 
PHE N   CA   sing N N 319 
PHE N   H    sing N N 320 
PHE N   H2   sing N N 321 
PHE CA  C    sing N N 322 
PHE CA  CB   sing N N 323 
PHE CA  HA   sing N N 324 
PHE C   O    doub N N 325 
PHE C   OXT  sing N N 326 
PHE CB  CG   sing N N 327 
PHE CB  HB2  sing N N 328 
PHE CB  HB3  sing N N 329 
PHE CG  CD1  doub Y N 330 
PHE CG  CD2  sing Y N 331 
PHE CD1 CE1  sing Y N 332 
PHE CD1 HD1  sing N N 333 
PHE CD2 CE2  doub Y N 334 
PHE CD2 HD2  sing N N 335 
PHE CE1 CZ   doub Y N 336 
PHE CE1 HE1  sing N N 337 
PHE CE2 CZ   sing Y N 338 
PHE CE2 HE2  sing N N 339 
PHE CZ  HZ   sing N N 340 
PHE OXT HXT  sing N N 341 
PRO N   CA   sing N N 342 
PRO N   CD   sing N N 343 
PRO N   H    sing N N 344 
PRO CA  C    sing N N 345 
PRO CA  CB   sing N N 346 
PRO CA  HA   sing N N 347 
PRO C   O    doub N N 348 
PRO C   OXT  sing N N 349 
PRO CB  CG   sing N N 350 
PRO CB  HB2  sing N N 351 
PRO CB  HB3  sing N N 352 
PRO CG  CD   sing N N 353 
PRO CG  HG2  sing N N 354 
PRO CG  HG3  sing N N 355 
PRO CD  HD2  sing N N 356 
PRO CD  HD3  sing N N 357 
PRO OXT HXT  sing N N 358 
SER N   CA   sing N N 359 
SER N   H    sing N N 360 
SER N   H2   sing N N 361 
SER CA  C    sing N N 362 
SER CA  CB   sing N N 363 
SER CA  HA   sing N N 364 
SER C   O    doub N N 365 
SER C   OXT  sing N N 366 
SER CB  OG   sing N N 367 
SER CB  HB2  sing N N 368 
SER CB  HB3  sing N N 369 
SER OG  HG   sing N N 370 
SER OXT HXT  sing N N 371 
THR N   CA   sing N N 372 
THR N   H    sing N N 373 
THR N   H2   sing N N 374 
THR CA  C    sing N N 375 
THR CA  CB   sing N N 376 
THR CA  HA   sing N N 377 
THR C   O    doub N N 378 
THR C   OXT  sing N N 379 
THR CB  OG1  sing N N 380 
THR CB  CG2  sing N N 381 
THR CB  HB   sing N N 382 
THR OG1 HG1  sing N N 383 
THR CG2 HG21 sing N N 384 
THR CG2 HG22 sing N N 385 
THR CG2 HG23 sing N N 386 
THR OXT HXT  sing N N 387 
TRP N   CA   sing N N 388 
TRP N   H    sing N N 389 
TRP N   H2   sing N N 390 
TRP CA  C    sing N N 391 
TRP CA  CB   sing N N 392 
TRP CA  HA   sing N N 393 
TRP C   O    doub N N 394 
TRP C   OXT  sing N N 395 
TRP CB  CG   sing N N 396 
TRP CB  HB2  sing N N 397 
TRP CB  HB3  sing N N 398 
TRP CG  CD1  doub Y N 399 
TRP CG  CD2  sing Y N 400 
TRP CD1 NE1  sing Y N 401 
TRP CD1 HD1  sing N N 402 
TRP CD2 CE2  doub Y N 403 
TRP CD2 CE3  sing Y N 404 
TRP NE1 CE2  sing Y N 405 
TRP NE1 HE1  sing N N 406 
TRP CE2 CZ2  sing Y N 407 
TRP CE3 CZ3  doub Y N 408 
TRP CE3 HE3  sing N N 409 
TRP CZ2 CH2  doub Y N 410 
TRP CZ2 HZ2  sing N N 411 
TRP CZ3 CH2  sing Y N 412 
TRP CZ3 HZ3  sing N N 413 
TRP CH2 HH2  sing N N 414 
TRP OXT HXT  sing N N 415 
TYR N   CA   sing N N 416 
TYR N   H    sing N N 417 
TYR N   H2   sing N N 418 
TYR CA  C    sing N N 419 
TYR CA  CB   sing N N 420 
TYR CA  HA   sing N N 421 
TYR C   O    doub N N 422 
TYR C   OXT  sing N N 423 
TYR CB  CG   sing N N 424 
TYR CB  HB2  sing N N 425 
TYR CB  HB3  sing N N 426 
TYR CG  CD1  doub Y N 427 
TYR CG  CD2  sing Y N 428 
TYR CD1 CE1  sing Y N 429 
TYR CD1 HD1  sing N N 430 
TYR CD2 CE2  doub Y N 431 
TYR CD2 HD2  sing N N 432 
TYR CE1 CZ   doub Y N 433 
TYR CE1 HE1  sing N N 434 
TYR CE2 CZ   sing Y N 435 
TYR CE2 HE2  sing N N 436 
TYR CZ  OH   sing N N 437 
TYR OH  HH   sing N N 438 
TYR OXT HXT  sing N N 439 
VAL N   CA   sing N N 440 
VAL N   H    sing N N 441 
VAL N   H2   sing N N 442 
VAL CA  C    sing N N 443 
VAL CA  CB   sing N N 444 
VAL CA  HA   sing N N 445 
VAL C   O    doub N N 446 
VAL C   OXT  sing N N 447 
VAL CB  CG1  sing N N 448 
VAL CB  CG2  sing N N 449 
VAL CB  HB   sing N N 450 
VAL CG1 HG11 sing N N 451 
VAL CG1 HG12 sing N N 452 
VAL CG1 HG13 sing N N 453 
VAL CG2 HG21 sing N N 454 
VAL CG2 HG22 sing N N 455 
VAL CG2 HG23 sing N N 456 
VAL OXT HXT  sing N N 457 
# 
loop_
_pdbx_entity_branch_list.entity_id 
_pdbx_entity_branch_list.comp_id 
_pdbx_entity_branch_list.num 
_pdbx_entity_branch_list.hetero 
2 GLC 1 n 
2 GAL 2 n 
# 
_pdbx_initial_refinement_model.id               1 
_pdbx_initial_refinement_model.entity_id_list   ? 
_pdbx_initial_refinement_model.type             'experimental model' 
_pdbx_initial_refinement_model.source_name      PDB 
_pdbx_initial_refinement_model.accession_code   3AP5 
_pdbx_initial_refinement_model.details          ? 
# 
_atom_sites.entry_id                    5T7S 
_atom_sites.fract_transf_matrix[1][1]   -0.00536001 
_atom_sites.fract_transf_matrix[1][2]   -0.01491569 
_atom_sites.fract_transf_matrix[1][3]   0.01378262 
_atom_sites.fract_transf_matrix[2][1]   0.01682761 
_atom_sites.fract_transf_matrix[2][2]   -0.00972779 
_atom_sites.fract_transf_matrix[2][3]   -0.00398333 
_atom_sites.fract_transf_matrix[3][1]   0.00665839 
_atom_sites.fract_transf_matrix[3][2]   0.00724647 
_atom_sites.fract_transf_matrix[3][3]   0.01043163 
_atom_sites.fract_transf_vector[1]      -0.011350 
_atom_sites.fract_transf_vector[2]      0.033740 
_atom_sites.fract_transf_vector[3]      -0.094897 
# 
loop_
_atom_type.symbol 
C 
N 
O 
S 
# 
loop_
_atom_site.group_PDB 
_atom_site.id 
_atom_site.type_symbol 
_atom_site.label_atom_id 
_atom_site.label_alt_id 
_atom_site.label_comp_id 
_atom_site.label_asym_id 
_atom_site.label_entity_id 
_atom_site.label_seq_id 
_atom_site.pdbx_PDB_ins_code 
_atom_site.Cartn_x 
_atom_site.Cartn_y 
_atom_site.Cartn_z 
_atom_site.occupancy 
_atom_site.B_iso_or_equiv 
_atom_site.pdbx_formal_charge 
_atom_site.auth_seq_id 
_atom_site.auth_comp_id 
_atom_site.auth_asym_id 
_atom_site.auth_atom_id 
_atom_site.pdbx_PDB_model_num 
ATOM   1    N N   . LEU A 1 8   ? -10.140 -13.003 -8.246  1.00 23.43  ? 8   LEU A N   1 
ATOM   2    C CA  . LEU A 1 8   ? -9.731  -12.442 -6.908  1.00 20.02  ? 8   LEU A CA  1 
ATOM   3    C C   . LEU A 1 8   ? -10.619 -12.920 -5.760  1.00 18.13  ? 8   LEU A C   1 
ATOM   4    O O   . LEU A 1 8   ? -11.785 -13.257 -5.952  1.00 16.24  ? 8   LEU A O   1 
ATOM   5    C CB  . LEU A 1 8   ? -9.711  -10.907 -6.909  1.00 19.24  ? 8   LEU A CB  1 
ATOM   6    C CG  . LEU A 1 8   ? -8.636  -10.213 -7.743  1.00 21.17  ? 8   LEU A CG  1 
ATOM   7    C CD1 . LEU A 1 8   ? -8.820  -8.705  -7.695  1.00 22.16  ? 8   LEU A CD1 1 
ATOM   8    C CD2 . LEU A 1 8   ? -7.242  -10.592 -7.266  1.00 21.85  ? 8   LEU A CD2 1 
ATOM   9    N N   . GLN A 1 9   ? -10.043 -12.887 -4.563  1.00 14.55  ? 9   GLN A N   1 
ATOM   10   C CA  . GLN A 1 9   ? -10.602 -13.476 -3.349  1.00 17.04  ? 9   GLN A CA  1 
ATOM   11   C C   . GLN A 1 9   ? -10.895 -12.373 -2.349  1.00 14.49  ? 9   GLN A C   1 
ATOM   12   O O   . GLN A 1 9   ? -10.194 -11.357 -2.327  1.00 12.41  ? 9   GLN A O   1 
ATOM   13   C CB  . GLN A 1 9   ? -9.582  -14.446 -2.735  1.00 16.83  ? 9   GLN A CB  1 
ATOM   14   C CG  . GLN A 1 9   ? -9.056  -15.502 -3.704  1.00 19.99  ? 9   GLN A CG  1 
ATOM   15   C CD  . GLN A 1 9   ? -7.985  -16.390 -3.103  1.00 22.00  ? 9   GLN A CD  1 
ATOM   16   O OE1 . GLN A 1 9   ? -6.828  -16.374 -3.538  1.00 18.61  ? 9   GLN A OE1 1 
ATOM   17   N NE2 . GLN A 1 9   ? -8.361  -17.169 -2.104  1.00 21.69  ? 9   GLN A NE2 1 
ATOM   18   N N   . ASN A 1 10  ? -11.928 -12.573 -1.531  1.00 13.99  ? 10  ASN A N   1 
ATOM   19   C CA  . ASN A 1 10  ? -12.197 -11.721 -0.369  1.00 16.28  ? 10  ASN A CA  1 
ATOM   20   C C   . ASN A 1 10  ? -12.307 -10.242 -0.746  1.00 16.57  ? 10  ASN A C   1 
ATOM   21   O O   . ASN A 1 10  ? -11.681 -9.374  -0.132  1.00 13.18  ? 10  ASN A O   1 
ATOM   22   C CB  . ASN A 1 10  ? -11.101 -11.932 0.678   1.00 17.26  ? 10  ASN A CB  1 
ATOM   23   C CG  . ASN A 1 10  ? -10.941 -13.388 1.058   1.00 22.20  ? 10  ASN A CG  1 
ATOM   24   O OD1 . ASN A 1 10  ? -10.041 -14.070 0.581   1.00 22.09  ? 10  ASN A OD1 1 
ATOM   25   N ND2 . ASN A 1 10  ? -11.830 -13.873 1.912   1.00 24.68  ? 10  ASN A ND2 1 
ATOM   26   N N   . ILE A 1 11  ? -13.118 -9.969  -1.764  1.00 14.46  ? 11  ILE A N   1 
ATOM   27   C CA  . ILE A 1 11  ? -13.167 -8.638  -2.365  1.00 13.93  ? 11  ILE A CA  1 
ATOM   28   C C   . ILE A 1 11  ? -13.964 -7.687  -1.481  1.00 12.37  ? 11  ILE A C   1 
ATOM   29   O O   . ILE A 1 11  ? -14.973 -8.079  -0.897  1.00 14.50  ? 11  ILE A O   1 
ATOM   30   C CB  . ILE A 1 11  ? -13.778 -8.669  -3.782  1.00 12.69  ? 11  ILE A CB  1 
ATOM   31   C CG1 . ILE A 1 11  ? -12.956 -9.572  -4.705  1.00 13.59  ? 11  ILE A CG1 1 
ATOM   32   C CG2 . ILE A 1 11  ? -13.879 -7.257  -4.365  1.00 14.41  ? 11  ILE A CG2 1 
ATOM   33   C CD1 . ILE A 1 11  ? -13.752 -10.112 -5.880  1.00 16.04  ? 11  ILE A CD1 1 
ATOM   34   N N   . ILE A 1 12  ? -13.492 -6.445  -1.383  1.00 11.62  ? 12  ILE A N   1 
ATOM   35   C CA  . ILE A 1 12  ? -14.162 -5.380  -0.633  1.00 11.30  ? 12  ILE A CA  1 
ATOM   36   C C   . ILE A 1 12  ? -14.480 -4.264  -1.615  1.00 11.21  ? 12  ILE A C   1 
ATOM   37   O O   . ILE A 1 12  ? -13.589 -3.796  -2.314  1.00 10.43  ? 12  ILE A O   1 
ATOM   38   C CB  . ILE A 1 12  ? -13.254 -4.783  0.476   1.00 13.97  ? 12  ILE A CB  1 
ATOM   39   C CG1 . ILE A 1 12  ? -12.778 -5.866  1.457   1.00 18.23  ? 12  ILE A CG1 1 
ATOM   40   C CG2 . ILE A 1 12  ? -13.966 -3.657  1.218   1.00 13.96  ? 12  ILE A CG2 1 
ATOM   41   C CD1 . ILE A 1 12  ? -13.882 -6.528  2.242   1.00 21.13  ? 12  ILE A CD1 1 
ATOM   42   N N   . TYR A 1 13  ? -15.741 -3.842  -1.656  1.00 10.97  ? 13  TYR A N   1 
ATOM   43   C CA  . TYR A 1 13  ? -16.197 -2.809  -2.589  1.00 10.71  ? 13  TYR A CA  1 
ATOM   44   C C   . TYR A 1 13  ? -16.494 -1.502  -1.889  1.00 11.02  ? 13  TYR A C   1 
ATOM   45   O O   . TYR A 1 13  ? -17.132 -1.493  -0.836  1.00 11.32  ? 13  TYR A O   1 
ATOM   46   C CB  . TYR A 1 13  ? -17.466 -3.276  -3.289  1.00 11.47  ? 13  TYR A CB  1 
ATOM   47   C CG  . TYR A 1 13  ? -17.270 -4.479  -4.148  1.00 11.03  ? 13  TYR A CG  1 
ATOM   48   C CD1 . TYR A 1 13  ? -16.638 -4.372  -5.385  1.00 11.67  ? 13  TYR A CD1 1 
ATOM   49   C CD2 . TYR A 1 13  ? -17.733 -5.729  -3.749  1.00 12.94  ? 13  TYR A CD2 1 
ATOM   50   C CE1 . TYR A 1 13  ? -16.461 -5.478  -6.192  1.00 12.79  ? 13  TYR A CE1 1 
ATOM   51   C CE2 . TYR A 1 13  ? -17.556 -6.847  -4.553  1.00 14.27  ? 13  TYR A CE2 1 
ATOM   52   C CZ  . TYR A 1 13  ? -16.926 -6.713  -5.769  1.00 14.86  ? 13  TYR A CZ  1 
ATOM   53   O OH  . TYR A 1 13  ? -16.743 -7.809  -6.568  1.00 15.16  ? 13  TYR A OH  1 
ATOM   54   N N   . ASN A 1 14  ? -16.057 -0.398  -2.499  1.00 9.50   ? 14  ASN A N   1 
ATOM   55   C CA  . ASN A 1 14  ? -16.400 0.953   -2.058  1.00 9.86   ? 14  ASN A CA  1 
ATOM   56   C C   . ASN A 1 14  ? -16.205 1.176   -0.543  1.00 10.26  ? 14  ASN A C   1 
ATOM   57   O O   . ASN A 1 14  ? -17.104 1.677   0.132   1.00 10.40  ? 14  ASN A O   1 
ATOM   58   C CB  . ASN A 1 14  ? -17.845 1.275   -2.487  1.00 9.99   ? 14  ASN A CB  1 
ATOM   59   C CG  . ASN A 1 14  ? -18.245 2.712   -2.204  1.00 10.89  ? 14  ASN A CG  1 
ATOM   60   O OD1 . ASN A 1 14  ? -17.450 3.636   -2.363  1.00 11.90  ? 14  ASN A OD1 1 
ATOM   61   N ND2 . ASN A 1 14  ? -19.483 2.904   -1.753  1.00 10.41  ? 14  ASN A ND2 1 
ATOM   62   N N   . PRO A 1 15  ? -15.030 0.799   -0.002  1.00 10.51  ? 15  PRO A N   1 
ATOM   63   C CA  . PRO A 1 15  ? -14.807 0.993   1.436   1.00 11.91  ? 15  PRO A CA  1 
ATOM   64   C C   . PRO A 1 15  ? -14.776 2.472   1.832   1.00 12.86  ? 15  PRO A C   1 
ATOM   65   O O   . PRO A 1 15  ? -14.443 3.329   1.010   1.00 14.52  ? 15  PRO A O   1 
ATOM   66   C CB  . PRO A 1 15  ? -13.428 0.356   1.660   1.00 11.87  ? 15  PRO A CB  1 
ATOM   67   C CG  . PRO A 1 15  ? -12.740 0.512   0.344   1.00 12.14  ? 15  PRO A CG  1 
ATOM   68   C CD  . PRO A 1 15  ? -13.831 0.242   -0.660  1.00 11.49  ? 15  PRO A CD  1 
ATOM   69   N N   . VAL A 1 16  ? -15.138 2.761   3.074   1.00 12.94  ? 16  VAL A N   1 
ATOM   70   C CA  . VAL A 1 16  ? -14.929 4.091   3.633   1.00 15.34  ? 16  VAL A CA  1 
ATOM   71   C C   . VAL A 1 16  ? -13.430 4.253   3.910   1.00 12.69  ? 16  VAL A C   1 
ATOM   72   O O   . VAL A 1 16  ? -12.797 3.341   4.420   1.00 13.28  ? 16  VAL A O   1 
ATOM   73   C CB  . VAL A 1 16  ? -15.731 4.308   4.934   1.00 17.75  ? 16  VAL A CB  1 
ATOM   74   C CG1 . VAL A 1 16  ? -15.421 5.677   5.536   1.00 19.87  ? 16  VAL A CG1 1 
ATOM   75   C CG2 . VAL A 1 16  ? -17.231 4.176   4.663   1.00 21.11  ? 16  VAL A CG2 1 
ATOM   76   N N   . ILE A 1 17  ? -12.885 5.408   3.546   1.00 12.56  ? 17  ILE A N   1 
ATOM   77   C CA  . ILE A 1 17  ? -11.508 5.796   3.865   1.00 13.96  ? 17  ILE A CA  1 
ATOM   78   C C   . ILE A 1 17  ? -11.584 6.776   5.052   1.00 14.72  ? 17  ILE A C   1 
ATOM   79   O O   . ILE A 1 17  ? -12.310 7.761   4.961   1.00 15.85  ? 17  ILE A O   1 
ATOM   80   C CB  . ILE A 1 17  ? -10.834 6.488   2.660   1.00 12.52  ? 17  ILE A CB  1 
ATOM   81   C CG1 . ILE A 1 17  ? -10.876 5.578   1.423   1.00 13.99  ? 17  ILE A CG1 1 
ATOM   82   C CG2 . ILE A 1 17  ? -9.399  6.899   2.981   1.00 14.08  ? 17  ILE A CG2 1 
ATOM   83   C CD1 . ILE A 1 17  ? -10.357 4.165   1.636   1.00 12.47  ? 17  ILE A CD1 1 
ATOM   84   N N   . PRO A 1 18  ? -10.839 6.558   6.141   1.00 15.20  ? 18  PRO A N   1 
ATOM   85   C CA  . PRO A 1 18  ? -9.787  5.540   6.256   1.00 14.05  ? 18  PRO A CA  1 
ATOM   86   C C   . PRO A 1 18  ? -10.322 4.108   6.386   1.00 13.79  ? 18  PRO A C   1 
ATOM   87   O O   . PRO A 1 18  ? -11.321 3.877   7.061   1.00 12.40  ? 18  PRO A O   1 
ATOM   88   C CB  . PRO A 1 18  ? -9.032  5.960   7.525   1.00 15.12  ? 18  PRO A CB  1 
ATOM   89   C CG  . PRO A 1 18  ? -10.019 6.742   8.320   1.00 17.04  ? 18  PRO A CG  1 
ATOM   90   C CD  . PRO A 1 18  ? -10.858 7.463   7.306   1.00 17.81  ? 18  PRO A CD  1 
ATOM   91   N N   . PHE A 1 19  ? -9.667  3.176   5.701   1.00 11.74  ? 19  PHE A N   1 
ATOM   92   C CA  . PHE A 1 19  ? -10.017 1.765   5.735   1.00 10.15  ? 19  PHE A CA  1 
ATOM   93   C C   . PHE A 1 19  ? -8.961  1.029   6.531   1.00 10.71  ? 19  PHE A C   1 
ATOM   94   O O   . PHE A 1 19  ? -7.771  1.215   6.294   1.00 8.52   ? 19  PHE A O   1 
ATOM   95   C CB  . PHE A 1 19  ? -10.080 1.194   4.321   1.00 9.46   ? 19  PHE A CB  1 
ATOM   96   C CG  . PHE A 1 19  ? -10.187 -0.300  4.274   1.00 9.79   ? 19  PHE A CG  1 
ATOM   97   C CD1 . PHE A 1 19  ? -11.423 -0.927  4.412   1.00 10.47  ? 19  PHE A CD1 1 
ATOM   98   C CD2 . PHE A 1 19  ? -9.049  -1.091  4.108   1.00 10.45  ? 19  PHE A CD2 1 
ATOM   99   C CE1 . PHE A 1 19  ? -11.525 -2.312  4.370   1.00 10.34  ? 19  PHE A CE1 1 
ATOM   100  C CE2 . PHE A 1 19  ? -9.142  -2.473  4.074   1.00 10.23  ? 19  PHE A CE2 1 
ATOM   101  C CZ  . PHE A 1 19  ? -10.388 -3.085  4.201   1.00 10.16  ? 19  PHE A CZ  1 
ATOM   102  N N   . VAL A 1 20  ? -9.394  0.197   7.472   1.00 8.43   ? 20  VAL A N   1 
ATOM   103  C CA  . VAL A 1 20  ? -8.481  -0.693  8.179   1.00 10.61  ? 20  VAL A CA  1 
ATOM   104  C C   . VAL A 1 20  ? -9.152  -2.048  8.239   1.00 11.83  ? 20  VAL A C   1 
ATOM   105  O O   . VAL A 1 20  ? -10.201 -2.184  8.858   1.00 14.74  ? 20  VAL A O   1 
ATOM   106  C CB  . VAL A 1 20  ? -8.140  -0.186  9.599   1.00 11.82  ? 20  VAL A CB  1 
ATOM   107  C CG1 . VAL A 1 20  ? -7.130  -1.109  10.272  1.00 11.55  ? 20  VAL A CG1 1 
ATOM   108  C CG2 . VAL A 1 20  ? -7.612  1.243   9.548   1.00 12.47  ? 20  VAL A CG2 1 
ATOM   109  N N   . GLY A 1 21  ? -8.563  -3.033  7.568   1.00 11.36  ? 21  GLY A N   1 
ATOM   110  C CA  . GLY A 1 21  ? -9.162  -4.358  7.438   1.00 11.08  ? 21  GLY A CA  1 
ATOM   111  C C   . GLY A 1 21  ? -8.185  -5.483  7.652   1.00 12.21  ? 21  GLY A C   1 
ATOM   112  O O   . GLY A 1 21  ? -6.997  -5.351  7.368   1.00 9.66   ? 21  GLY A O   1 
ATOM   113  N N   . THR A 1 22  ? -8.695  -6.601  8.165   1.00 12.69  ? 22  THR A N   1 
ATOM   114  C CA  . THR A 1 22  ? -7.891  -7.794  8.369   1.00 13.57  ? 22  THR A CA  1 
ATOM   115  C C   . THR A 1 22  ? -7.680  -8.477  7.028   1.00 15.65  ? 22  THR A C   1 
ATOM   116  O O   . THR A 1 22  ? -8.627  -8.661  6.259   1.00 18.08  ? 22  THR A O   1 
ATOM   117  C CB  . THR A 1 22  ? -8.561  -8.766  9.366   1.00 16.18  ? 22  THR A CB  1 
ATOM   118  O OG1 . THR A 1 22  ? -8.693  -8.109  10.628  1.00 15.49  ? 22  THR A OG1 1 
ATOM   119  C CG2 . THR A 1 22  ? -7.725  -10.024 9.565   1.00 19.58  ? 22  THR A CG2 1 
ATOM   120  N N   . ILE A 1 23  ? -6.425  -8.817  6.750   1.00 13.99  ? 23  ILE A N   1 
ATOM   121  C CA  . ILE A 1 23  ? -6.058  -9.586  5.566   1.00 13.67  ? 23  ILE A CA  1 
ATOM   122  C C   . ILE A 1 23  ? -6.384  -11.051 5.876   1.00 15.03  ? 23  ILE A C   1 
ATOM   123  O O   . ILE A 1 23  ? -5.799  -11.629 6.794   1.00 14.64  ? 23  ILE A O   1 
ATOM   124  C CB  . ILE A 1 23  ? -4.567  -9.397  5.217   1.00 14.08  ? 23  ILE A CB  1 
ATOM   125  C CG1 . ILE A 1 23  ? -4.296  -7.903  4.956   1.00 12.81  ? 23  ILE A CG1 1 
ATOM   126  C CG2 . ILE A 1 23  ? -4.181  -10.241 4.001   1.00 12.78  ? 23  ILE A CG2 1 
ATOM   127  C CD1 . ILE A 1 23  ? -2.864  -7.566  4.600   1.00 13.98  ? 23  ILE A CD1 1 
ATOM   128  N N   . PRO A 1 24  ? -7.312  -11.657 5.113   1.00 16.29  ? 24  PRO A N   1 
ATOM   129  C CA  . PRO A 1 24  ? -7.878  -12.950 5.527   1.00 16.13  ? 24  PRO A CA  1 
ATOM   130  C C   . PRO A 1 24  ? -6.997  -14.198 5.352   1.00 17.29  ? 24  PRO A C   1 
ATOM   131  O O   . PRO A 1 24  ? -7.448  -15.291 5.683   1.00 18.66  ? 24  PRO A O   1 
ATOM   132  C CB  . PRO A 1 24  ? -9.157  -13.052 4.686   1.00 18.57  ? 24  PRO A CB  1 
ATOM   133  C CG  . PRO A 1 24  ? -8.889  -12.234 3.484   1.00 17.70  ? 24  PRO A CG  1 
ATOM   134  C CD  . PRO A 1 24  ? -7.937  -11.147 3.878   1.00 14.66  ? 24  PRO A CD  1 
ATOM   135  N N   . ASP A 1 25  ? -5.772  -14.053 4.846   1.00 13.03  ? 25  ASP A N   1 
ATOM   136  C CA  . ASP A 1 25  ? -4.831  -15.167 4.747   1.00 13.65  ? 25  ASP A CA  1 
ATOM   137  C C   . ASP A 1 25  ? -3.390  -14.648 4.722   1.00 16.86  ? 25  ASP A C   1 
ATOM   138  O O   . ASP A 1 25  ? -3.165  -13.439 4.651   1.00 14.13  ? 25  ASP A O   1 
ATOM   139  C CB  . ASP A 1 25  ? -5.162  -15.993 3.492   1.00 16.80  ? 25  ASP A CB  1 
ATOM   140  C CG  . ASP A 1 25  ? -4.693  -17.438 3.578   1.00 20.25  ? 25  ASP A CG  1 
ATOM   141  O OD1 . ASP A 1 25  ? -3.913  -17.799 4.492   1.00 20.73  ? 25  ASP A OD1 1 
ATOM   142  O OD2 . ASP A 1 25  ? -5.080  -18.215 2.690   1.00 25.14  ? 25  ASP A OD2 1 
ATOM   143  N N   . GLN A 1 26  ? -2.432  -15.572 4.799   1.00 15.73  ? 26  GLN A N   1 
ATOM   144  C CA  . GLN A 1 26  ? -0.998  -15.275 4.843   1.00 20.68  ? 26  GLN A CA  1 
ATOM   145  C C   . GLN A 1 26  ? -0.500  -14.636 3.549   1.00 15.91  ? 26  GLN A C   1 
ATOM   146  O O   . GLN A 1 26  ? -0.971  -14.980 2.469   1.00 17.09  ? 26  GLN A O   1 
ATOM   147  C CB  . GLN A 1 26  ? -0.193  -16.568 5.060   1.00 24.59  ? 26  GLN A CB  1 
ATOM   148  C CG  . GLN A 1 26  ? -0.558  -17.368 6.307   1.00 33.05  ? 26  GLN A CG  1 
ATOM   149  C CD  . GLN A 1 26  ? 0.324   -18.598 6.524   1.00 43.21  ? 26  GLN A CD  1 
ATOM   150  O OE1 . GLN A 1 26  ? 1.298   -18.839 5.797   1.00 44.11  ? 26  GLN A OE1 1 
ATOM   151  N NE2 . GLN A 1 26  ? -0.022  -19.389 7.535   1.00 38.62  ? 26  GLN A NE2 1 
ATOM   152  N N   . LEU A 1 27  ? 0.459   -13.722 3.669   1.00 14.48  ? 27  LEU A N   1 
ATOM   153  C CA  . LEU A 1 27  ? 1.133   -13.135 2.507   1.00 14.81  ? 27  LEU A CA  1 
ATOM   154  C C   . LEU A 1 27  ? 2.347   -13.972 2.104   1.00 18.38  ? 27  LEU A C   1 
ATOM   155  O O   . LEU A 1 27  ? 3.500   -13.578 2.317   1.00 18.41  ? 27  LEU A O   1 
ATOM   156  C CB  . LEU A 1 27  ? 1.536   -11.685 2.793   1.00 13.99  ? 27  LEU A CB  1 
ATOM   157  C CG  . LEU A 1 27  ? 0.393   -10.712 3.083   1.00 13.57  ? 27  LEU A CG  1 
ATOM   158  C CD1 . LEU A 1 27  ? 0.953   -9.318  3.295   1.00 16.38  ? 27  LEU A CD1 1 
ATOM   159  C CD2 . LEU A 1 27  ? -0.657  -10.686 1.978   1.00 14.33  ? 27  LEU A CD2 1 
ATOM   160  N N   . ASP A 1 28  ? 2.068   -15.126 1.508   1.00 17.81  ? 28  ASP A N   1 
ATOM   161  C CA  . ASP A 1 28  ? 3.110   -16.028 1.031   1.00 17.91  ? 28  ASP A CA  1 
ATOM   162  C C   . ASP A 1 28  ? 3.640   -15.533 -0.314  1.00 14.92  ? 28  ASP A C   1 
ATOM   163  O O   . ASP A 1 28  ? 2.945   -14.786 -1.012  1.00 10.58  ? 28  ASP A O   1 
ATOM   164  C CB  . ASP A 1 28  ? 2.562   -17.448 0.868   1.00 22.02  ? 28  ASP A CB  1 
ATOM   165  C CG  . ASP A 1 28  ? 2.056   -18.047 2.172   1.00 24.52  ? 28  ASP A CG  1 
ATOM   166  O OD1 . ASP A 1 28  ? 2.701   -17.868 3.225   1.00 25.09  ? 28  ASP A OD1 1 
ATOM   167  O OD2 . ASP A 1 28  ? 1.001   -18.711 2.133   1.00 33.92  ? 28  ASP A OD2 1 
ATOM   168  N N   . PRO A 1 29  ? 4.862   -15.954 -0.698  1.00 15.76  ? 29  PRO A N   1 
ATOM   169  C CA  . PRO A 1 29  ? 5.398   -15.539 -1.990  1.00 16.37  ? 29  PRO A CA  1 
ATOM   170  C C   . PRO A 1 29  ? 4.444   -15.834 -3.142  1.00 14.34  ? 29  PRO A C   1 
ATOM   171  O O   . PRO A 1 29  ? 3.877   -16.927 -3.219  1.00 13.60  ? 29  PRO A O   1 
ATOM   172  C CB  . PRO A 1 29  ? 6.685   -16.364 -2.116  1.00 19.29  ? 29  PRO A CB  1 
ATOM   173  C CG  . PRO A 1 29  ? 7.111   -16.579 -0.704  1.00 19.58  ? 29  PRO A CG  1 
ATOM   174  C CD  . PRO A 1 29  ? 5.832   -16.786 0.048   1.00 20.50  ? 29  PRO A CD  1 
ATOM   175  N N   . GLY A 1 30  ? 4.252   -14.850 -4.014  1.00 12.63  ? 30  GLY A N   1 
ATOM   176  C CA  . GLY A 1 30  ? 3.265   -14.941 -5.081  1.00 15.15  ? 30  GLY A CA  1 
ATOM   177  C C   . GLY A 1 30  ? 1.903   -14.339 -4.774  1.00 11.85  ? 30  GLY A C   1 
ATOM   178  O O   . GLY A 1 30  ? 1.089   -14.175 -5.676  1.00 12.97  ? 30  GLY A O   1 
ATOM   179  N N   . THR A 1 31  ? 1.648   -13.991 -3.517  1.00 10.66  ? 31  THR A N   1 
ATOM   180  C CA  . THR A 1 31  ? 0.386   -13.371 -3.129  1.00 11.24  ? 31  THR A CA  1 
ATOM   181  C C   . THR A 1 31  ? 0.259   -11.964 -3.731  1.00 8.67   ? 31  THR A C   1 
ATOM   182  O O   . THR A 1 31  ? 1.223   -11.186 -3.723  1.00 7.77   ? 31  THR A O   1 
ATOM   183  C CB  . THR A 1 31  ? 0.242   -13.333 -1.588  1.00 12.70  ? 31  THR A CB  1 
ATOM   184  O OG1 . THR A 1 31  ? 0.187   -14.680 -1.093  1.00 14.99  ? 31  THR A OG1 1 
ATOM   185  C CG2 . THR A 1 31  ? -1.015  -12.556 -1.136  1.00 11.53  ? 31  THR A CG2 1 
ATOM   186  N N   . LEU A 1 32  ? -0.923  -11.671 -4.271  1.00 8.76   ? 32  LEU A N   1 
ATOM   187  C CA  . LEU A 1 32  ? -1.246  -10.353 -4.831  1.00 9.58   ? 32  LEU A CA  1 
ATOM   188  C C   . LEU A 1 32  ? -2.278  -9.616  -3.972  1.00 8.64   ? 32  LEU A C   1 
ATOM   189  O O   . LEU A 1 32  ? -3.229  -10.213 -3.472  1.00 9.35   ? 32  LEU A O   1 
ATOM   190  C CB  . LEU A 1 32  ? -1.772  -10.478 -6.264  1.00 9.74   ? 32  LEU A CB  1 
ATOM   191  C CG  . LEU A 1 32  ? -0.933  -11.311 -7.245  1.00 10.44  ? 32  LEU A CG  1 
ATOM   192  C CD1 . LEU A 1 32  ? -1.643  -11.410 -8.583  1.00 10.86  ? 32  LEU A CD1 1 
ATOM   193  C CD2 . LEU A 1 32  ? 0.457   -10.726 -7.441  1.00 11.29  ? 32  LEU A CD2 1 
ATOM   194  N N   . ILE A 1 33  ? -2.062  -8.315  -3.797  1.00 8.43   ? 33  ILE A N   1 
ATOM   195  C CA  . ILE A 1 33  ? -3.046  -7.406  -3.227  1.00 8.23   ? 33  ILE A CA  1 
ATOM   196  C C   . ILE A 1 33  ? -3.373  -6.433  -4.349  1.00 8.24   ? 33  ILE A C   1 
ATOM   197  O O   . ILE A 1 33  ? -2.482  -5.766  -4.856  1.00 8.00   ? 33  ILE A O   1 
ATOM   198  C CB  . ILE A 1 33  ? -2.481  -6.631  -2.017  1.00 9.25   ? 33  ILE A CB  1 
ATOM   199  C CG1 . ILE A 1 33  ? -2.012  -7.607  -0.925  1.00 10.20  ? 33  ILE A CG1 1 
ATOM   200  C CG2 . ILE A 1 33  ? -3.514  -5.645  -1.468  1.00 9.57   ? 33  ILE A CG2 1 
ATOM   201  C CD1 . ILE A 1 33  ? -1.230  -6.964  0.203   1.00 11.27  ? 33  ILE A CD1 1 
ATOM   202  N N   . VAL A 1 34  ? -4.643  -6.355  -4.734  1.00 7.93   ? 34  VAL A N   1 
ATOM   203  C CA  . VAL A 1 34  ? -5.052  -5.566  -5.890  1.00 8.82   ? 34  VAL A CA  1 
ATOM   204  C C   . VAL A 1 34  ? -6.037  -4.499  -5.433  1.00 8.61   ? 34  VAL A C   1 
ATOM   205  O O   . VAL A 1 34  ? -7.095  -4.808  -4.885  1.00 8.99   ? 34  VAL A O   1 
ATOM   206  C CB  . VAL A 1 34  ? -5.686  -6.450  -6.982  1.00 9.95   ? 34  VAL A CB  1 
ATOM   207  C CG1 . VAL A 1 34  ? -6.053  -5.619  -8.204  1.00 9.86   ? 34  VAL A CG1 1 
ATOM   208  C CG2 . VAL A 1 34  ? -4.721  -7.566  -7.361  1.00 11.15  ? 34  VAL A CG2 1 
ATOM   209  N N   . ILE A 1 35  ? -5.668  -3.246  -5.661  1.00 8.29   ? 35  ILE A N   1 
ATOM   210  C CA  . ILE A 1 35  ? -6.429  -2.096  -5.195  1.00 8.04   ? 35  ILE A CA  1 
ATOM   211  C C   . ILE A 1 35  ? -6.717  -1.181  -6.387  1.00 8.92   ? 35  ILE A C   1 
ATOM   212  O O   . ILE A 1 35  ? -5.794  -0.705  -7.056  1.00 8.69   ? 35  ILE A O   1 
ATOM   213  C CB  . ILE A 1 35  ? -5.642  -1.316  -4.131  1.00 7.88   ? 35  ILE A CB  1 
ATOM   214  C CG1 . ILE A 1 35  ? -5.312  -2.223  -2.937  1.00 8.12   ? 35  ILE A CG1 1 
ATOM   215  C CG2 . ILE A 1 35  ? -6.416  -0.083  -3.671  1.00 7.41   ? 35  ILE A CG2 1 
ATOM   216  C CD1 . ILE A 1 35  ? -4.265  -1.657  -2.008  1.00 9.48   ? 35  ILE A CD1 1 
ATOM   217  N N   . ARG A 1 36  ? -7.998  -0.927  -6.628  1.00 9.60   ? 36  ARG A N   1 
ATOM   218  C CA  . ARG A 1 36  ? -8.440  -0.079  -7.722  1.00 9.56   ? 36  ARG A CA  1 
ATOM   219  C C   . ARG A 1 36  ? -9.156  1.116   -7.138  1.00 9.75   ? 36  ARG A C   1 
ATOM   220  O O   . ARG A 1 36  ? -9.930  0.981   -6.188  1.00 9.87   ? 36  ARG A O   1 
ATOM   221  C CB  . ARG A 1 36  ? -9.361  -0.853  -8.662  1.00 11.46  ? 36  ARG A CB  1 
ATOM   222  C CG  . ARG A 1 36  ? -8.668  -2.008  -9.348  1.00 13.47  ? 36  ARG A CG  1 
ATOM   223  C CD  . ARG A 1 36  ? -9.638  -2.833  -10.173 1.00 17.21  ? 36  ARG A CD  1 
ATOM   224  N NE  . ARG A 1 36  ? -8.921  -3.911  -10.865 1.00 25.00  ? 36  ARG A NE  1 
ATOM   225  C CZ  . ARG A 1 36  ? -8.998  -5.220  -10.592 1.00 31.29  ? 36  ARG A CZ  1 
ATOM   226  N NH1 . ARG A 1 36  ? -9.783  -5.706  -9.625  1.00 37.42  ? 36  ARG A NH1 1 
ATOM   227  N NH2 . ARG A 1 36  ? -8.276  -6.073  -11.321 1.00 35.09  ? 36  ARG A NH2 1 
ATOM   228  N N   . GLY A 1 37  ? -8.894  2.289   -7.699  1.00 9.48   ? 37  GLY A N   1 
ATOM   229  C CA  . GLY A 1 37  ? -9.432  3.525   -7.151  1.00 9.94   ? 37  GLY A CA  1 
ATOM   230  C C   . GLY A 1 37  ? -9.152  4.705   -8.048  1.00 10.06  ? 37  GLY A C   1 
ATOM   231  O O   . GLY A 1 37  ? -8.742  4.529   -9.198  1.00 11.06  ? 37  GLY A O   1 
ATOM   232  N N   . HIS A 1 38  ? -9.394  5.901   -7.524  1.00 11.37  ? 38  HIS A N   1 
ATOM   233  C CA  . HIS A 1 38  ? -9.064  7.141   -8.232  1.00 14.14  ? 38  HIS A CA  1 
ATOM   234  C C   . HIS A 1 38  ? -8.617  8.223   -7.262  1.00 14.15  ? 38  HIS A C   1 
ATOM   235  O O   . HIS A 1 38  ? -8.952  8.192   -6.067  1.00 13.58  ? 38  HIS A O   1 
ATOM   236  C CB  . HIS A 1 38  ? -10.213 7.597   -9.167  1.00 17.18  ? 38  HIS A CB  1 
ATOM   237  C CG  . HIS A 1 38  ? -11.323 8.346   -8.490  1.00 21.69  ? 38  HIS A CG  1 
ATOM   238  N ND1 . HIS A 1 38  ? -12.493 7.740   -8.085  1.00 23.61  ? 38  HIS A ND1 1 
ATOM   239  C CD2 . HIS A 1 38  ? -11.468 9.661   -8.199  1.00 23.01  ? 38  HIS A CD2 1 
ATOM   240  C CE1 . HIS A 1 38  ? -13.298 8.635   -7.550  1.00 23.59  ? 38  HIS A CE1 1 
ATOM   241  N NE2 . HIS A 1 38  ? -12.700 9.812   -7.605  1.00 24.96  ? 38  HIS A NE2 1 
ATOM   242  N N   . VAL A 1 39  ? -7.846  9.168   -7.796  1.00 12.00  ? 39  VAL A N   1 
ATOM   243  C CA  . VAL A 1 39  ? -7.249  10.227  -7.019  1.00 11.94  ? 39  VAL A CA  1 
ATOM   244  C C   . VAL A 1 39  ? -8.089  11.494  -7.197  1.00 14.23  ? 39  VAL A C   1 
ATOM   245  O O   . VAL A 1 39  ? -8.291  11.939  -8.330  1.00 14.55  ? 39  VAL A O   1 
ATOM   246  C CB  . VAL A 1 39  ? -5.802  10.499  -7.470  1.00 11.95  ? 39  VAL A CB  1 
ATOM   247  C CG1 . VAL A 1 39  ? -5.146  11.530  -6.568  1.00 11.25  ? 39  VAL A CG1 1 
ATOM   248  C CG2 . VAL A 1 39  ? -4.995  9.202   -7.471  1.00 13.14  ? 39  VAL A CG2 1 
ATOM   249  N N   . PRO A 1 40  ? -8.580  12.073  -6.092  1.00 16.31  ? 40  PRO A N   1 
ATOM   250  C CA  . PRO A 1 40  ? -9.345  13.317  -6.222  1.00 18.44  ? 40  PRO A CA  1 
ATOM   251  C C   . PRO A 1 40  ? -8.480  14.506  -6.646  1.00 17.56  ? 40  PRO A C   1 
ATOM   252  O O   . PRO A 1 40  ? -7.248  14.482  -6.501  1.00 15.46  ? 40  PRO A O   1 
ATOM   253  C CB  . PRO A 1 40  ? -9.949  13.524  -4.828  1.00 23.25  ? 40  PRO A CB  1 
ATOM   254  C CG  . PRO A 1 40  ? -9.139  12.692  -3.900  1.00 23.70  ? 40  PRO A CG  1 
ATOM   255  C CD  . PRO A 1 40  ? -8.536  11.578  -4.704  1.00 19.94  ? 40  PRO A CD  1 
ATOM   256  N N   . SER A 1 41  ? -9.136  15.536  -7.172  1.00 17.99  ? 41  SER A N   1 
ATOM   257  C CA  . SER A 1 41  ? -8.443  16.702  -7.736  1.00 16.59  ? 41  SER A CA  1 
ATOM   258  C C   . SER A 1 41  ? -7.596  17.465  -6.718  1.00 17.41  ? 41  SER A C   1 
ATOM   259  O O   . SER A 1 41  ? -6.609  18.095  -7.086  1.00 22.50  ? 41  SER A O   1 
ATOM   260  C CB  . SER A 1 41  ? -9.458  17.645  -8.385  1.00 17.29  ? 41  SER A CB  1 
ATOM   261  O OG  . SER A 1 41  ? -10.383 18.111  -7.424  1.00 16.68  ? 41  SER A OG  1 
ATOM   262  N N   . ASP A 1 42  ? -7.976  17.395  -5.444  1.00 18.38  ? 42  ASP A N   1 
ATOM   263  C CA  . ASP A 1 42  ? -7.270  18.089  -4.365  1.00 20.63  ? 42  ASP A CA  1 
ATOM   264  C C   . ASP A 1 42  ? -6.285  17.212  -3.579  1.00 20.31  ? 42  ASP A C   1 
ATOM   265  O O   . ASP A 1 42  ? -5.799  17.636  -2.533  1.00 19.78  ? 42  ASP A O   1 
ATOM   266  C CB  . ASP A 1 42  ? -8.288  18.730  -3.397  1.00 25.06  ? 42  ASP A CB  1 
ATOM   267  C CG  . ASP A 1 42  ? -9.118  17.710  -2.634  1.00 25.86  ? 42  ASP A CG  1 
ATOM   268  O OD1 . ASP A 1 42  ? -9.216  16.549  -3.080  1.00 25.82  ? 42  ASP A OD1 1 
ATOM   269  O OD2 . ASP A 1 42  ? -9.692  18.077  -1.585  1.00 29.75  ? 42  ASP A OD2 1 
ATOM   270  N N   . ALA A 1 43  ? -5.986  16.007  -4.071  1.00 16.54  ? 43  ALA A N   1 
ATOM   271  C CA  . ALA A 1 43  ? -5.109  15.086  -3.341  1.00 14.92  ? 43  ALA A CA  1 
ATOM   272  C C   . ALA A 1 43  ? -3.724  15.679  -3.112  1.00 14.57  ? 43  ALA A C   1 
ATOM   273  O O   . ALA A 1 43  ? -3.089  16.178  -4.041  1.00 13.56  ? 43  ALA A O   1 
ATOM   274  C CB  . ALA A 1 43  ? -4.984  13.765  -4.077  1.00 14.97  ? 43  ALA A CB  1 
ATOM   275  N N   . ASP A 1 44  ? -3.294  15.644  -1.854  1.00 13.53  ? 44  ASP A N   1 
ATOM   276  C CA  . ASP A 1 44  ? -1.906  15.922  -1.466  1.00 15.16  ? 44  ASP A CA  1 
ATOM   277  C C   . ASP A 1 44  ? -1.111  14.613  -1.403  1.00 15.11  ? 44  ASP A C   1 
ATOM   278  O O   . ASP A 1 44  ? 0.013   14.521  -1.914  1.00 13.59  ? 44  ASP A O   1 
ATOM   279  C CB  . ASP A 1 44  ? -1.839  16.685  -0.117  1.00 18.16  ? 44  ASP A CB  1 
ATOM   280  C CG  . ASP A 1 44  ? -2.646  16.015  1.032   1.00 26.17  ? 44  ASP A CG  1 
ATOM   281  O OD1 . ASP A 1 44  ? -3.544  15.153  0.790   1.00 18.28  ? 44  ASP A OD1 1 
ATOM   282  O OD2 . ASP A 1 44  ? -2.380  16.377  2.199   1.00 34.21  ? 44  ASP A OD2 1 
ATOM   283  N N   . ARG A 1 45  ? -1.712  13.604  -0.783  1.00 12.13  ? 45  ARG A N   1 
ATOM   284  C CA  . ARG A 1 45  ? -1.094  12.287  -0.660  1.00 11.53  ? 45  ARG A CA  1 
ATOM   285  C C   . ARG A 1 45  ? -2.132  11.259  -0.232  1.00 11.45  ? 45  ARG A C   1 
ATOM   286  O O   . ARG A 1 45  ? -3.207  11.607  0.271   1.00 10.72  ? 45  ARG A O   1 
ATOM   287  C CB  . ARG A 1 45  ? 0.032   12.326  0.371   1.00 10.26  ? 45  ARG A CB  1 
ATOM   288  C CG  . ARG A 1 45  ? -0.352  12.945  1.708   1.00 11.85  ? 45  ARG A CG  1 
ATOM   289  C CD  . ARG A 1 45  ? 0.771   12.792  2.718   1.00 14.72  ? 45  ARG A CD  1 
ATOM   290  N NE  . ARG A 1 45  ? 0.794   11.478  3.371   1.00 15.60  ? 45  ARG A NE  1 
ATOM   291  C CZ  . ARG A 1 45  ? 1.832   10.963  4.043   1.00 15.41  ? 45  ARG A CZ  1 
ATOM   292  N NH1 . ARG A 1 45  ? 2.992   11.615  4.146   1.00 15.74  ? 45  ARG A NH1 1 
ATOM   293  N NH2 . ARG A 1 45  ? 1.720   9.771   4.621   1.00 15.26  ? 45  ARG A NH2 1 
ATOM   294  N N   . PHE A 1 46  ? -1.807  9.993   -0.458  1.00 9.68   ? 46  PHE A N   1 
ATOM   295  C CA  . PHE A 1 46  ? -2.514  8.883   0.196   1.00 9.53   ? 46  PHE A CA  1 
ATOM   296  C C   . PHE A 1 46  ? -1.513  7.786   0.459   1.00 8.91   ? 46  PHE A C   1 
ATOM   297  O O   . PHE A 1 46  ? -0.376  7.861   0.002   1.00 9.17   ? 46  PHE A O   1 
ATOM   298  C CB  . PHE A 1 46  ? -3.729  8.388   -0.612  1.00 8.78   ? 46  PHE A CB  1 
ATOM   299  C CG  . PHE A 1 46  ? -3.398  7.571   -1.829  1.00 9.12   ? 46  PHE A CG  1 
ATOM   300  C CD1 . PHE A 1 46  ? -3.273  6.183   -1.748  1.00 9.40   ? 46  PHE A CD1 1 
ATOM   301  C CD2 . PHE A 1 46  ? -3.278  8.180   -3.079  1.00 9.56   ? 46  PHE A CD2 1 
ATOM   302  C CE1 . PHE A 1 46  ? -2.998  5.428   -2.880  1.00 8.81   ? 46  PHE A CE1 1 
ATOM   303  C CE2 . PHE A 1 46  ? -3.006  7.429   -4.214  1.00 8.65   ? 46  PHE A CE2 1 
ATOM   304  C CZ  . PHE A 1 46  ? -2.862  6.052   -4.116  1.00 8.73   ? 46  PHE A CZ  1 
ATOM   305  N N   . GLN A 1 47  ? -1.921  6.785   1.218   1.00 8.42   ? 47  GLN A N   1 
ATOM   306  C CA  . GLN A 1 47  ? -1.011  5.699   1.533   1.00 8.65   ? 47  GLN A CA  1 
ATOM   307  C C   . GLN A 1 47  ? -1.730  4.379   1.656   1.00 7.56   ? 47  GLN A C   1 
ATOM   308  O O   . GLN A 1 47  ? -2.883  4.329   2.094   1.00 7.70   ? 47  GLN A O   1 
ATOM   309  C CB  . GLN A 1 47  ? -0.231  6.004   2.816   1.00 8.17   ? 47  GLN A CB  1 
ATOM   310  C CG  . GLN A 1 47  ? -1.030  5.884   4.109   1.00 9.33   ? 47  GLN A CG  1 
ATOM   311  C CD  . GLN A 1 47  ? -0.466  6.761   5.210   1.00 11.97  ? 47  GLN A CD  1 
ATOM   312  O OE1 . GLN A 1 47  ? -0.383  7.986   5.064   1.00 12.38  ? 47  GLN A OE1 1 
ATOM   313  N NE2 . GLN A 1 47  ? -0.049  6.144   6.308   1.00 10.63  ? 47  GLN A NE2 1 
ATOM   314  N N   . VAL A 1 48  ? -1.029  3.324   1.249   1.00 7.91   ? 48  VAL A N   1 
ATOM   315  C CA  . VAL A 1 48  ? -1.436  1.951   1.480   1.00 7.38   ? 48  VAL A CA  1 
ATOM   316  C C   . VAL A 1 48  ? -0.401  1.375   2.441   1.00 7.35   ? 48  VAL A C   1 
ATOM   317  O O   . VAL A 1 48  ? 0.803   1.365   2.124   1.00 7.00   ? 48  VAL A O   1 
ATOM   318  C CB  . VAL A 1 48  ? -1.438  1.134   0.180   1.00 8.60   ? 48  VAL A CB  1 
ATOM   319  C CG1 . VAL A 1 48  ? -1.812  -0.321  0.457   1.00 8.61   ? 48  VAL A CG1 1 
ATOM   320  C CG2 . VAL A 1 48  ? -2.386  1.771   -0.836  1.00 10.36  ? 48  VAL A CG2 1 
ATOM   321  N N   . ASP A 1 49  ? -0.868  0.927   3.609   1.00 7.22   ? 49  ASP A N   1 
ATOM   322  C CA  . ASP A 1 49  ? -0.001  0.415   4.662   1.00 7.49   ? 49  ASP A CA  1 
ATOM   323  C C   . ASP A 1 49  ? -0.288  -1.051  4.954   1.00 6.83   ? 49  ASP A C   1 
ATOM   324  O O   . ASP A 1 49  ? -1.425  -1.419  5.247   1.00 6.72   ? 49  ASP A O   1 
ATOM   325  C CB  . ASP A 1 49  ? -0.190  1.210   5.962   1.00 8.65   ? 49  ASP A CB  1 
ATOM   326  C CG  . ASP A 1 49  ? 0.293   2.644   5.867   1.00 9.71   ? 49  ASP A CG  1 
ATOM   327  O OD1 . ASP A 1 49  ? 1.110   2.968   4.976   1.00 8.42   ? 49  ASP A OD1 1 
ATOM   328  O OD2 . ASP A 1 49  ? -0.145  3.469   6.713   1.00 11.06  ? 49  ASP A OD2 1 
ATOM   329  N N   . LEU A 1 50  ? 0.752   -1.881  4.905   1.00 6.99   ? 50  LEU A N   1 
ATOM   330  C CA  . LEU A 1 50  ? 0.647   -3.271  5.347   1.00 7.46   ? 50  LEU A CA  1 
ATOM   331  C C   . LEU A 1 50  ? 1.165   -3.342  6.775   1.00 7.51   ? 50  LEU A C   1 
ATOM   332  O O   . LEU A 1 50  ? 2.346   -3.090  7.022   1.00 7.86   ? 50  LEU A O   1 
ATOM   333  C CB  . LEU A 1 50  ? 1.416   -4.190  4.416   1.00 8.43   ? 50  LEU A CB  1 
ATOM   334  C CG  . LEU A 1 50  ? 1.055   -4.082  2.932   1.00 9.02   ? 50  LEU A CG  1 
ATOM   335  C CD1 . LEU A 1 50  ? 1.769   -5.161  2.141   1.00 9.23   ? 50  LEU A CD1 1 
ATOM   336  C CD2 . LEU A 1 50  ? -0.456  -4.163  2.718   1.00 10.21  ? 50  LEU A CD2 1 
ATOM   337  N N   . GLN A 1 51  ? 0.267   -3.674  7.700   1.00 7.55   ? 51  GLN A N   1 
ATOM   338  C CA  . GLN A 1 51  ? 0.480   -3.468  9.134   1.00 8.70   ? 51  GLN A CA  1 
ATOM   339  C C   . GLN A 1 51  ? 0.486   -4.766  9.930   1.00 10.22  ? 51  GLN A C   1 
ATOM   340  O O   . GLN A 1 51  ? -0.154  -5.758  9.559   1.00 8.87   ? 51  GLN A O   1 
ATOM   341  C CB  . GLN A 1 51  ? -0.617  -2.564  9.711   1.00 8.90   ? 51  GLN A CB  1 
ATOM   342  C CG  . GLN A 1 51  ? -0.721  -1.192  9.057   1.00 9.94   ? 51  GLN A CG  1 
ATOM   343  C CD  . GLN A 1 51  ? -1.884  -0.348  9.564   1.00 9.64   ? 51  GLN A CD  1 
ATOM   344  O OE1 . GLN A 1 51  ? -2.187  0.698   8.989   1.00 9.53   ? 51  GLN A OE1 1 
ATOM   345  N NE2 . GLN A 1 51  ? -2.534  -0.785  10.645  1.00 9.33   ? 51  GLN A NE2 1 
ATOM   346  N N   . ASN A 1 52  ? 1.205   -4.728  11.047  1.00 10.27  ? 52  ASN A N   1 
ATOM   347  C CA  . ASN A 1 52  ? 1.134   -5.773  12.051  1.00 10.89  ? 52  ASN A CA  1 
ATOM   348  C C   . ASN A 1 52  ? 0.092   -5.313  13.051  1.00 10.56  ? 52  ASN A C   1 
ATOM   349  O O   . ASN A 1 52  ? 0.395   -4.557  13.981  1.00 9.28   ? 52  ASN A O   1 
ATOM   350  C CB  . ASN A 1 52  ? 2.502   -5.995  12.715  1.00 13.14  ? 52  ASN A CB  1 
ATOM   351  C CG  . ASN A 1 52  ? 2.469   -7.084  13.788  1.00 19.65  ? 52  ASN A CG  1 
ATOM   352  O OD1 . ASN A 1 52  ? 1.442   -7.724  14.024  1.00 20.87  ? 52  ASN A OD1 1 
ATOM   353  N ND2 . ASN A 1 52  ? 3.609   -7.307  14.429  1.00 24.82  ? 52  ASN A ND2 1 
ATOM   354  N N   . GLY A 1 53  ? -1.142  -5.758  12.831  1.00 10.09  ? 53  GLY A N   1 
ATOM   355  C CA  . GLY A 1 53  ? -2.272  -5.384  13.658  1.00 11.50  ? 53  GLY A CA  1 
ATOM   356  C C   . GLY A 1 53  ? -2.785  -3.987  13.351  1.00 11.22  ? 53  GLY A C   1 
ATOM   357  O O   . GLY A 1 53  ? -2.349  -3.344  12.387  1.00 10.39  ? 53  GLY A O   1 
ATOM   358  N N   . SER A 1 54  ? -3.713  -3.523  14.186  1.00 10.29  ? 54  SER A N   1 
ATOM   359  C CA  . SER A 1 54  ? -4.387  -2.229  14.004  1.00 11.30  ? 54  SER A CA  1 
ATOM   360  C C   . SER A 1 54  ? -4.336  -1.335  15.249  1.00 12.86  ? 54  SER A C   1 
ATOM   361  O O   . SER A 1 54  ? -5.117  -0.391  15.369  1.00 11.07  ? 54  SER A O   1 
ATOM   362  C CB  . SER A 1 54  ? -5.836  -2.475  13.599  1.00 12.27  ? 54  SER A CB  1 
ATOM   363  O OG  . SER A 1 54  ? -6.504  -3.220  14.595  1.00 13.16  ? 54  SER A OG  1 
ATOM   364  N N   . SER A 1 55  ? -3.418  -1.617  16.171  1.00 12.56  ? 55  SER A N   1 
ATOM   365  C CA  . SER A 1 55  ? -3.280  -0.789  17.360  1.00 14.85  ? 55  SER A CA  1 
ATOM   366  C C   . SER A 1 55  ? -2.981  0.654   16.969  1.00 14.05  ? 55  SER A C   1 
ATOM   367  O O   . SER A 1 55  ? -2.240  0.901   16.019  1.00 12.00  ? 55  SER A O   1 
ATOM   368  C CB  . SER A 1 55  ? -2.148  -1.312  18.250  1.00 18.17  ? 55  SER A CB  1 
ATOM   369  O OG  . SER A 1 55  ? -2.020  -0.518  19.418  1.00 21.68  ? 55  SER A OG  1 
ATOM   370  N N   . VAL A 1 56  ? -3.574  1.596   17.697  1.00 14.56  ? 56  VAL A N   1 
ATOM   371  C CA  . VAL A 1 56  ? -3.245  3.021   17.558  1.00 16.11  ? 56  VAL A CA  1 
ATOM   372  C C   . VAL A 1 56  ? -2.329  3.542   18.677  1.00 18.00  ? 56  VAL A C   1 
ATOM   373  O O   . VAL A 1 56  ? -1.676  4.570   18.495  1.00 20.28  ? 56  VAL A O   1 
ATOM   374  C CB  . VAL A 1 56  ? -4.509  3.909   17.441  1.00 17.64  ? 56  VAL A CB  1 
ATOM   375  C CG1 . VAL A 1 56  ? -5.233  3.623   16.126  1.00 22.18  ? 56  VAL A CG1 1 
ATOM   376  C CG2 . VAL A 1 56  ? -5.446  3.728   18.632  1.00 18.63  ? 56  VAL A CG2 1 
ATOM   377  N N   . LYS A 1 57  ? -2.265  2.825   19.802  1.00 18.05  ? 57  LYS A N   1 
ATOM   378  C CA  . LYS A 1 57  ? -1.448  3.206   20.957  1.00 23.26  ? 57  LYS A CA  1 
ATOM   379  C C   . LYS A 1 57  ? -0.914  1.924   21.646  1.00 22.39  ? 57  LYS A C   1 
ATOM   380  O O   . LYS A 1 57  ? -1.678  1.258   22.354  1.00 22.37  ? 57  LYS A O   1 
ATOM   381  C CB  . LYS A 1 57  ? -2.314  4.039   21.919  1.00 28.15  ? 57  LYS A CB  1 
ATOM   382  C CG  . LYS A 1 57  ? -1.582  5.094   22.740  1.00 32.90  ? 57  LYS A CG  1 
ATOM   383  C CD  . LYS A 1 57  ? -2.577  5.919   23.555  1.00 35.18  ? 57  LYS A CD  1 
ATOM   384  C CE  . LYS A 1 57  ? -2.334  7.421   23.478  1.00 41.14  ? 57  LYS A CE  1 
ATOM   385  N NZ  . LYS A 1 57  ? -1.217  7.899   24.335  1.00 37.88  ? 57  LYS A NZ  1 
ATOM   386  N N   . PRO A 1 58  ? 0.344   1.518   21.425  1.00 15.56  ? 58  PRO A N   1 
ATOM   387  C CA  . PRO A 1 58  ? 1.272   2.102   20.456  1.00 16.27  ? 58  PRO A CA  1 
ATOM   388  C C   . PRO A 1 58  ? 0.794   1.871   19.023  1.00 14.49  ? 58  PRO A C   1 
ATOM   389  O O   . PRO A 1 58  ? 0.062   0.917   18.765  1.00 15.04  ? 58  PRO A O   1 
ATOM   390  C CB  . PRO A 1 58  ? 2.561   1.320   20.707  1.00 16.77  ? 58  PRO A CB  1 
ATOM   391  C CG  . PRO A 1 58  ? 2.093   -0.022  21.145  1.00 16.73  ? 58  PRO A CG  1 
ATOM   392  C CD  . PRO A 1 58  ? 0.800   0.194   21.887  1.00 17.37  ? 58  PRO A CD  1 
ATOM   393  N N   . ARG A 1 59  ? 1.179   2.753   18.112  1.00 14.42  ? 59  ARG A N   1 
ATOM   394  C CA  . ARG A 1 59  ? 0.795   2.590   16.708  1.00 13.89  ? 59  ARG A CA  1 
ATOM   395  C C   . ARG A 1 59  ? 1.344   1.276   16.144  1.00 12.47  ? 59  ARG A C   1 
ATOM   396  O O   . ARG A 1 59  ? 2.534   0.978   16.307  1.00 13.18  ? 59  ARG A O   1 
ATOM   397  C CB  . ARG A 1 59  ? 1.278   3.763   15.865  1.00 13.67  ? 59  ARG A CB  1 
ATOM   398  C CG  . ARG A 1 59  ? 0.831   3.673   14.415  1.00 13.15  ? 59  ARG A CG  1 
ATOM   399  C CD  . ARG A 1 59  ? 1.212   4.922   13.665  1.00 13.89  ? 59  ARG A CD  1 
ATOM   400  N NE  . ARG A 1 59  ? 1.083   4.743   12.222  1.00 13.58  ? 59  ARG A NE  1 
ATOM   401  C CZ  . ARG A 1 59  ? 1.466   5.641   11.313  1.00 15.35  ? 59  ARG A CZ  1 
ATOM   402  N NH1 . ARG A 1 59  ? 2.013   6.796   11.679  1.00 19.01  ? 59  ARG A NH1 1 
ATOM   403  N NH2 . ARG A 1 59  ? 1.310   5.380   10.021  1.00 17.45  ? 59  ARG A NH2 1 
ATOM   404  N N   . ALA A 1 60  ? 0.465   0.498   15.506  1.00 10.46  ? 60  ALA A N   1 
ATOM   405  C CA  . ALA A 1 60  ? 0.842   -0.725  14.801  1.00 11.06  ? 60  ALA A CA  1 
ATOM   406  C C   . ALA A 1 60  ? 2.063   -0.498  13.903  1.00 9.86   ? 60  ALA A C   1 
ATOM   407  O O   . ALA A 1 60  ? 2.130   0.500   13.182  1.00 10.31  ? 60  ALA A O   1 
ATOM   408  C CB  . ALA A 1 60  ? -0.320  -1.228  13.956  1.00 10.85  ? 60  ALA A CB  1 
ATOM   409  N N   . ASP A 1 61  ? 3.014   -1.423  13.952  1.00 8.35   ? 61  ASP A N   1 
ATOM   410  C CA  . ASP A 1 61  ? 4.156   -1.372  13.041  1.00 9.98   ? 61  ASP A CA  1 
ATOM   411  C C   . ASP A 1 61  ? 3.626   -1.497  11.606  1.00 10.48  ? 61  ASP A C   1 
ATOM   412  O O   . ASP A 1 61  ? 2.661   -2.229  11.357  1.00 9.05   ? 61  ASP A O   1 
ATOM   413  C CB  . ASP A 1 61  ? 5.139   -2.504  13.300  1.00 11.11  ? 61  ASP A CB  1 
ATOM   414  C CG  . ASP A 1 61  ? 5.883   -2.374  14.631  1.00 13.08  ? 61  ASP A CG  1 
ATOM   415  O OD1 . ASP A 1 61  ? 5.841   -1.317  15.290  1.00 13.96  ? 61  ASP A OD1 1 
ATOM   416  O OD2 . ASP A 1 61  ? 6.509   -3.368  15.012  1.00 18.79  ? 61  ASP A OD2 1 
ATOM   417  N N   . VAL A 1 62  ? 4.260   -0.771  10.692  1.00 8.88   ? 62  VAL A N   1 
ATOM   418  C CA  . VAL A 1 62  ? 3.896   -0.777  9.277   1.00 8.42   ? 62  VAL A CA  1 
ATOM   419  C C   . VAL A 1 62  ? 5.057   -1.414  8.545   1.00 8.24   ? 62  VAL A C   1 
ATOM   420  O O   . VAL A 1 62  ? 6.110   -0.796  8.398   1.00 8.17   ? 62  VAL A O   1 
ATOM   421  C CB  . VAL A 1 62  ? 3.631   0.638   8.737   1.00 7.78   ? 62  VAL A CB  1 
ATOM   422  C CG1 . VAL A 1 62  ? 3.293   0.608   7.234   1.00 7.18   ? 62  VAL A CG1 1 
ATOM   423  C CG2 . VAL A 1 62  ? 2.521   1.308   9.531   1.00 9.88   ? 62  VAL A CG2 1 
ATOM   424  N N   . ALA A 1 63  ? 4.872   -2.661  8.110   1.00 8.22   ? 63  ALA A N   1 
ATOM   425  C CA  . ALA A 1 63  ? 5.900   -3.375  7.348   1.00 8.50   ? 63  ALA A CA  1 
ATOM   426  C C   . ALA A 1 63  ? 6.232   -2.669  6.034   1.00 8.55   ? 63  ALA A C   1 
ATOM   427  O O   . ALA A 1 63  ? 7.401   -2.563  5.653   1.00 8.65   ? 63  ALA A O   1 
ATOM   428  C CB  . ALA A 1 63  ? 5.473   -4.808  7.085   1.00 8.29   ? 63  ALA A CB  1 
ATOM   429  N N   . PHE A 1 64  ? 5.191   -2.184  5.360   1.00 8.46   ? 64  PHE A N   1 
ATOM   430  C CA  . PHE A 1 64  ? 5.320   -1.549  4.052   1.00 7.91   ? 64  PHE A CA  1 
ATOM   431  C C   . PHE A 1 64  ? 4.330   -0.395  3.964   1.00 7.33   ? 64  PHE A C   1 
ATOM   432  O O   . PHE A 1 64  ? 3.112   -0.597  3.963   1.00 6.50   ? 64  PHE A O   1 
ATOM   433  C CB  . PHE A 1 64  ? 5.079   -2.595  2.950   1.00 8.89   ? 64  PHE A CB  1 
ATOM   434  C CG  . PHE A 1 64  ? 5.240   -2.075  1.534   1.00 9.06   ? 64  PHE A CG  1 
ATOM   435  C CD1 . PHE A 1 64  ? 6.291   -1.235  1.173   1.00 8.46   ? 64  PHE A CD1 1 
ATOM   436  C CD2 . PHE A 1 64  ? 4.346   -2.473  0.542   1.00 10.18  ? 64  PHE A CD2 1 
ATOM   437  C CE1 . PHE A 1 64  ? 6.433   -0.790  -0.134  1.00 8.98   ? 64  PHE A CE1 1 
ATOM   438  C CE2 . PHE A 1 64  ? 4.490   -2.029  -0.766  1.00 11.46  ? 64  PHE A CE2 1 
ATOM   439  C CZ  . PHE A 1 64  ? 5.534   -1.186  -1.103  1.00 10.05  ? 64  PHE A CZ  1 
ATOM   440  N N   . HIS A 1 65  ? 4.882   0.810   3.936   1.00 6.87   ? 65  HIS A N   1 
ATOM   441  C CA  . HIS A 1 65  ? 4.152   2.063   3.754   1.00 7.14   ? 65  HIS A CA  1 
ATOM   442  C C   . HIS A 1 65  ? 4.404   2.476   2.310   1.00 7.76   ? 65  HIS A C   1 
ATOM   443  O O   . HIS A 1 65  ? 5.551   2.712   1.924   1.00 7.61   ? 65  HIS A O   1 
ATOM   444  C CB  . HIS A 1 65  ? 4.714   3.079   4.762   1.00 7.74   ? 65  HIS A CB  1 
ATOM   445  C CG  . HIS A 1 65  ? 4.262   4.500   4.586   1.00 7.59   ? 65  HIS A CG  1 
ATOM   446  N ND1 . HIS A 1 65  ? 2.965   4.913   4.795   1.00 7.65   ? 65  HIS A ND1 1 
ATOM   447  C CD2 . HIS A 1 65  ? 4.978   5.626   4.355   1.00 7.33   ? 65  HIS A CD2 1 
ATOM   448  C CE1 . HIS A 1 65  ? 2.890   6.225   4.640   1.00 7.51   ? 65  HIS A CE1 1 
ATOM   449  N NE2 . HIS A 1 65  ? 4.101   6.682   4.386   1.00 8.74   ? 65  HIS A NE2 1 
ATOM   450  N N   . PHE A 1 66  ? 3.338   2.529   1.510   1.00 7.64   ? 66  PHE A N   1 
ATOM   451  C CA  . PHE A 1 66  ? 3.405   2.856   0.077   1.00 8.09   ? 66  PHE A CA  1 
ATOM   452  C C   . PHE A 1 66  ? 2.638   4.163   -0.072  1.00 7.53   ? 66  PHE A C   1 
ATOM   453  O O   . PHE A 1 66  ? 1.421   4.174   0.058   1.00 7.51   ? 66  PHE A O   1 
ATOM   454  C CB  . PHE A 1 66  ? 2.766   1.721   -0.743  1.00 8.25   ? 66  PHE A CB  1 
ATOM   455  C CG  . PHE A 1 66  ? 2.652   2.006   -2.224  1.00 7.91   ? 66  PHE A CG  1 
ATOM   456  C CD1 . PHE A 1 66  ? 3.725   1.764   -3.079  1.00 8.96   ? 66  PHE A CD1 1 
ATOM   457  C CD2 . PHE A 1 66  ? 1.475   2.500   -2.761  1.00 9.28   ? 66  PHE A CD2 1 
ATOM   458  C CE1 . PHE A 1 66  ? 3.628   2.006   -4.435  1.00 8.73   ? 66  PHE A CE1 1 
ATOM   459  C CE2 . PHE A 1 66  ? 1.368   2.755   -4.124  1.00 8.86   ? 66  PHE A CE2 1 
ATOM   460  C CZ  . PHE A 1 66  ? 2.442   2.500   -4.962  1.00 8.61   ? 66  PHE A CZ  1 
ATOM   461  N N   . ASN A 1 67  ? 3.346   5.264   -0.332  1.00 8.01   ? 67  ASN A N   1 
ATOM   462  C CA  . ASN A 1 67  ? 2.806   6.617   -0.099  1.00 8.24   ? 67  ASN A CA  1 
ATOM   463  C C   . ASN A 1 67  ? 2.979   7.544   -1.320  1.00 9.86   ? 67  ASN A C   1 
ATOM   464  O O   . ASN A 1 67  ? 3.960   8.297   -1.402  1.00 9.14   ? 67  ASN A O   1 
ATOM   465  C CB  . ASN A 1 67  ? 3.470   7.166   1.184   1.00 8.89   ? 67  ASN A CB  1 
ATOM   466  C CG  . ASN A 1 67  ? 3.103   8.606   1.522   1.00 9.30   ? 67  ASN A CG  1 
ATOM   467  O OD1 . ASN A 1 67  ? 3.940   9.340   2.078   1.00 8.89   ? 67  ASN A OD1 1 
ATOM   468  N ND2 . ASN A 1 67  ? 1.874   9.021   1.210   1.00 8.24   ? 67  ASN A ND2 1 
ATOM   469  N N   . PRO A 1 68  ? 2.026   7.489   -2.279  1.00 9.52   ? 68  PRO A N   1 
ATOM   470  C CA  . PRO A 1 68  ? 2.020   8.461   -3.372  1.00 9.99   ? 68  PRO A CA  1 
ATOM   471  C C   . PRO A 1 68  ? 1.801   9.888   -2.886  1.00 10.67  ? 68  PRO A C   1 
ATOM   472  O O   . PRO A 1 68  ? 0.904   10.133  -2.081  1.00 10.32  ? 68  PRO A O   1 
ATOM   473  C CB  . PRO A 1 68  ? 0.848   8.001   -4.238  1.00 10.45  ? 68  PRO A CB  1 
ATOM   474  C CG  . PRO A 1 68  ? 0.817   6.518   -4.011  1.00 9.52   ? 68  PRO A CG  1 
ATOM   475  C CD  . PRO A 1 68  ? 1.051   6.413   -2.532  1.00 9.16   ? 68  PRO A CD  1 
ATOM   476  N N   . ARG A 1 69  ? 2.648   10.801  -3.360  1.00 11.19  ? 69  ARG A N   1 
ATOM   477  C CA  . ARG A 1 69  ? 2.584   12.214  -2.999  1.00 11.60  ? 69  ARG A CA  1 
ATOM   478  C C   . ARG A 1 69  ? 2.476   13.014  -4.291  1.00 13.28  ? 69  ARG A C   1 
ATOM   479  O O   . ARG A 1 69  ? 3.090   12.657  -5.305  1.00 11.25  ? 69  ARG A O   1 
ATOM   480  C CB  . ARG A 1 69  ? 3.816   12.624  -2.189  1.00 14.16  ? 69  ARG A CB  1 
ATOM   481  C CG  . ARG A 1 69  ? 3.940   11.899  -0.851  1.00 13.52  ? 69  ARG A CG  1 
ATOM   482  C CD  . ARG A 1 69  ? 5.123   12.377  -0.025  1.00 12.28  ? 69  ARG A CD  1 
ATOM   483  N NE  . ARG A 1 69  ? 5.250   11.614  1.215   1.00 10.74  ? 69  ARG A NE  1 
ATOM   484  C CZ  . ARG A 1 69  ? 6.168   11.820  2.154   1.00 11.94  ? 69  ARG A CZ  1 
ATOM   485  N NH1 . ARG A 1 69  ? 7.083   12.782  2.016   1.00 13.72  ? 69  ARG A NH1 1 
ATOM   486  N NH2 . ARG A 1 69  ? 6.183   11.054  3.239   1.00 11.87  ? 69  ARG A NH2 1 
ATOM   487  N N   . PHE A 1 70  ? 1.686   14.088  -4.253  1.00 13.86  ? 70  PHE A N   1 
ATOM   488  C CA  . PHE A 1 70  ? 1.224   14.760  -5.476  1.00 14.87  ? 70  PHE A CA  1 
ATOM   489  C C   . PHE A 1 70  ? 1.703   16.191  -5.691  1.00 17.65  ? 70  PHE A C   1 
ATOM   490  O O   . PHE A 1 70  ? 1.615   16.695  -6.803  1.00 18.64  ? 70  PHE A O   1 
ATOM   491  C CB  . PHE A 1 70  ? -0.303  14.695  -5.544  1.00 16.20  ? 70  PHE A CB  1 
ATOM   492  C CG  . PHE A 1 70  ? -0.813  13.303  -5.741  1.00 13.25  ? 70  PHE A CG  1 
ATOM   493  C CD1 . PHE A 1 70  ? -0.900  12.762  -7.017  1.00 15.91  ? 70  PHE A CD1 1 
ATOM   494  C CD2 . PHE A 1 70  ? -1.135  12.498  -4.646  1.00 14.52  ? 70  PHE A CD2 1 
ATOM   495  C CE1 . PHE A 1 70  ? -1.343  11.459  -7.211  1.00 14.62  ? 70  PHE A CE1 1 
ATOM   496  C CE2 . PHE A 1 70  ? -1.574  11.195  -4.833  1.00 13.86  ? 70  PHE A CE2 1 
ATOM   497  C CZ  . PHE A 1 70  ? -1.676  10.674  -6.114  1.00 14.06  ? 70  PHE A CZ  1 
ATOM   498  N N   . LYS A 1 71  ? 2.218   16.840  -4.659  1.00 22.16  ? 71  LYS A N   1 
ATOM   499  C CA  . LYS A 1 71  ? 2.719   18.204  -4.826  1.00 30.79  ? 71  LYS A CA  1 
ATOM   500  C C   . LYS A 1 71  ? 3.920   18.246  -5.780  1.00 31.36  ? 71  LYS A C   1 
ATOM   501  O O   . LYS A 1 71  ? 4.718   17.298  -5.855  1.00 23.63  ? 71  LYS A O   1 
ATOM   502  C CB  . LYS A 1 71  ? 3.040   18.837  -3.472  1.00 32.57  ? 71  LYS A CB  1 
ATOM   503  C CG  . LYS A 1 71  ? 1.780   19.141  -2.665  1.00 40.73  ? 71  LYS A CG  1 
ATOM   504  C CD  . LYS A 1 71  ? 2.073   19.365  -1.193  1.00 49.87  ? 71  LYS A CD  1 
ATOM   505  C CE  . LYS A 1 71  ? 0.788   19.412  -0.387  1.00 55.52  ? 71  LYS A CE  1 
ATOM   506  N NZ  . LYS A 1 71  ? 1.059   19.470  1.074   1.00 65.43  ? 71  LYS A NZ  1 
ATOM   507  N N   . ARG A 1 72  ? 3.990   19.335  -6.545  1.00 33.51  ? 72  ARG A N   1 
ATOM   508  C CA  . ARG A 1 72  ? 5.053   19.579  -7.518  1.00 31.49  ? 72  ARG A CA  1 
ATOM   509  C C   . ARG A 1 72  ? 5.093   18.451  -8.565  1.00 27.30  ? 72  ARG A C   1 
ATOM   510  O O   . ARG A 1 72  ? 4.057   18.163  -9.163  1.00 26.00  ? 72  ARG A O   1 
ATOM   511  C CB  . ARG A 1 72  ? 6.383   19.839  -6.796  1.00 41.05  ? 72  ARG A CB  1 
ATOM   512  C CG  . ARG A 1 72  ? 6.332   21.040  -5.854  1.00 48.84  ? 72  ARG A CG  1 
ATOM   513  C CD  . ARG A 1 72  ? 7.496   21.047  -4.879  1.00 60.43  ? 72  ARG A CD  1 
ATOM   514  N NE  . ARG A 1 72  ? 8.787   20.971  -5.565  1.00 74.68  ? 72  ARG A NE  1 
ATOM   515  C CZ  . ARG A 1 72  ? 9.966   20.773  -4.968  1.00 94.55  ? 72  ARG A CZ  1 
ATOM   516  N NH1 . ARG A 1 72  ? 10.058  20.630  -3.644  1.00 96.88  ? 72  ARG A NH1 1 
ATOM   517  N NH2 . ARG A 1 72  ? 11.073  20.719  -5.706  1.00 103.21 ? 72  ARG A NH2 1 
ATOM   518  N N   . ALA A 1 73  ? 6.237   17.800  -8.791  1.00 23.13  ? 73  ALA A N   1 
ATOM   519  C CA  . ALA A 1 73  ? 6.315   16.758  -9.821  1.00 23.77  ? 73  ALA A CA  1 
ATOM   520  C C   . ALA A 1 73  ? 5.718   15.420  -9.351  1.00 20.68  ? 73  ALA A C   1 
ATOM   521  O O   . ALA A 1 73  ? 5.437   14.547  -10.173 1.00 22.38  ? 73  ALA A O   1 
ATOM   522  C CB  . ALA A 1 73  ? 7.758   16.564  -10.277 1.00 28.38  ? 73  ALA A CB  1 
ATOM   523  N N   . GLY A 1 74  ? 5.549   15.264  -8.040  1.00 18.95  ? 74  GLY A N   1 
ATOM   524  C CA  . GLY A 1 74  ? 5.034   14.032  -7.459  1.00 19.92  ? 74  GLY A CA  1 
ATOM   525  C C   . GLY A 1 74  ? 6.116   12.978  -7.283  1.00 20.33  ? 74  GLY A C   1 
ATOM   526  O O   . GLY A 1 74  ? 7.183   13.050  -7.894  1.00 15.26  ? 74  GLY A O   1 
HETATM 527  N N   . CME A 1 75  ? 5.831   11.998  -6.433  1.00 14.15  ? 75  CME A N   1 
HETATM 528  C CA  . CME A 1 75  ? 6.741   10.886  -6.179  1.00 12.55  ? 75  CME A CA  1 
HETATM 529  C CB  . CME A 1 75  ? 7.962   11.332  -5.359  1.00 14.64  ? 75  CME A CB  1 
HETATM 530  S SG  . CME A 1 75  ? 7.578   11.678  -3.662  1.00 19.07  ? 75  CME A SG  1 
HETATM 531  S SD  . CME A 1 75  ? 7.460   13.674  -3.665  1.00 38.66  ? 75  CME A SD  1 
HETATM 532  C CE  . CME A 1 75  ? 9.128   14.232  -3.834  1.00 42.41  ? 75  CME A CE  1 
HETATM 533  C CZ  . CME A 1 75  ? 9.685   14.763  -2.511  1.00 49.02  ? 75  CME A CZ  1 
HETATM 534  O OH  . CME A 1 75  ? 9.845   13.726  -1.527  1.00 45.05  ? 75  CME A OH  1 
HETATM 535  C C   . CME A 1 75  ? 5.971   9.823   -5.444  1.00 12.53  ? 75  CME A C   1 
HETATM 536  O O   . CME A 1 75  ? 4.785   10.002  -5.137  1.00 10.38  ? 75  CME A O   1 
ATOM   537  N N   . ILE A 1 76  ? 6.636   8.706   -5.173  1.00 10.36  ? 76  ILE A N   1 
ATOM   538  C CA  . ILE A 1 76  ? 6.140   7.720   -4.216  1.00 9.86   ? 76  ILE A CA  1 
ATOM   539  C C   . ILE A 1 76  ? 7.208   7.519   -3.151  1.00 9.29   ? 76  ILE A C   1 
ATOM   540  O O   . ILE A 1 76  ? 8.360   7.235   -3.474  1.00 10.35  ? 76  ILE A O   1 
ATOM   541  C CB  . ILE A 1 76  ? 5.828   6.361   -4.871  1.00 9.57   ? 76  ILE A CB  1 
ATOM   542  C CG1 . ILE A 1 76  ? 4.783   6.521   -5.994  1.00 9.03   ? 76  ILE A CG1 1 
ATOM   543  C CG2 . ILE A 1 76  ? 5.353   5.364   -3.810  1.00 9.38   ? 76  ILE A CG2 1 
ATOM   544  C CD1 . ILE A 1 76  ? 4.737   5.354   -6.967  1.00 8.96   ? 76  ILE A CD1 1 
ATOM   545  N N   . VAL A 1 77  ? 6.812   7.646   -1.889  1.00 10.09  ? 77  VAL A N   1 
ATOM   546  C CA  . VAL A 1 77  ? 7.688   7.391   -0.753  1.00 10.17  ? 77  VAL A CA  1 
ATOM   547  C C   . VAL A 1 77  ? 7.317   6.036   -0.174  1.00 9.71   ? 77  VAL A C   1 
ATOM   548  O O   . VAL A 1 77  ? 6.143   5.771   0.051   1.00 10.18  ? 77  VAL A O   1 
ATOM   549  C CB  . VAL A 1 77  ? 7.544   8.488   0.321   1.00 11.58  ? 77  VAL A CB  1 
ATOM   550  C CG1 . VAL A 1 77  ? 8.238   8.088   1.628   1.00 10.60  ? 77  VAL A CG1 1 
ATOM   551  C CG2 . VAL A 1 77  ? 8.087   9.803   -0.220  1.00 12.95  ? 77  VAL A CG2 1 
ATOM   552  N N   . CYS A 1 78  ? 8.315   5.178   0.044   1.00 8.47   ? 78  CYS A N   1 
ATOM   553  C CA  . CYS A 1 78  ? 8.105   3.930   0.773   1.00 8.61   ? 78  CYS A CA  1 
ATOM   554  C C   . CYS A 1 78  ? 8.954   3.884   2.043   1.00 8.98   ? 78  CYS A C   1 
ATOM   555  O O   . CYS A 1 78  ? 10.086  4.390   2.078   1.00 9.38   ? 78  CYS A O   1 
ATOM   556  C CB  . CYS A 1 78  ? 8.374   2.698   -0.103  1.00 8.83   ? 78  CYS A CB  1 
ATOM   557  S SG  . CYS A 1 78  ? 7.321   2.561   -1.573  1.00 10.06  ? 78  CYS A SG  1 
ATOM   558  N N   . ASN A 1 79  ? 8.393   3.298   3.094   1.00 7.91   ? 79  ASN A N   1 
ATOM   559  C CA  . ASN A 1 79  ? 9.095   3.190   4.371   1.00 8.43   ? 79  ASN A CA  1 
ATOM   560  C C   . ASN A 1 79  ? 8.490   2.088   5.238   1.00 8.36   ? 79  ASN A C   1 
ATOM   561  O O   . ASN A 1 79  ? 7.545   1.399   4.824   1.00 7.70   ? 79  ASN A O   1 
ATOM   562  C CB  . ASN A 1 79  ? 9.068   4.547   5.105   1.00 9.49   ? 79  ASN A CB  1 
ATOM   563  C CG  . ASN A 1 79  ? 10.302  4.784   5.980   1.00 10.04  ? 79  ASN A CG  1 
ATOM   564  O OD1 . ASN A 1 79  ? 10.998  3.846   6.385   1.00 10.55  ? 79  ASN A OD1 1 
ATOM   565  N ND2 . ASN A 1 79  ? 10.563  6.045   6.284   1.00 12.14  ? 79  ASN A ND2 1 
ATOM   566  N N   . THR A 1 80  ? 9.100   1.900   6.411   1.00 7.91   ? 80  THR A N   1 
ATOM   567  C CA  . THR A 1 80  ? 8.679   0.965   7.425   1.00 8.42   ? 80  THR A CA  1 
ATOM   568  C C   . THR A 1 80  ? 8.646   1.703   8.763   1.00 9.79   ? 80  THR A C   1 
ATOM   569  O O   . THR A 1 80  ? 9.534   2.520   9.059   1.00 9.46   ? 80  THR A O   1 
ATOM   570  C CB  . THR A 1 80  ? 9.686   -0.203  7.481   1.00 8.61   ? 80  THR A CB  1 
ATOM   571  O OG1 . THR A 1 80  ? 9.544   -0.996  6.297   1.00 8.50   ? 80  THR A OG1 1 
ATOM   572  C CG2 . THR A 1 80  ? 9.513   -1.081  8.728   1.00 9.40   ? 80  THR A CG2 1 
ATOM   573  N N   . LEU A 1 81  ? 7.612   1.428   9.551   1.00 8.94   ? 81  LEU A N   1 
ATOM   574  C CA  . LEU A 1 81  ? 7.458   2.002   10.884  1.00 10.66  ? 81  LEU A CA  1 
ATOM   575  C C   . LEU A 1 81  ? 7.619   0.875   11.899  1.00 11.18  ? 81  LEU A C   1 
ATOM   576  O O   . LEU A 1 81  ? 6.848   -0.085  11.895  1.00 9.80   ? 81  LEU A O   1 
ATOM   577  C CB  . LEU A 1 81  ? 6.081   2.648   11.032  1.00 11.12  ? 81  LEU A CB  1 
ATOM   578  C CG  . LEU A 1 81  ? 5.809   3.373   12.356  1.00 11.64  ? 81  LEU A CG  1 
ATOM   579  C CD1 . LEU A 1 81  ? 6.406   4.768   12.308  1.00 12.25  ? 81  LEU A CD1 1 
ATOM   580  C CD2 . LEU A 1 81  ? 4.319   3.436   12.654  1.00 12.81  ? 81  LEU A CD2 1 
ATOM   581  N N   . ILE A 1 82  ? 8.621   0.996   12.770  1.00 12.31  ? 82  ILE A N   1 
ATOM   582  C CA  . ILE A 1 82  ? 8.862   0.006   13.828  1.00 13.42  ? 82  ILE A CA  1 
ATOM   583  C C   . ILE A 1 82  ? 8.895   0.764   15.145  1.00 13.12  ? 82  ILE A C   1 
ATOM   584  O O   . ILE A 1 82  ? 9.672   1.706   15.285  1.00 11.13  ? 82  ILE A O   1 
ATOM   585  C CB  . ILE A 1 82  ? 10.190  -0.752  13.598  1.00 13.84  ? 82  ILE A CB  1 
ATOM   586  C CG1 . ILE A 1 82  ? 10.101  -1.589  12.314  1.00 13.96  ? 82  ILE A CG1 1 
ATOM   587  C CG2 . ILE A 1 82  ? 10.518  -1.645  14.792  1.00 14.87  ? 82  ILE A CG2 1 
ATOM   588  C CD1 . ILE A 1 82  ? 11.433  -2.030  11.746  1.00 14.97  ? 82  ILE A CD1 1 
ATOM   589  N N   . ASN A 1 83  ? 8.028   0.376   16.083  1.00 14.52  ? 83  ASN A N   1 
ATOM   590  C CA  . ASN A 1 83  ? 7.909   1.037   17.395  1.00 18.09  ? 83  ASN A CA  1 
ATOM   591  C C   . ASN A 1 83  ? 7.765   2.553   17.289  1.00 20.53  ? 83  ASN A C   1 
ATOM   592  O O   . ASN A 1 83  ? 8.446   3.307   17.992  1.00 14.78  ? 83  ASN A O   1 
ATOM   593  C CB  . ASN A 1 83  ? 9.106   0.677   18.282  1.00 20.54  ? 83  ASN A CB  1 
ATOM   594  C CG  . ASN A 1 83  ? 9.175   -0.800  18.584  1.00 21.98  ? 83  ASN A CG  1 
ATOM   595  O OD1 . ASN A 1 83  ? 8.158   -1.433  18.849  1.00 24.30  ? 83  ASN A OD1 1 
ATOM   596  N ND2 . ASN A 1 83  ? 10.376  -1.354  18.566  1.00 27.89  ? 83  ASN A ND2 1 
ATOM   597  N N   . GLU A 1 84  ? 6.885   2.976   16.380  1.00 14.49  ? 84  GLU A N   1 
ATOM   598  C CA  . GLU A 1 84  ? 6.577   4.387   16.131  1.00 15.88  ? 84  GLU A CA  1 
ATOM   599  C C   . GLU A 1 84  ? 7.732   5.244   15.601  1.00 14.12  ? 84  GLU A C   1 
ATOM   600  O O   . GLU A 1 84  ? 7.673   6.463   15.679  1.00 15.82  ? 84  GLU A O   1 
ATOM   601  C CB  . GLU A 1 84  ? 5.927   5.022   17.376  1.00 19.48  ? 84  GLU A CB  1 
ATOM   602  C CG  . GLU A 1 84  ? 4.798   4.166   17.936  1.00 17.82  ? 84  GLU A CG  1 
ATOM   603  C CD  . GLU A 1 84  ? 4.086   4.799   19.106  1.00 21.25  ? 84  GLU A CD  1 
ATOM   604  O OE1 . GLU A 1 84  ? 4.761   5.315   20.018  1.00 22.96  ? 84  GLU A OE1 1 
ATOM   605  O OE2 . GLU A 1 84  ? 2.846   4.771   19.113  1.00 21.51  ? 84  GLU A OE2 1 
ATOM   606  N N   . LYS A 1 85  ? 8.746   4.619   15.004  1.00 16.00  ? 85  LYS A N   1 
ATOM   607  C CA  . LYS A 1 85  ? 9.834   5.361   14.364  1.00 17.42  ? 85  LYS A CA  1 
ATOM   608  C C   . LYS A 1 85  ? 9.919   4.942   12.911  1.00 13.49  ? 85  LYS A C   1 
ATOM   609  O O   . LYS A 1 85  ? 10.012  3.748   12.617  1.00 12.29  ? 85  LYS A O   1 
ATOM   610  C CB  . LYS A 1 85  ? 11.176  5.090   15.046  1.00 20.83  ? 85  LYS A CB  1 
ATOM   611  C CG  . LYS A 1 85  ? 11.267  5.583   16.482  1.00 33.46  ? 85  LYS A CG  1 
ATOM   612  C CD  . LYS A 1 85  ? 11.285  7.104   16.563  1.00 45.66  ? 85  LYS A CD  1 
ATOM   613  C CE  . LYS A 1 85  ? 11.571  7.586   17.979  1.00 51.29  ? 85  LYS A CE  1 
ATOM   614  N NZ  . LYS A 1 85  ? 10.465  7.274   18.925  1.00 56.96  ? 85  LYS A NZ  1 
ATOM   615  N N   . TRP A 1 86  ? 9.894   5.928   12.017  1.00 14.03  ? 86  TRP A N   1 
ATOM   616  C CA  . TRP A 1 86  ? 10.068  5.682   10.581  1.00 14.51  ? 86  TRP A CA  1 
ATOM   617  C C   . TRP A 1 86  ? 11.533  5.357   10.299  1.00 16.55  ? 86  TRP A C   1 
ATOM   618  O O   . TRP A 1 86  ? 12.434  5.940   10.918  1.00 15.38  ? 86  TRP A O   1 
ATOM   619  C CB  . TRP A 1 86  ? 9.626   6.895   9.754   1.00 14.42  ? 86  TRP A CB  1 
ATOM   620  C CG  . TRP A 1 86  ? 8.141   7.045   9.693   1.00 13.73  ? 86  TRP A CG  1 
ATOM   621  C CD1 . TRP A 1 86  ? 7.386   8.016   10.284  1.00 13.33  ? 86  TRP A CD1 1 
ATOM   622  C CD2 . TRP A 1 86  ? 7.225   6.174   9.025   1.00 12.49  ? 86  TRP A CD2 1 
ATOM   623  N NE1 . TRP A 1 86  ? 6.052   7.810   10.019  1.00 13.78  ? 86  TRP A NE1 1 
ATOM   624  C CE2 . TRP A 1 86  ? 5.925   6.687   9.243   1.00 12.23  ? 86  TRP A CE2 1 
ATOM   625  C CE3 . TRP A 1 86  ? 7.374   5.008   8.262   1.00 10.86  ? 86  TRP A CE3 1 
ATOM   626  C CZ2 . TRP A 1 86  ? 4.779   6.073   8.722   1.00 10.72  ? 86  TRP A CZ2 1 
ATOM   627  C CZ3 . TRP A 1 86  ? 6.238   4.401   7.743   1.00 10.83  ? 86  TRP A CZ3 1 
ATOM   628  C CH2 . TRP A 1 86  ? 4.954   4.935   7.977   1.00 11.02  ? 86  TRP A CH2 1 
ATOM   629  N N   . GLY A 1 87  ? 11.766  4.413   9.390   1.00 12.10  ? 87  GLY A N   1 
ATOM   630  C CA  . GLY A 1 87  ? 13.117  4.079   8.938   1.00 12.87  ? 87  GLY A CA  1 
ATOM   631  C C   . GLY A 1 87  ? 13.590  5.003   7.832   1.00 11.41  ? 87  GLY A C   1 
ATOM   632  O O   . GLY A 1 87  ? 13.107  6.128   7.697   1.00 11.70  ? 87  GLY A O   1 
ATOM   633  N N   . ARG A 1 88  ? 14.521  4.510   7.018   1.00 12.69  ? 88  ARG A N   1 
ATOM   634  C CA  . ARG A 1 88  ? 15.069  5.271   5.900   1.00 13.12  ? 88  ARG A CA  1 
ATOM   635  C C   . ARG A 1 88  ? 14.074  5.233   4.741   1.00 12.29  ? 88  ARG A C   1 
ATOM   636  O O   . ARG A 1 88  ? 13.678  4.156   4.292   1.00 11.83  ? 88  ARG A O   1 
ATOM   637  C CB  . ARG A 1 88  ? 16.417  4.676   5.460   1.00 17.80  ? 88  ARG A CB  1 
ATOM   638  C CG  . ARG A 1 88  ? 17.259  5.590   4.575   1.00 24.31  ? 88  ARG A CG  1 
ATOM   639  C CD  . ARG A 1 88  ? 18.614  4.956   4.255   1.00 30.05  ? 88  ARG A CD  1 
ATOM   640  N NE  . ARG A 1 88  ? 19.515  5.862   3.527   1.00 36.63  ? 88  ARG A NE  1 
ATOM   641  C CZ  . ARG A 1 88  ? 20.637  5.498   2.888   1.00 36.48  ? 88  ARG A CZ  1 
ATOM   642  N NH1 . ARG A 1 88  ? 21.050  4.231   2.865   1.00 41.82  ? 88  ARG A NH1 1 
ATOM   643  N NH2 . ARG A 1 88  ? 21.371  6.415   2.267   1.00 30.07  ? 88  ARG A NH2 1 
ATOM   644  N N   . GLU A 1 89  ? 13.670  6.404   4.262   1.00 11.69  ? 89  GLU A N   1 
ATOM   645  C CA  . GLU A 1 89  ? 12.738  6.496   3.132   1.00 12.68  ? 89  GLU A CA  1 
ATOM   646  C C   . GLU A 1 89  ? 13.357  5.961   1.850   1.00 12.62  ? 89  GLU A C   1 
ATOM   647  O O   . GLU A 1 89  ? 14.547  6.157   1.600   1.00 13.84  ? 89  GLU A O   1 
ATOM   648  C CB  . GLU A 1 89  ? 12.313  7.936   2.887   1.00 13.50  ? 89  GLU A CB  1 
ATOM   649  C CG  . GLU A 1 89  ? 11.338  8.446   3.923   1.00 15.04  ? 89  GLU A CG  1 
ATOM   650  C CD  . GLU A 1 89  ? 10.779  9.814   3.617   1.00 15.44  ? 89  GLU A CD  1 
ATOM   651  O OE1 . GLU A 1 89  ? 11.272  10.485  2.678   1.00 15.96  ? 89  GLU A OE1 1 
ATOM   652  O OE2 . GLU A 1 89  ? 9.837   10.213  4.333   1.00 18.14  ? 89  GLU A OE2 1 
ATOM   653  N N   . GLU A 1 90  ? 12.546  5.279   1.049   1.00 10.34  ? 90  GLU A N   1 
ATOM   654  C CA  . GLU A 1 90  ? 12.919  4.921   -0.316  1.00 12.10  ? 90  GLU A CA  1 
ATOM   655  C C   . GLU A 1 90  ? 11.993  5.695   -1.223  1.00 12.32  ? 90  GLU A C   1 
ATOM   656  O O   . GLU A 1 90  ? 10.786  5.552   -1.124  1.00 11.28  ? 90  GLU A O   1 
ATOM   657  C CB  . GLU A 1 90  ? 12.793  3.425   -0.546  1.00 12.30  ? 90  GLU A CB  1 
ATOM   658  C CG  . GLU A 1 90  ? 13.761  2.648   0.338   1.00 11.74  ? 90  GLU A CG  1 
ATOM   659  C CD  . GLU A 1 90  ? 13.743  1.154   0.107   1.00 11.65  ? 90  GLU A CD  1 
ATOM   660  O OE1 . GLU A 1 90  ? 13.477  0.719   -1.026  1.00 12.20  ? 90  GLU A OE1 1 
ATOM   661  O OE2 . GLU A 1 90  ? 14.030  0.409   1.066   1.00 11.01  ? 90  GLU A OE2 1 
ATOM   662  N N   . ILE A 1 91  ? 12.561  6.522   -2.095  1.00 12.30  ? 91  ILE A N   1 
ATOM   663  C CA  A ILE A 1 91  ? 11.771  7.413   -2.944  0.50 12.24  ? 91  ILE A CA  1 
ATOM   664  C CA  B ILE A 1 91  ? 11.770  7.411   -2.949  0.50 13.28  ? 91  ILE A CA  1 
ATOM   665  C C   . ILE A 1 91  ? 11.868  6.999   -4.415  1.00 13.42  ? 91  ILE A C   1 
ATOM   666  O O   . ILE A 1 91  ? 12.960  6.726   -4.925  1.00 14.93  ? 91  ILE A O   1 
ATOM   667  C CB  A ILE A 1 91  ? 12.186  8.882   -2.729  0.50 14.11  ? 91  ILE A CB  1 
ATOM   668  C CB  B ILE A 1 91  ? 12.145  8.902   -2.756  0.50 17.00  ? 91  ILE A CB  1 
ATOM   669  C CG1 A ILE A 1 91  ? 11.990  9.246   -1.247  0.50 13.74  ? 91  ILE A CG1 1 
ATOM   670  C CG1 B ILE A 1 91  ? 11.132  9.794   -3.474  0.50 18.50  ? 91  ILE A CG1 1 
ATOM   671  C CG2 A ILE A 1 91  ? 11.388  9.816   -3.631  0.50 14.26  ? 91  ILE A CG2 1 
ATOM   672  C CG2 B ILE A 1 91  ? 13.552  9.224   -3.249  0.50 18.32  ? 91  ILE A CG2 1 
ATOM   673  C CD1 A ILE A 1 91  ? 11.629  10.690  -0.985  0.50 16.00  ? 91  ILE A CD1 1 
ATOM   674  C CD1 B ILE A 1 91  ? 11.181  11.233  -3.026  0.50 19.40  ? 91  ILE A CD1 1 
ATOM   675  N N   . THR A 1 92  ? 10.711  6.938   -5.074  1.00 12.14  ? 92  THR A N   1 
ATOM   676  C CA  . THR A 1 92  ? 10.600  6.656   -6.495  1.00 13.27  ? 92  THR A CA  1 
ATOM   677  C C   . THR A 1 92  ? 10.047  7.927   -7.143  1.00 13.24  ? 92  THR A C   1 
ATOM   678  O O   . THR A 1 92  ? 8.954   8.372   -6.810  1.00 11.48  ? 92  THR A O   1 
ATOM   679  C CB  . THR A 1 92  ? 9.640   5.466   -6.717  1.00 15.22  ? 92  THR A CB  1 
ATOM   680  O OG1 . THR A 1 92  ? 10.220  4.282   -6.150  1.00 15.59  ? 92  THR A OG1 1 
ATOM   681  C CG2 . THR A 1 92  ? 9.372   5.237   -8.197  1.00 19.79  ? 92  THR A CG2 1 
ATOM   682  N N   . TYR A 1 93  ? 10.811  8.515   -8.060  1.00 12.12  ? 93  TYR A N   1 
ATOM   683  C CA  . TYR A 1 93  ? 10.386  9.741   -8.732  1.00 15.29  ? 93  TYR A CA  1 
ATOM   684  C C   . TYR A 1 93  ? 9.511   9.485   -9.961  1.00 15.31  ? 93  TYR A C   1 
ATOM   685  O O   . TYR A 1 93  ? 8.745   10.365  -10.343 1.00 16.96  ? 93  TYR A O   1 
ATOM   686  C CB  . TYR A 1 93  ? 11.598  10.582  -9.131  1.00 14.59  ? 93  TYR A CB  1 
ATOM   687  C CG  . TYR A 1 93  ? 12.341  11.109  -7.939  1.00 13.69  ? 93  TYR A CG  1 
ATOM   688  C CD1 . TYR A 1 93  ? 11.851  12.194  -7.217  1.00 13.92  ? 93  TYR A CD1 1 
ATOM   689  C CD2 . TYR A 1 93  ? 13.515  10.499  -7.504  1.00 14.94  ? 93  TYR A CD2 1 
ATOM   690  C CE1 . TYR A 1 93  ? 12.528  12.676  -6.108  1.00 15.65  ? 93  TYR A CE1 1 
ATOM   691  C CE2 . TYR A 1 93  ? 14.199  10.971  -6.401  1.00 16.69  ? 93  TYR A CE2 1 
ATOM   692  C CZ  . TYR A 1 93  ? 13.706  12.059  -5.711  1.00 18.48  ? 93  TYR A CZ  1 
ATOM   693  O OH  . TYR A 1 93  ? 14.395  12.508  -4.617  1.00 22.00  ? 93  TYR A OH  1 
ATOM   694  N N   . ASP A 1 94  ? 9.626   8.320   -10.596 1.00 15.80  ? 94  ASP A N   1 
ATOM   695  C CA  . ASP A 1 94  ? 8.795   8.047   -11.774 1.00 27.17  ? 94  ASP A CA  1 
ATOM   696  C C   . ASP A 1 94  ? 7.454   7.507   -11.286 1.00 22.53  ? 94  ASP A C   1 
ATOM   697  O O   . ASP A 1 94  ? 7.265   6.292   -11.166 1.00 24.97  ? 94  ASP A O   1 
ATOM   698  C CB  . ASP A 1 94  ? 9.481   7.091   -12.763 1.00 38.18  ? 94  ASP A CB  1 
ATOM   699  C CG  . ASP A 1 94  ? 8.760   7.013   -14.110 1.00 52.99  ? 94  ASP A CG  1 
ATOM   700  O OD1 . ASP A 1 94  ? 8.099   7.999   -14.517 1.00 58.20  ? 94  ASP A OD1 1 
ATOM   701  O OD2 . ASP A 1 94  ? 8.866   5.957   -14.773 1.00 75.87  ? 94  ASP A OD2 1 
ATOM   702  N N   . THR A 1 95  ? 6.549   8.432   -10.965 1.00 20.87  ? 95  THR A N   1 
ATOM   703  C CA  . THR A 1 95  ? 5.238   8.086   -10.401 1.00 18.63  ? 95  THR A CA  1 
ATOM   704  C C   . THR A 1 95  ? 4.187   8.073   -11.511 1.00 20.62  ? 95  THR A C   1 
ATOM   705  O O   . THR A 1 95  ? 4.112   9.011   -12.309 1.00 15.00  ? 95  THR A O   1 
ATOM   706  C CB  . THR A 1 95  ? 4.785   8.992   -9.226  1.00 19.59  ? 95  THR A CB  1 
ATOM   707  O OG1 . THR A 1 95  ? 3.458   8.612   -8.837  1.00 18.14  ? 95  THR A OG1 1 
ATOM   708  C CG2 . THR A 1 95  ? 4.792   10.500  -9.571  1.00 19.94  ? 95  THR A CG2 1 
ATOM   709  N N   . PRO A 1 96  ? 3.387   6.999   -11.579 1.00 15.83  ? 96  PRO A N   1 
ATOM   710  C CA  . PRO A 1 96  ? 2.305   6.936   -12.554 1.00 18.38  ? 96  PRO A CA  1 
ATOM   711  C C   . PRO A 1 96  ? 0.985   7.530   -12.073 1.00 18.86  ? 96  PRO A C   1 
ATOM   712  O O   . PRO A 1 96  ? 0.051   7.609   -12.862 1.00 17.00  ? 96  PRO A O   1 
ATOM   713  C CB  . PRO A 1 96  ? 2.157   5.441   -12.788 1.00 18.47  ? 96  PRO A CB  1 
ATOM   714  C CG  . PRO A 1 96  ? 2.520   4.831   -11.485 1.00 18.27  ? 96  PRO A CG  1 
ATOM   715  C CD  . PRO A 1 96  ? 3.534   5.728   -10.847 1.00 18.90  ? 96  PRO A CD  1 
ATOM   716  N N   . PHE A 1 97  ? 0.904   7.944   -10.806 1.00 15.11  ? 97  PHE A N   1 
ATOM   717  C CA  . PHE A 1 97  ? -0.334  8.500   -10.251 1.00 13.70  ? 97  PHE A CA  1 
ATOM   718  C C   . PHE A 1 97  ? -0.521  9.954   -10.666 1.00 16.87  ? 97  PHE A C   1 
ATOM   719  O O   . PHE A 1 97  ? 0.448   10.703  -10.770 1.00 13.85  ? 97  PHE A O   1 
ATOM   720  C CB  . PHE A 1 97  ? -0.339  8.415   -8.730  1.00 13.79  ? 97  PHE A CB  1 
ATOM   721  C CG  . PHE A 1 97  ? -0.303  7.011   -8.211  1.00 11.84  ? 97  PHE A CG  1 
ATOM   722  C CD1 . PHE A 1 97  ? -1.460  6.237   -8.182  1.00 11.87  ? 97  PHE A CD1 1 
ATOM   723  C CD2 . PHE A 1 97  ? 0.890   6.453   -7.764  1.00 12.16  ? 97  PHE A CD2 1 
ATOM   724  C CE1 . PHE A 1 97  ? -1.425  4.930   -7.717  1.00 11.41  ? 97  PHE A CE1 1 
ATOM   725  C CE2 . PHE A 1 97  ? 0.925   5.143   -7.299  1.00 10.22  ? 97  PHE A CE2 1 
ATOM   726  C CZ  . PHE A 1 97  ? -0.231  4.386   -7.272  1.00 10.83  ? 97  PHE A CZ  1 
ATOM   727  N N   . LYS A 1 98  ? -1.774  10.335  -10.879 1.00 15.26  ? 98  LYS A N   1 
ATOM   728  C CA  . LYS A 1 98  ? -2.149  11.704  -11.243 1.00 18.02  ? 98  LYS A CA  1 
ATOM   729  C C   . LYS A 1 98  ? -3.483  12.049  -10.602 1.00 15.54  ? 98  LYS A C   1 
ATOM   730  O O   . LYS A 1 98  ? -4.394  11.221  -10.587 1.00 13.71  ? 98  LYS A O   1 
ATOM   731  C CB  . LYS A 1 98  ? -2.322  11.819  -12.757 1.00 22.46  ? 98  LYS A CB  1 
ATOM   732  C CG  . LYS A 1 98  ? -1.059  11.674  -13.584 1.00 32.37  ? 98  LYS A CG  1 
ATOM   733  C CD  . LYS A 1 98  ? -1.386  11.771  -15.072 1.00 42.89  ? 98  LYS A CD  1 
ATOM   734  C CE  . LYS A 1 98  ? -0.152  12.059  -15.918 1.00 58.42  ? 98  LYS A CE  1 
ATOM   735  N NZ  . LYS A 1 98  ? 0.842   10.949  -15.883 1.00 66.64  ? 98  LYS A NZ  1 
ATOM   736  N N   . ARG A 1 99  ? -3.612  13.275  -10.105 1.00 15.74  ? 99  ARG A N   1 
ATOM   737  C CA  . ARG A 1 99  ? -4.907  13.781  -9.655  1.00 16.82  ? 99  ARG A CA  1 
ATOM   738  C C   . ARG A 1 99  ? -5.948  13.628  -10.768 1.00 17.15  ? 99  ARG A C   1 
ATOM   739  O O   . ARG A 1 99  ? -5.630  13.752  -11.952 1.00 14.91  ? 99  ARG A O   1 
ATOM   740  C CB  . ARG A 1 99  ? -4.800  15.243  -9.235  1.00 16.58  ? 99  ARG A CB  1 
ATOM   741  C CG  . ARG A 1 99  ? -4.062  15.459  -7.933  1.00 15.34  ? 99  ARG A CG  1 
ATOM   742  C CD  . ARG A 1 99  ? -3.505  16.866  -7.867  1.00 17.08  ? 99  ARG A CD  1 
ATOM   743  N NE  . ARG A 1 99  ? -2.937  17.167  -6.561  1.00 19.09  ? 99  ARG A NE  1 
ATOM   744  C CZ  . ARG A 1 99  ? -1.997  18.084  -6.319  1.00 27.00  ? 99  ARG A CZ  1 
ATOM   745  N NH1 . ARG A 1 99  ? -1.487  18.834  -7.296  1.00 30.72  ? 99  ARG A NH1 1 
ATOM   746  N NH2 . ARG A 1 99  ? -1.553  18.258  -5.075  1.00 25.95  ? 99  ARG A NH2 1 
ATOM   747  N N   . GLU A 1 100 ? -7.181  13.331  -10.366 1.00 14.80  ? 100 GLU A N   1 
ATOM   748  C CA  . GLU A 1 100 ? -8.313  13.133  -11.266 1.00 19.98  ? 100 GLU A CA  1 
ATOM   749  C C   . GLU A 1 100 ? -8.233  11.890  -12.170 1.00 23.02  ? 100 GLU A C   1 
ATOM   750  O O   . GLU A 1 100 ? -8.988  11.800  -13.136 1.00 22.42  ? 100 GLU A O   1 
ATOM   751  C CB  . GLU A 1 100 ? -8.563  14.400  -12.114 1.00 20.24  ? 100 GLU A CB  1 
ATOM   752  C CG  . GLU A 1 100 ? -8.445  15.702  -11.337 1.00 23.66  ? 100 GLU A CG  1 
ATOM   753  C CD  . GLU A 1 100 ? -8.964  16.904  -12.109 1.00 31.57  ? 100 GLU A CD  1 
ATOM   754  O OE1 . GLU A 1 100 ? -10.185 16.972  -12.353 1.00 36.00  ? 100 GLU A OE1 1 
ATOM   755  O OE2 . GLU A 1 100 ? -8.155  17.788  -12.457 1.00 38.67  ? 100 GLU A OE2 1 
ATOM   756  N N   . LYS A 1 101 ? -7.352  10.929  -11.854 1.00 17.12  ? 101 LYS A N   1 
ATOM   757  C CA  . LYS A 1 101 ? -7.180  9.733   -12.685 1.00 17.40  ? 101 LYS A CA  1 
ATOM   758  C C   . LYS A 1 101 ? -7.340  8.452   -11.877 1.00 15.75  ? 101 LYS A C   1 
ATOM   759  O O   . LYS A 1 101 ? -6.912  8.375   -10.723 1.00 14.68  ? 101 LYS A O   1 
ATOM   760  C CB  . LYS A 1 101 ? -5.808  9.731   -13.376 1.00 18.60  ? 101 LYS A CB  1 
ATOM   761  C CG  . LYS A 1 101 ? -5.549  10.934  -14.270 1.00 23.22  ? 101 LYS A CG  1 
ATOM   762  C CD  . LYS A 1 101 ? -6.473  10.957  -15.481 1.00 29.03  ? 101 LYS A CD  1 
ATOM   763  C CE  . LYS A 1 101 ? -6.420  12.298  -16.194 1.00 40.76  ? 101 LYS A CE  1 
ATOM   764  N NZ  . LYS A 1 101 ? -7.478  12.394  -17.240 1.00 44.28  ? 101 LYS A NZ  1 
ATOM   765  N N   . SER A 1 102 ? -7.947  7.445   -12.503 1.00 15.36  ? 102 SER A N   1 
ATOM   766  C CA  . SER A 1 102 ? -8.110  6.135   -11.881 1.00 15.16  ? 102 SER A CA  1 
ATOM   767  C C   . SER A 1 102 ? -6.829  5.334   -11.976 1.00 14.65  ? 102 SER A C   1 
ATOM   768  O O   . SER A 1 102 ? -5.982  5.593   -12.830 1.00 13.11  ? 102 SER A O   1 
ATOM   769  C CB  . SER A 1 102 ? -9.268  5.353   -12.510 1.00 17.19  ? 102 SER A CB  1 
ATOM   770  O OG  . SER A 1 102 ? -9.044  5.087   -13.887 1.00 20.38  ? 102 SER A OG  1 
ATOM   771  N N   . PHE A 1 103 ? -6.702  4.345   -11.099 1.00 11.32  ? 103 PHE A N   1 
ATOM   772  C CA  . PHE A 1 103 ? -5.502  3.522   -11.041 1.00 11.35  ? 103 PHE A CA  1 
ATOM   773  C C   . PHE A 1 103 ? -5.827  2.095   -10.635 1.00 12.24  ? 103 PHE A C   1 
ATOM   774  O O   . PHE A 1 103 ? -6.904  1.822   -10.093 1.00 10.25  ? 103 PHE A O   1 
ATOM   775  C CB  . PHE A 1 103 ? -4.496  4.128   -10.051 1.00 12.08  ? 103 PHE A CB  1 
ATOM   776  C CG  . PHE A 1 103 ? -5.015  4.223   -8.639  1.00 11.79  ? 103 PHE A CG  1 
ATOM   777  C CD1 . PHE A 1 103 ? -5.031  3.098   -7.806  1.00 11.53  ? 103 PHE A CD1 1 
ATOM   778  C CD2 . PHE A 1 103 ? -5.491  5.436   -8.132  1.00 12.05  ? 103 PHE A CD2 1 
ATOM   779  C CE1 . PHE A 1 103 ? -5.520  3.184   -6.511  1.00 11.14  ? 103 PHE A CE1 1 
ATOM   780  C CE2 . PHE A 1 103 ? -5.985  5.520   -6.838  1.00 10.96  ? 103 PHE A CE2 1 
ATOM   781  C CZ  . PHE A 1 103 ? -6.007  4.389   -6.031  1.00 11.19  ? 103 PHE A CZ  1 
ATOM   782  N N   . GLU A 1 104 ? -4.874  1.206   -10.896 1.00 10.16  ? 104 GLU A N   1 
ATOM   783  C CA  . GLU A 1 104 ? -4.819  -0.119  -10.303 1.00 12.66  ? 104 GLU A CA  1 
ATOM   784  C C   . GLU A 1 104 ? -3.431  -0.344  -9.729  1.00 12.34  ? 104 GLU A C   1 
ATOM   785  O O   . GLU A 1 104 ? -2.445  -0.258  -10.453 1.00 11.52  ? 104 GLU A O   1 
ATOM   786  C CB  . GLU A 1 104 ? -5.086  -1.201  -11.343 1.00 14.89  ? 104 GLU A CB  1 
ATOM   787  C CG  . GLU A 1 104 ? -4.979  -2.616  -10.798 1.00 14.23  ? 104 GLU A CG  1 
ATOM   788  C CD  . GLU A 1 104 ? -5.156  -3.649  -11.876 1.00 18.77  ? 104 GLU A CD  1 
ATOM   789  O OE1 . GLU A 1 104 ? -4.205  -3.846  -12.655 1.00 24.31  ? 104 GLU A OE1 1 
ATOM   790  O OE2 . GLU A 1 104 ? -6.247  -4.245  -11.941 1.00 20.93  ? 104 GLU A OE2 1 
ATOM   791  N N   . ILE A 1 105 ? -3.368  -0.628  -8.435  1.00 9.80   ? 105 ILE A N   1 
ATOM   792  C CA  . ILE A 1 105 ? -2.133  -0.998  -7.767  1.00 8.65   ? 105 ILE A CA  1 
ATOM   793  C C   . ILE A 1 105 ? -2.176  -2.512  -7.599  1.00 8.18   ? 105 ILE A C   1 
ATOM   794  O O   . ILE A 1 105 ? -3.158  -3.030  -7.068  1.00 8.54   ? 105 ILE A O   1 
ATOM   795  C CB  . ILE A 1 105 ? -2.041  -0.367  -6.357  1.00 8.70   ? 105 ILE A CB  1 
ATOM   796  C CG1 . ILE A 1 105 ? -2.078  1.167   -6.442  1.00 9.03   ? 105 ILE A CG1 1 
ATOM   797  C CG2 . ILE A 1 105 ? -0.786  -0.847  -5.635  1.00 9.35   ? 105 ILE A CG2 1 
ATOM   798  C CD1 . ILE A 1 105 ? -2.316  1.868   -5.118  1.00 8.73   ? 105 ILE A CD1 1 
ATOM   799  N N   . VAL A 1 106 ? -1.126  -3.202  -8.032  1.00 7.53   ? 106 VAL A N   1 
ATOM   800  C CA  . VAL A 1 106 ? -0.923  -4.618  -7.701  1.00 8.34   ? 106 VAL A CA  1 
ATOM   801  C C   . VAL A 1 106 ? 0.364   -4.773  -6.893  1.00 9.05   ? 106 VAL A C   1 
ATOM   802  O O   . VAL A 1 106 ? 1.446   -4.526  -7.413  1.00 9.02   ? 106 VAL A O   1 
ATOM   803  C CB  . VAL A 1 106 ? -0.843  -5.505  -8.964  1.00 8.88   ? 106 VAL A CB  1 
ATOM   804  C CG1 . VAL A 1 106 ? -0.678  -6.974  -8.588  1.00 9.77   ? 106 VAL A CG1 1 
ATOM   805  C CG2 . VAL A 1 106 ? -2.094  -5.323  -9.814  1.00 9.83   ? 106 VAL A CG2 1 
ATOM   806  N N   . ILE A 1 107 ? 0.235   -5.196  -5.632  1.00 8.30   ? 107 ILE A N   1 
ATOM   807  C CA  . ILE A 1 107 ? 1.380   -5.502  -4.785  1.00 8.14   ? 107 ILE A CA  1 
ATOM   808  C C   . ILE A 1 107 ? 1.588   -7.001  -4.814  1.00 9.26   ? 107 ILE A C   1 
ATOM   809  O O   . ILE A 1 107 ? 0.685   -7.756  -4.439  1.00 9.85   ? 107 ILE A O   1 
ATOM   810  C CB  . ILE A 1 107 ? 1.153   -5.050  -3.327  1.00 9.00   ? 107 ILE A CB  1 
ATOM   811  C CG1 . ILE A 1 107 ? 0.860   -3.537  -3.284  1.00 9.64   ? 107 ILE A CG1 1 
ATOM   812  C CG2 . ILE A 1 107 ? 2.364   -5.401  -2.450  1.00 8.32   ? 107 ILE A CG2 1 
ATOM   813  C CD1 . ILE A 1 107 ? 0.333   -3.043  -1.953  1.00 11.60  ? 107 ILE A CD1 1 
ATOM   814  N N   . MET A 1 108 ? 2.761   -7.434  -5.278  1.00 8.61   ? 108 MET A N   1 
ATOM   815  C CA  . MET A 1 108 ? 3.130   -8.851  -5.226  1.00 8.42   ? 108 MET A CA  1 
ATOM   816  C C   . MET A 1 108 ? 4.148   -9.069  -4.119  1.00 9.12   ? 108 MET A C   1 
ATOM   817  O O   . MET A 1 108 ? 5.161   -8.368  -4.047  1.00 9.16   ? 108 MET A O   1 
ATOM   818  C CB  . MET A 1 108 ? 3.718   -9.333  -6.552  1.00 8.99   ? 108 MET A CB  1 
ATOM   819  C CG  . MET A 1 108 ? 4.087   -10.813 -6.524  1.00 8.81   ? 108 MET A CG  1 
ATOM   820  S SD  . MET A 1 108 ? 4.547   -11.475 -8.134  1.00 9.78   ? 108 MET A SD  1 
ATOM   821  C CE  . MET A 1 108 ? 5.962   -10.453 -8.512  1.00 9.58   ? 108 MET A CE  1 
ATOM   822  N N   . VAL A 1 109 ? 3.885   -10.072 -3.286  1.00 10.28  ? 109 VAL A N   1 
ATOM   823  C CA  . VAL A 1 109 ? 4.763   -10.440 -2.187  1.00 11.31  ? 109 VAL A CA  1 
ATOM   824  C C   . VAL A 1 109 ? 5.719   -11.491 -2.710  1.00 11.83  ? 109 VAL A C   1 
ATOM   825  O O   . VAL A 1 109 ? 5.287   -12.503 -3.242  1.00 16.43  ? 109 VAL A O   1 
ATOM   826  C CB  . VAL A 1 109 ? 3.967   -11.014 -1.000  1.00 14.38  ? 109 VAL A CB  1 
ATOM   827  C CG1 . VAL A 1 109 ? 4.905   -11.340 0.163   1.00 15.15  ? 109 VAL A CG1 1 
ATOM   828  C CG2 . VAL A 1 109 ? 2.874   -10.033 -0.589  1.00 14.16  ? 109 VAL A CG2 1 
ATOM   829  N N   . LEU A 1 110 ? 7.012   -11.213 -2.621  1.00 10.59  ? 110 LEU A N   1 
ATOM   830  C CA  . LEU A 1 110 ? 8.039   -12.179 -2.979  1.00 13.82  ? 110 LEU A CA  1 
ATOM   831  C C   . LEU A 1 110 ? 8.795   -12.541 -1.712  1.00 15.10  ? 110 LEU A C   1 
ATOM   832  O O   . LEU A 1 110 ? 8.524   -12.000 -0.640  1.00 13.17  ? 110 LEU A O   1 
ATOM   833  C CB  . LEU A 1 110 ? 8.977   -11.608 -4.042  1.00 12.64  ? 110 LEU A CB  1 
ATOM   834  C CG  . LEU A 1 110 ? 8.325   -11.269 -5.389  1.00 13.87  ? 110 LEU A CG  1 
ATOM   835  C CD1 . LEU A 1 110 ? 9.290   -10.511 -6.282  1.00 13.55  ? 110 LEU A CD1 1 
ATOM   836  C CD2 . LEU A 1 110 ? 7.813   -12.529 -6.079  1.00 14.41  ? 110 LEU A CD2 1 
ATOM   837  N N   . LYS A 1 111 ? 9.737   -13.468 -1.834  1.00 17.43  ? 111 LYS A N   1 
ATOM   838  C CA  . LYS A 1 111 ? 10.459  -13.961 -0.670  1.00 18.53  ? 111 LYS A CA  1 
ATOM   839  C C   . LYS A 1 111 ? 11.236  -12.863 0.057   1.00 14.74  ? 111 LYS A C   1 
ATOM   840  O O   . LYS A 1 111 ? 11.199  -12.800 1.289   1.00 15.68  ? 111 LYS A O   1 
ATOM   841  C CB  . LYS A 1 111 ? 11.411  -15.096 -1.085  1.00 23.00  ? 111 LYS A CB  1 
ATOM   842  C CG  . LYS A 1 111 ? 12.175  -15.773 0.053   1.00 29.54  ? 111 LYS A CG  1 
ATOM   843  C CD  . LYS A 1 111 ? 11.272  -16.237 1.183   1.00 38.44  ? 111 LYS A CD  1 
ATOM   844  C CE  . LYS A 1 111 ? 12.046  -17.057 2.205   1.00 43.24  ? 111 LYS A CE  1 
ATOM   845  N NZ  . LYS A 1 111 ? 11.325  -17.122 3.503   1.00 43.65  ? 111 LYS A NZ  1 
ATOM   846  N N   . ASP A 1 112 ? 11.934  -12.019 -0.699  1.00 13.29  ? 112 ASP A N   1 
ATOM   847  C CA  . ASP A 1 112 ? 12.849  -11.025 -0.117  1.00 17.78  ? 112 ASP A CA  1 
ATOM   848  C C   . ASP A 1 112 ? 12.349  -9.592  -0.214  1.00 14.14  ? 112 ASP A C   1 
ATOM   849  O O   . ASP A 1 112 ? 12.959  -8.683  0.362   1.00 12.46  ? 112 ASP A O   1 
ATOM   850  C CB  . ASP A 1 112 ? 14.213  -11.118 -0.803  1.00 20.25  ? 112 ASP A CB  1 
ATOM   851  C CG  . ASP A 1 112 ? 14.923  -12.439 -0.532  1.00 30.96  ? 112 ASP A CG  1 
ATOM   852  O OD1 . ASP A 1 112 ? 14.616  -13.115 0.480   1.00 31.22  ? 112 ASP A OD1 1 
ATOM   853  O OD2 . ASP A 1 112 ? 15.812  -12.790 -1.337  1.00 34.80  ? 112 ASP A OD2 1 
ATOM   854  N N   . LYS A 1 113 ? 11.233  -9.385  -0.913  1.00 11.84  ? 113 LYS A N   1 
ATOM   855  C CA  . LYS A 1 113 ? 10.761  -8.042  -1.200  1.00 10.74  ? 113 LYS A CA  1 
ATOM   856  C C   . LYS A 1 113 ? 9.308   -8.020  -1.653  1.00 10.06  ? 113 LYS A C   1 
ATOM   857  O O   . LYS A 1 113 ? 8.738   -9.060  -2.015  1.00 10.75  ? 113 LYS A O   1 
ATOM   858  C CB  . LYS A 1 113 ? 11.622  -7.437  -2.322  1.00 12.52  ? 113 LYS A CB  1 
ATOM   859  C CG  . LYS A 1 113 ? 11.431  -8.135  -3.670  1.00 15.53  ? 113 LYS A CG  1 
ATOM   860  C CD  . LYS A 1 113 ? 12.516  -7.771  -4.662  1.00 19.51  ? 113 LYS A CD  1 
ATOM   861  C CE  . LYS A 1 113 ? 13.758  -8.613  -4.465  1.00 30.07  ? 113 LYS A CE  1 
ATOM   862  N NZ  . LYS A 1 113 ? 14.809  -8.218  -5.446  1.00 37.29  ? 113 LYS A NZ  1 
ATOM   863  N N   . PHE A 1 114 ? 8.742   -6.814  -1.656  1.00 8.92   ? 114 PHE A N   1 
ATOM   864  C CA  . PHE A 1 114 ? 7.516   -6.517  -2.384  1.00 9.15   ? 114 PHE A CA  1 
ATOM   865  C C   . PHE A 1 114 ? 7.864   -5.992  -3.767  1.00 9.07   ? 114 PHE A C   1 
ATOM   866  O O   . PHE A 1 114 ? 8.875   -5.306  -3.935  1.00 8.99   ? 114 PHE A O   1 
ATOM   867  C CB  . PHE A 1 114 ? 6.691   -5.453  -1.674  1.00 10.19  ? 114 PHE A CB  1 
ATOM   868  C CG  . PHE A 1 114 ? 6.270   -5.835  -0.293  1.00 9.85   ? 114 PHE A CG  1 
ATOM   869  C CD1 . PHE A 1 114 ? 5.142   -6.632  -0.084  1.00 10.98  ? 114 PHE A CD1 1 
ATOM   870  C CD2 . PHE A 1 114 ? 6.995   -5.392  0.808   1.00 9.65   ? 114 PHE A CD2 1 
ATOM   871  C CE1 . PHE A 1 114 ? 4.755   -6.991  1.203   1.00 11.68  ? 114 PHE A CE1 1 
ATOM   872  C CE2 . PHE A 1 114 ? 6.615   -5.746  2.092   1.00 9.84   ? 114 PHE A CE2 1 
ATOM   873  C CZ  . PHE A 1 114 ? 5.498   -6.544  2.292   1.00 10.73  ? 114 PHE A CZ  1 
ATOM   874  N N   . GLN A 1 115 ? 7.018   -6.314  -4.744  1.00 8.10   ? 115 GLN A N   1 
ATOM   875  C CA  . GLN A 1 115 ? 7.062   -5.684  -6.056  1.00 8.84   ? 115 GLN A CA  1 
ATOM   876  C C   . GLN A 1 115 ? 5.698   -5.051  -6.310  1.00 7.79   ? 115 GLN A C   1 
ATOM   877  O O   . GLN A 1 115 ? 4.660   -5.670  -6.060  1.00 8.76   ? 115 GLN A O   1 
ATOM   878  C CB  . GLN A 1 115 ? 7.416   -6.701  -7.138  1.00 8.84   ? 115 GLN A CB  1 
ATOM   879  C CG  . GLN A 1 115 ? 7.490   -6.117  -8.549  1.00 10.23  ? 115 GLN A CG  1 
ATOM   880  C CD  . GLN A 1 115 ? 6.211   -6.281  -9.349  1.00 9.52   ? 115 GLN A CD  1 
ATOM   881  O OE1 . GLN A 1 115 ? 5.384   -7.136  -9.055  1.00 10.06  ? 115 GLN A OE1 1 
ATOM   882  N NE2 . GLN A 1 115 ? 6.058   -5.471  -10.387 1.00 8.68   ? 115 GLN A NE2 1 
ATOM   883  N N   . VAL A 1 116 ? 5.712   -3.814  -6.785  1.00 8.17   ? 116 VAL A N   1 
ATOM   884  C CA  . VAL A 1 116 ? 4.500   -3.065  -7.042  1.00 7.78   ? 116 VAL A CA  1 
ATOM   885  C C   . VAL A 1 116 ? 4.460   -2.636  -8.505  1.00 8.45   ? 116 VAL A C   1 
ATOM   886  O O   . VAL A 1 116 ? 5.429   -2.055  -9.018  1.00 9.24   ? 116 VAL A O   1 
ATOM   887  C CB  . VAL A 1 116 ? 4.379   -1.824  -6.136  1.00 7.34   ? 116 VAL A CB  1 
ATOM   888  C CG1 . VAL A 1 116 ? 3.053   -1.123  -6.380  1.00 8.56   ? 116 VAL A CG1 1 
ATOM   889  C CG2 . VAL A 1 116 ? 4.522   -2.218  -4.671  1.00 7.47   ? 116 VAL A CG2 1 
ATOM   890  N N   . ALA A 1 117 ? 3.322   -2.929  -9.141  1.00 8.71   ? 117 ALA A N   1 
ATOM   891  C CA  . ALA A 1 117 ? 2.988   -2.460  -10.480 1.00 9.66   ? 117 ALA A CA  1 
ATOM   892  C C   . ALA A 1 117 ? 1.748   -1.587  -10.394 1.00 9.96   ? 117 ALA A C   1 
ATOM   893  O O   . ALA A 1 117 ? 0.816   -1.875  -9.628  1.00 12.97  ? 117 ALA A O   1 
ATOM   894  C CB  . ALA A 1 117 ? 2.734   -3.640  -11.401 1.00 9.58   ? 117 ALA A CB  1 
ATOM   895  N N   . VAL A 1 118 ? 1.744   -0.509  -11.163 1.00 9.61   ? 118 VAL A N   1 
ATOM   896  C CA  . VAL A 1 118 ? 0.609   0.388   -11.222 1.00 9.86   ? 118 VAL A CA  1 
ATOM   897  C C   . VAL A 1 118 ? 0.178   0.498   -12.673 1.00 11.14  ? 118 VAL A C   1 
ATOM   898  O O   . VAL A 1 118 ? 1.009   0.721   -13.551 1.00 9.89   ? 118 VAL A O   1 
ATOM   899  C CB  . VAL A 1 118 ? 0.953   1.776   -10.671 1.00 10.24  ? 118 VAL A CB  1 
ATOM   900  C CG1 . VAL A 1 118 ? -0.263  2.705   -10.761 1.00 11.66  ? 118 VAL A CG1 1 
ATOM   901  C CG2 . VAL A 1 118 ? 1.454   1.659   -9.236  1.00 12.55  ? 118 VAL A CG2 1 
ATOM   902  N N   . ASN A 1 119 ? -1.122  0.338   -12.913 1.00 11.50  ? 119 ASN A N   1 
ATOM   903  C CA  . ASN A 1 119 ? -1.686  0.426   -14.261 1.00 13.10  ? 119 ASN A CA  1 
ATOM   904  C C   . ASN A 1 119 ? -0.982  -0.511  -15.252 1.00 14.90  ? 119 ASN A C   1 
ATOM   905  O O   . ASN A 1 119 ? -0.773  -0.157  -16.406 1.00 16.52  ? 119 ASN A O   1 
ATOM   906  C CB  . ASN A 1 119 ? -1.660  1.887   -14.743 1.00 14.34  ? 119 ASN A CB  1 
ATOM   907  C CG  . ASN A 1 119 ? -2.415  2.814   -13.816 1.00 14.96  ? 119 ASN A CG  1 
ATOM   908  O OD1 . ASN A 1 119 ? -3.345  2.386   -13.136 1.00 18.36  ? 119 ASN A OD1 1 
ATOM   909  N ND2 . ASN A 1 119 ? -2.007  4.079   -13.760 1.00 14.47  ? 119 ASN A ND2 1 
ATOM   910  N N   . GLY A 1 120 ? -0.611  -1.702  -14.778 1.00 14.92  ? 120 GLY A N   1 
ATOM   911  C CA  . GLY A 1 120 ? 0.013   -2.724  -15.609 1.00 17.78  ? 120 GLY A CA  1 
ATOM   912  C C   . GLY A 1 120 ? 1.501   -2.580  -15.896 1.00 19.57  ? 120 GLY A C   1 
ATOM   913  O O   . GLY A 1 120 ? 2.037   -3.342  -16.702 1.00 18.77  ? 120 GLY A O   1 
ATOM   914  N N   . LYS A 1 121 ? 2.174   -1.627  -15.245 1.00 13.88  ? 121 LYS A N   1 
ATOM   915  C CA  . LYS A 1 121 ? 3.593   -1.368  -15.476 1.00 15.51  ? 121 LYS A CA  1 
ATOM   916  C C   . LYS A 1 121 ? 4.353   -1.433  -14.157 1.00 14.18  ? 121 LYS A C   1 
ATOM   917  O O   . LYS A 1 121 ? 3.929   -0.839  -13.164 1.00 10.94  ? 121 LYS A O   1 
ATOM   918  C CB  . LYS A 1 121 ? 3.767   0.012   -16.102 1.00 19.56  ? 121 LYS A CB  1 
ATOM   919  C CG  . LYS A 1 121 ? 5.206   0.414   -16.386 1.00 28.74  ? 121 LYS A CG  1 
ATOM   920  C CD  . LYS A 1 121 ? 5.281   1.839   -16.915 1.00 39.48  ? 121 LYS A CD  1 
ATOM   921  C CE  . LYS A 1 121 ? 6.694   2.393   -16.827 1.00 46.40  ? 121 LYS A CE  1 
ATOM   922  N NZ  . LYS A 1 121 ? 6.757   3.823   -17.235 1.00 51.45  ? 121 LYS A NZ  1 
ATOM   923  N N   . HIS A 1 122 ? 5.487   -2.133  -14.162 1.00 11.99  ? 122 HIS A N   1 
ATOM   924  C CA  . HIS A 1 122 ? 6.351   -2.215  -12.986 1.00 12.52  ? 122 HIS A CA  1 
ATOM   925  C C   . HIS A 1 122 ? 6.682   -0.810  -12.480 1.00 13.77  ? 122 HIS A C   1 
ATOM   926  O O   . HIS A 1 122 ? 7.034   0.071   -13.267 1.00 13.12  ? 122 HIS A O   1 
ATOM   927  C CB  . HIS A 1 122 ? 7.642   -2.977  -13.306 1.00 13.97  ? 122 HIS A CB  1 
ATOM   928  C CG  . HIS A 1 122 ? 8.655   -2.920  -12.209 1.00 11.97  ? 122 HIS A CG  1 
ATOM   929  N ND1 . HIS A 1 122 ? 8.495   -3.586  -11.014 1.00 13.01  ? 122 HIS A ND1 1 
ATOM   930  C CD2 . HIS A 1 122 ? 9.817   -2.237  -12.103 1.00 14.53  ? 122 HIS A CD2 1 
ATOM   931  C CE1 . HIS A 1 122 ? 9.522   -3.334  -10.227 1.00 12.45  ? 122 HIS A CE1 1 
ATOM   932  N NE2 . HIS A 1 122 ? 10.338  -2.516  -10.864 1.00 13.22  ? 122 HIS A NE2 1 
ATOM   933  N N   . THR A 1 123 ? 6.540   -0.605  -11.173 1.00 10.73  ? 123 THR A N   1 
ATOM   934  C CA  . THR A 1 123 ? 6.757   0.698   -10.555 1.00 10.79  ? 123 THR A CA  1 
ATOM   935  C C   . THR A 1 123 ? 7.938   0.688   -9.596  1.00 10.22  ? 123 THR A C   1 
ATOM   936  O O   . THR A 1 123 ? 8.815   1.541   -9.713  1.00 10.67  ? 123 THR A O   1 
ATOM   937  C CB  . THR A 1 123 ? 5.480   1.188   -9.849  1.00 11.92  ? 123 THR A CB  1 
ATOM   938  O OG1 . THR A 1 123 ? 4.441   1.318   -10.825 1.00 12.94  ? 123 THR A OG1 1 
ATOM   939  C CG2 . THR A 1 123 ? 5.698   2.538   -9.173  1.00 14.08  ? 123 THR A CG2 1 
ATOM   940  N N   . LEU A 1 124 ? 7.978   -0.266  -8.661  1.00 8.66   ? 124 LEU A N   1 
ATOM   941  C CA  . LEU A 1 124 ? 9.073   -0.321  -7.686  1.00 9.18   ? 124 LEU A CA  1 
ATOM   942  C C   . LEU A 1 124 ? 9.205   -1.652  -6.963  1.00 8.80   ? 124 LEU A C   1 
ATOM   943  O O   . LEU A 1 124 ? 8.315   -2.499  -7.014  1.00 8.63   ? 124 LEU A O   1 
ATOM   944  C CB  . LEU A 1 124 ? 8.942   0.814   -6.651  1.00 9.62   ? 124 LEU A CB  1 
ATOM   945  C CG  . LEU A 1 124 ? 7.683   0.861   -5.771  1.00 10.33  ? 124 LEU A CG  1 
ATOM   946  C CD1 . LEU A 1 124 ? 7.767   -0.115  -4.598  1.00 11.17  ? 124 LEU A CD1 1 
ATOM   947  C CD2 . LEU A 1 124 ? 7.436   2.279   -5.268  1.00 10.13  ? 124 LEU A CD2 1 
ATOM   948  N N   . LEU A 1 125 ? 10.343  -1.798  -6.288  1.00 9.26   ? 125 LEU A N   1 
ATOM   949  C CA  . LEU A 1 125 ? 10.618  -2.895  -5.369  1.00 10.07  ? 125 LEU A CA  1 
ATOM   950  C C   . LEU A 1 125 ? 10.854  -2.340  -3.976  1.00 11.38  ? 125 LEU A C   1 
ATOM   951  O O   . LEU A 1 125 ? 11.357  -1.229  -3.836  1.00 10.49  ? 125 LEU A O   1 
ATOM   952  C CB  . LEU A 1 125 ? 11.876  -3.636  -5.805  1.00 11.68  ? 125 LEU A CB  1 
ATOM   953  C CG  . LEU A 1 125 ? 11.883  -4.206  -7.223  1.00 11.68  ? 125 LEU A CG  1 
ATOM   954  C CD1 . LEU A 1 125 ? 13.273  -4.734  -7.573  1.00 12.47  ? 125 LEU A CD1 1 
ATOM   955  C CD2 . LEU A 1 125 ? 10.840  -5.304  -7.349  1.00 13.02  ? 125 LEU A CD2 1 
ATOM   956  N N   . TYR A 1 126 ? 10.530  -3.128  -2.954  1.00 9.23   ? 126 TYR A N   1 
ATOM   957  C CA  . TYR A 1 126 ? 10.794  -2.741  -1.566  1.00 9.11   ? 126 TYR A CA  1 
ATOM   958  C C   . TYR A 1 126 ? 11.167  -3.960  -0.746  1.00 8.67   ? 126 TYR A C   1 
ATOM   959  O O   . TYR A 1 126 ? 10.325  -4.828  -0.500  1.00 9.66   ? 126 TYR A O   1 
ATOM   960  C CB  . TYR A 1 126 ? 9.567   -2.065  -0.960  1.00 9.46   ? 126 TYR A CB  1 
ATOM   961  C CG  . TYR A 1 126 ? 9.827   -1.441  0.389   1.00 8.68   ? 126 TYR A CG  1 
ATOM   962  C CD1 . TYR A 1 126 ? 10.290  -0.128  0.487   1.00 8.75   ? 126 TYR A CD1 1 
ATOM   963  C CD2 . TYR A 1 126 ? 9.618   -2.160  1.571   1.00 9.84   ? 126 TYR A CD2 1 
ATOM   964  C CE1 . TYR A 1 126 ? 10.522  0.455   1.718   1.00 8.83   ? 126 TYR A CE1 1 
ATOM   965  C CE2 . TYR A 1 126 ? 9.847   -1.581  2.808   1.00 8.02   ? 126 TYR A CE2 1 
ATOM   966  C CZ  . TYR A 1 126 ? 10.296  -0.275  2.875   1.00 8.09   ? 126 TYR A CZ  1 
ATOM   967  O OH  . TYR A 1 126 ? 10.538  0.311   4.097   1.00 9.12   ? 126 TYR A OH  1 
ATOM   968  N N   . GLY A 1 127 ? 12.428  -4.018  -0.320  1.00 9.19   ? 127 GLY A N   1 
ATOM   969  C CA  . GLY A 1 127 ? 12.929  -5.151  0.455   1.00 9.48   ? 127 GLY A CA  1 
ATOM   970  C C   . GLY A 1 127 ? 12.257  -5.256  1.821   1.00 9.07   ? 127 GLY A C   1 
ATOM   971  O O   . GLY A 1 127 ? 11.957  -4.241  2.440   1.00 9.94   ? 127 GLY A O   1 
ATOM   972  N N   . HIS A 1 128 ? 11.987  -6.481  2.272   1.00 8.35   ? 128 HIS A N   1 
ATOM   973  C CA  . HIS A 1 128 ? 11.342  -6.693  3.578   1.00 9.40   ? 128 HIS A CA  1 
ATOM   974  C C   . HIS A 1 128 ? 12.262  -6.210  4.693   1.00 9.74   ? 128 HIS A C   1 
ATOM   975  O O   . HIS A 1 128 ? 13.456  -6.517  4.692   1.00 9.95   ? 128 HIS A O   1 
ATOM   976  C CB  . HIS A 1 128 ? 11.011  -8.169  3.821   1.00 10.49  ? 128 HIS A CB  1 
ATOM   977  C CG  . HIS A 1 128 ? 10.012  -8.735  2.864   1.00 10.66  ? 128 HIS A CG  1 
ATOM   978  N ND1 . HIS A 1 128 ? 8.791   -8.146  2.624   1.00 9.81   ? 128 HIS A ND1 1 
ATOM   979  C CD2 . HIS A 1 128 ? 10.048  -9.849  2.096   1.00 12.07  ? 128 HIS A CD2 1 
ATOM   980  C CE1 . HIS A 1 128 ? 8.117   -8.871  1.748   1.00 11.31  ? 128 HIS A CE1 1 
ATOM   981  N NE2 . HIS A 1 128 ? 8.862   -9.907  1.406   1.00 11.03  ? 128 HIS A NE2 1 
ATOM   982  N N   . ARG A 1 129 ? 11.702  -5.410  5.596   1.00 9.31   ? 129 ARG A N   1 
ATOM   983  C CA  . ARG A 1 129 ? 12.349  -5.034  6.848   1.00 9.88   ? 129 ARG A CA  1 
ATOM   984  C C   . ARG A 1 129 ? 11.676  -5.670  8.064   1.00 11.16  ? 129 ARG A C   1 
ATOM   985  O O   . ARG A 1 129 ? 12.296  -5.770  9.114   1.00 11.75  ? 129 ARG A O   1 
ATOM   986  C CB  . ARG A 1 129 ? 12.343  -3.519  6.995   1.00 9.49   ? 129 ARG A CB  1 
ATOM   987  C CG  . ARG A 1 129 ? 12.966  -2.798  5.813   1.00 9.87   ? 129 ARG A CG  1 
ATOM   988  C CD  . ARG A 1 129 ? 13.130  -1.326  6.119   1.00 9.96   ? 129 ARG A CD  1 
ATOM   989  N NE  . ARG A 1 129 ? 13.428  -0.530  4.931   1.00 9.68   ? 129 ARG A NE  1 
ATOM   990  C CZ  . ARG A 1 129 ? 13.400  0.804   4.893   1.00 9.92   ? 129 ARG A CZ  1 
ATOM   991  N NH1 . ARG A 1 129 ? 13.100  1.514   5.985   1.00 11.29  ? 129 ARG A NH1 1 
ATOM   992  N NH2 . ARG A 1 129 ? 13.674  1.436   3.757   1.00 11.03  ? 129 ARG A NH2 1 
ATOM   993  N N   . ILE A 1 130 ? 10.401  -6.040  7.924   1.00 11.17  ? 130 ILE A N   1 
ATOM   994  C CA  . ILE A 1 130 ? 9.636   -6.794  8.912   1.00 11.02  ? 130 ILE A CA  1 
ATOM   995  C C   . ILE A 1 130 ? 9.241   -8.086  8.221   1.00 11.47  ? 130 ILE A C   1 
ATOM   996  O O   . ILE A 1 130 ? 8.912   -8.079  7.034   1.00 10.22  ? 130 ILE A O   1 
ATOM   997  C CB  . ILE A 1 130 ? 8.367   -6.009  9.356   1.00 12.33  ? 130 ILE A CB  1 
ATOM   998  C CG1 . ILE A 1 130 ? 8.777   -4.694  10.037  1.00 14.97  ? 130 ILE A CG1 1 
ATOM   999  C CG2 . ILE A 1 130 ? 7.482   -6.846  10.280  1.00 14.31  ? 130 ILE A CG2 1 
ATOM   1000 C CD1 . ILE A 1 130 ? 7.637   -3.879  10.629  1.00 14.04  ? 130 ILE A CD1 1 
ATOM   1001 N N   . GLY A 1 131 ? 9.273   -9.198  8.952   1.00 11.37  ? 131 GLY A N   1 
ATOM   1002 C CA  . GLY A 1 131 ? 8.865   -10.475 8.385   1.00 12.26  ? 131 GLY A CA  1 
ATOM   1003 C C   . GLY A 1 131 ? 7.432   -10.386 7.866   1.00 12.79  ? 131 GLY A C   1 
ATOM   1004 O O   . GLY A 1 131 ? 6.536   -9.985  8.617   1.00 13.21  ? 131 GLY A O   1 
ATOM   1005 N N   . PRO A 1 132 ? 7.200   -10.738 6.584   1.00 16.01  ? 132 PRO A N   1 
ATOM   1006 C CA  . PRO A 1 132 ? 5.833   -10.621 6.042   1.00 16.99  ? 132 PRO A CA  1 
ATOM   1007 C C   . PRO A 1 132 ? 4.782   -11.477 6.768   1.00 15.61  ? 132 PRO A C   1 
ATOM   1008 O O   . PRO A 1 132 ? 3.602   -11.176 6.683   1.00 15.35  ? 132 PRO A O   1 
ATOM   1009 C CB  . PRO A 1 132 ? 5.981   -11.041 4.570   1.00 18.20  ? 132 PRO A CB  1 
ATOM   1010 C CG  . PRO A 1 132 ? 7.289   -11.730 4.472   1.00 18.15  ? 132 PRO A CG  1 
ATOM   1011 C CD  . PRO A 1 132 ? 8.163   -11.178 5.554   1.00 17.08  ? 132 PRO A CD  1 
ATOM   1012 N N   . GLU A 1 133 ? 5.215   -12.515 7.490   1.00 13.59  ? 133 GLU A N   1 
ATOM   1013 C CA  . GLU A 1 133 ? 4.330   -13.275 8.379   1.00 15.57  ? 133 GLU A CA  1 
ATOM   1014 C C   . GLU A 1 133 ? 3.664   -12.446 9.476   1.00 14.19  ? 133 GLU A C   1 
ATOM   1015 O O   . GLU A 1 133 ? 2.630   -12.853 10.005  1.00 14.72  ? 133 GLU A O   1 
ATOM   1016 C CB  . GLU A 1 133 ? 5.060   -14.485 9.009   1.00 16.53  ? 133 GLU A CB  1 
ATOM   1017 C CG  . GLU A 1 133 ? 6.061   -14.170 10.124  1.00 16.04  ? 133 GLU A CG  1 
ATOM   1018 C CD  . GLU A 1 133 ? 7.378   -13.584 9.635   1.00 15.69  ? 133 GLU A CD  1 
ATOM   1019 O OE1 . GLU A 1 133 ? 7.652   -13.567 8.422   1.00 20.62  ? 133 GLU A OE1 1 
ATOM   1020 O OE2 . GLU A 1 133 ? 8.157   -13.138 10.483  1.00 22.46  ? 133 GLU A OE2 1 
ATOM   1021 N N   . LYS A 1 134 ? 4.267   -11.312 9.835   1.00 12.04  ? 134 LYS A N   1 
ATOM   1022 C CA  . LYS A 1 134 ? 3.710   -10.413 10.842  1.00 13.49  ? 134 LYS A CA  1 
ATOM   1023 C C   . LYS A 1 134 ? 2.603   -9.495  10.296  1.00 11.68  ? 134 LYS A C   1 
ATOM   1024 O O   . LYS A 1 134 ? 1.928   -8.830  11.072  1.00 13.63  ? 134 LYS A O   1 
ATOM   1025 C CB  . LYS A 1 134 ? 4.828   -9.572  11.483  1.00 16.39  ? 134 LYS A CB  1 
ATOM   1026 C CG  . LYS A 1 134 ? 5.862   -10.397 12.251  1.00 21.72  ? 134 LYS A CG  1 
ATOM   1027 C CD  . LYS A 1 134 ? 6.922   -9.506  12.887  1.00 27.94  ? 134 LYS A CD  1 
ATOM   1028 C CE  . LYS A 1 134 ? 7.970   -10.281 13.683  1.00 33.15  ? 134 LYS A CE  1 
ATOM   1029 N NZ  . LYS A 1 134 ? 8.699   -11.309 12.875  1.00 34.57  ? 134 LYS A NZ  1 
ATOM   1030 N N   . ILE A 1 135 ? 2.421   -9.464  8.976   1.00 12.19  ? 135 ILE A N   1 
ATOM   1031 C CA  . ILE A 1 135 ? 1.430   -8.597  8.340   1.00 10.71  ? 135 ILE A CA  1 
ATOM   1032 C C   . ILE A 1 135 ? 0.080   -9.300  8.352   1.00 11.80  ? 135 ILE A C   1 
ATOM   1033 O O   . ILE A 1 135 ? -0.059  -10.391 7.794   1.00 14.17  ? 135 ILE A O   1 
ATOM   1034 C CB  . ILE A 1 135 ? 1.832   -8.246  6.884   1.00 10.71  ? 135 ILE A CB  1 
ATOM   1035 C CG1 . ILE A 1 135 ? 3.186   -7.525  6.858   1.00 10.06  ? 135 ILE A CG1 1 
ATOM   1036 C CG2 . ILE A 1 135 ? 0.778   -7.365  6.209   1.00 11.13  ? 135 ILE A CG2 1 
ATOM   1037 C CD1 . ILE A 1 135 ? 3.816   -7.447  5.483   1.00 9.70   ? 135 ILE A CD1 1 
ATOM   1038 N N   . ASP A 1 136 ? -0.911  -8.674  8.989   1.00 11.32  ? 136 ASP A N   1 
ATOM   1039 C CA  . ASP A 1 136 ? -2.282  -9.190  8.964   1.00 11.85  ? 136 ASP A CA  1 
ATOM   1040 C C   . ASP A 1 136 ? -3.347  -8.126  8.721   1.00 9.17   ? 136 ASP A C   1 
ATOM   1041 O O   . ASP A 1 136 ? -4.535  -8.434  8.800   1.00 10.39  ? 136 ASP A O   1 
ATOM   1042 C CB  . ASP A 1 136 ? -2.586  -9.929  10.274  1.00 11.57  ? 136 ASP A CB  1 
ATOM   1043 C CG  . ASP A 1 136 ? -2.570  -9.010  11.496  1.00 14.41  ? 136 ASP A CG  1 
ATOM   1044 O OD1 . ASP A 1 136 ? -2.360  -7.784  11.356  1.00 11.92  ? 136 ASP A OD1 1 
ATOM   1045 O OD2 . ASP A 1 136 ? -2.782  -9.524  12.620  1.00 17.25  ? 136 ASP A OD2 1 
ATOM   1046 N N   . THR A 1 137 ? -2.937  -6.892  8.430   1.00 9.88   ? 137 THR A N   1 
ATOM   1047 C CA  . THR A 1 137 ? -3.852  -5.748  8.382   1.00 9.53   ? 137 THR A CA  1 
ATOM   1048 C C   . THR A 1 137 ? -3.485  -4.835  7.211   1.00 10.40  ? 137 THR A C   1 
ATOM   1049 O O   . THR A 1 137 ? -2.301  -4.541  6.982   1.00 8.59   ? 137 THR A O   1 
ATOM   1050 C CB  . THR A 1 137 ? -3.837  -4.963  9.716   1.00 11.46  ? 137 THR A CB  1 
ATOM   1051 O OG1 . THR A 1 137 ? -4.309  -5.810  10.772  1.00 11.98  ? 137 THR A OG1 1 
ATOM   1052 C CG2 . THR A 1 137 ? -4.727  -3.706  9.663   1.00 10.27  ? 137 THR A CG2 1 
ATOM   1053 N N   . LEU A 1 138 ? -4.509  -4.415  6.466   1.00 8.46   ? 138 LEU A N   1 
ATOM   1054 C CA  . LEU A 1 138 ? -4.370  -3.469  5.363   1.00 8.82   ? 138 LEU A CA  1 
ATOM   1055 C C   . LEU A 1 138 ? -5.015  -2.156  5.777   1.00 9.12   ? 138 LEU A C   1 
ATOM   1056 O O   . LEU A 1 138 ? -6.195  -2.127  6.110   1.00 9.70   ? 138 LEU A O   1 
ATOM   1057 C CB  . LEU A 1 138 ? -5.052  -4.013  4.100   1.00 9.52   ? 138 LEU A CB  1 
ATOM   1058 C CG  . LEU A 1 138 ? -5.157  -3.064  2.899   1.00 9.61   ? 138 LEU A CG  1 
ATOM   1059 C CD1 . LEU A 1 138 ? -3.798  -2.576  2.442   1.00 9.89   ? 138 LEU A CD1 1 
ATOM   1060 C CD2 . LEU A 1 138 ? -5.898  -3.752  1.759   1.00 10.03  ? 138 LEU A CD2 1 
ATOM   1061 N N   . GLY A 1 139 ? -4.221  -1.089  5.777   1.00 7.70   ? 139 GLY A N   1 
ATOM   1062 C CA  . GLY A 1 139 ? -4.700  0.258   6.009   1.00 7.51   ? 139 GLY A CA  1 
ATOM   1063 C C   . GLY A 1 139 ? -4.607  1.092   4.745   1.00 7.87   ? 139 GLY A C   1 
ATOM   1064 O O   . GLY A 1 139 ? -3.583  1.073   4.058   1.00 7.31   ? 139 GLY A O   1 
ATOM   1065 N N   . ILE A 1 140 ? -5.674  1.837   4.445   1.00 7.65   ? 140 ILE A N   1 
ATOM   1066 C CA  . ILE A 1 140 ? -5.643  2.820   3.374   1.00 7.60   ? 140 ILE A CA  1 
ATOM   1067 C C   . ILE A 1 140 ? -6.111  4.152   3.963   1.00 7.96   ? 140 ILE A C   1 
ATOM   1068 O O   . ILE A 1 140 ? -7.191  4.228   4.547   1.00 8.86   ? 140 ILE A O   1 
ATOM   1069 C CB  . ILE A 1 140 ? -6.494  2.409   2.150   1.00 7.19   ? 140 ILE A CB  1 
ATOM   1070 C CG1 . ILE A 1 140 ? -6.044  1.043   1.618   1.00 8.52   ? 140 ILE A CG1 1 
ATOM   1071 C CG2 . ILE A 1 140 ? -6.375  3.467   1.052   1.00 7.48   ? 140 ILE A CG2 1 
ATOM   1072 C CD1 . ILE A 1 140 ? -6.945  0.471   0.541   1.00 8.11   ? 140 ILE A CD1 1 
ATOM   1073 N N   . TYR A 1 141 ? -5.270  5.175   3.830   1.00 8.47   ? 141 TYR A N   1 
ATOM   1074 C CA  . TYR A 1 141 ? -5.514  6.485   4.433   1.00 9.71   ? 141 TYR A CA  1 
ATOM   1075 C C   . TYR A 1 141 ? -5.202  7.606   3.454   1.00 11.41  ? 141 TYR A C   1 
ATOM   1076 O O   . TYR A 1 141 ? -4.390  7.437   2.533   1.00 10.23  ? 141 TYR A O   1 
ATOM   1077 C CB  . TYR A 1 141 ? -4.646  6.679   5.686   1.00 9.91   ? 141 TYR A CB  1 
ATOM   1078 C CG  . TYR A 1 141 ? -4.560  5.479   6.624   1.00 10.14  ? 141 TYR A CG  1 
ATOM   1079 C CD1 . TYR A 1 141 ? -3.583  4.490   6.438   1.00 9.08   ? 141 TYR A CD1 1 
ATOM   1080 C CD2 . TYR A 1 141 ? -5.420  5.354   7.713   1.00 10.22  ? 141 TYR A CD2 1 
ATOM   1081 C CE1 . TYR A 1 141 ? -3.483  3.408   7.296   1.00 9.98   ? 141 TYR A CE1 1 
ATOM   1082 C CE2 . TYR A 1 141 ? -5.330  4.269   8.585   1.00 10.60  ? 141 TYR A CE2 1 
ATOM   1083 C CZ  . TYR A 1 141 ? -4.365  3.302   8.376   1.00 10.35  ? 141 TYR A CZ  1 
ATOM   1084 O OH  . TYR A 1 141 ? -4.281  2.233   9.229   1.00 10.10  ? 141 TYR A OH  1 
ATOM   1085 N N   . GLY A 1 142 ? -5.835  8.756   3.680   1.00 10.44  ? 142 GLY A N   1 
ATOM   1086 C CA  . GLY A 1 142 ? -5.527  9.985   2.954   1.00 11.66  ? 142 GLY A CA  1 
ATOM   1087 C C   . GLY A 1 142 ? -6.537  10.306  1.877   1.00 12.60  ? 142 GLY A C   1 
ATOM   1088 O O   . GLY A 1 142 ? -7.672  9.797   1.889   1.00 12.13  ? 142 GLY A O   1 
ATOM   1089 N N   . LYS A 1 143 ? -6.121  11.153  0.938   1.00 11.14  ? 143 LYS A N   1 
ATOM   1090 C CA  . LYS A 1 143 ? -7.001  11.643  -0.120  1.00 14.23  ? 143 LYS A CA  1 
ATOM   1091 C C   . LYS A 1 143 ? -7.014  10.712  -1.335  1.00 12.77  ? 143 LYS A C   1 
ATOM   1092 O O   . LYS A 1 143 ? -6.254  10.896  -2.290  1.00 11.41  ? 143 LYS A O   1 
ATOM   1093 C CB  . LYS A 1 143 ? -6.605  13.071  -0.520  1.00 17.47  ? 143 LYS A CB  1 
ATOM   1094 C CG  . LYS A 1 143 ? -6.982  14.119  0.519   1.00 22.47  ? 143 LYS A CG  1 
ATOM   1095 C CD  . LYS A 1 143 ? -8.445  14.516  0.402   1.00 34.39  ? 143 LYS A CD  1 
ATOM   1096 C CE  . LYS A 1 143 ? -8.806  15.654  1.343   1.00 40.45  ? 143 LYS A CE  1 
ATOM   1097 N NZ  . LYS A 1 143 ? -8.062  16.907  1.038   1.00 47.09  ? 143 LYS A NZ  1 
ATOM   1098 N N   . VAL A 1 144 ? -7.892  9.709   -1.271  1.00 11.00  ? 144 VAL A N   1 
ATOM   1099 C CA  . VAL A 1 144 ? -8.041  8.708   -2.325  1.00 10.96  ? 144 VAL A CA  1 
ATOM   1100 C C   . VAL A 1 144 ? -9.437  8.096   -2.235  1.00 11.18  ? 144 VAL A C   1 
ATOM   1101 O O   . VAL A 1 144 ? -10.005 8.003   -1.141  1.00 11.70  ? 144 VAL A O   1 
ATOM   1102 C CB  . VAL A 1 144 ? -6.944  7.616   -2.219  1.00 10.04  ? 144 VAL A CB  1 
ATOM   1103 C CG1 . VAL A 1 144 ? -7.118  6.761   -0.964  1.00 11.17  ? 144 VAL A CG1 1 
ATOM   1104 C CG2 . VAL A 1 144 ? -6.912  6.741   -3.465  1.00 10.54  ? 144 VAL A CG2 1 
ATOM   1105 N N   . ASN A 1 145 ? -9.979  7.700   -3.380  1.00 11.90  ? 145 ASN A N   1 
ATOM   1106 C CA  . ASN A 1 145 ? -11.250 6.977   -3.452  1.00 13.11  ? 145 ASN A CA  1 
ATOM   1107 C C   . ASN A 1 145 ? -10.937 5.564   -3.902  1.00 11.33  ? 145 ASN A C   1 
ATOM   1108 O O   . ASN A 1 145 ? -10.325 5.386   -4.943  1.00 12.71  ? 145 ASN A O   1 
ATOM   1109 C CB  . ASN A 1 145 ? -12.197 7.633   -4.451  1.00 14.71  ? 145 ASN A CB  1 
ATOM   1110 C CG  . ASN A 1 145 ? -12.573 9.047   -4.053  1.00 22.05  ? 145 ASN A CG  1 
ATOM   1111 O OD1 . ASN A 1 145 ? -11.705 9.894   -3.853  1.00 28.59  ? 145 ASN A OD1 1 
ATOM   1112 N ND2 . ASN A 1 145 ? -13.868 9.314   -3.949  1.00 33.72  ? 145 ASN A ND2 1 
ATOM   1113 N N   . ILE A 1 146 ? -11.345 4.573   -3.113  1.00 9.84   ? 146 ILE A N   1 
ATOM   1114 C CA  . ILE A 1 146 ? -11.090 3.163   -3.419  1.00 9.19   ? 146 ILE A CA  1 
ATOM   1115 C C   . ILE A 1 146 ? -12.368 2.498   -3.934  1.00 10.55  ? 146 ILE A C   1 
ATOM   1116 O O   . ILE A 1 146 ? -13.400 2.515   -3.266  1.00 8.89   ? 146 ILE A O   1 
ATOM   1117 C CB  . ILE A 1 146 ? -10.557 2.409   -2.179  1.00 8.86   ? 146 ILE A CB  1 
ATOM   1118 C CG1 . ILE A 1 146 ? -9.245  3.047   -1.684  1.00 9.03   ? 146 ILE A CG1 1 
ATOM   1119 C CG2 . ILE A 1 146 ? -10.371 0.921   -2.476  1.00 9.12   ? 146 ILE A CG2 1 
ATOM   1120 C CD1 . ILE A 1 146 ? -8.117  3.105   -2.700  1.00 9.57   ? 146 ILE A CD1 1 
ATOM   1121 N N   . HIS A 1 147 ? -12.278 1.912   -5.126  1.00 9.38   ? 147 HIS A N   1 
ATOM   1122 C CA  . HIS A 1 147 ? -13.402 1.205   -5.733  1.00 9.99   ? 147 HIS A CA  1 
ATOM   1123 C C   . HIS A 1 147 ? -13.454 -0.216  -5.231  1.00 8.96   ? 147 HIS A C   1 
ATOM   1124 O O   . HIS A 1 147 ? -14.518 -0.710  -4.856  1.00 8.15   ? 147 HIS A O   1 
ATOM   1125 C CB  . HIS A 1 147 ? -13.280 1.172   -7.253  1.00 10.10  ? 147 HIS A CB  1 
ATOM   1126 C CG  . HIS A 1 147 ? -13.052 2.511   -7.863  1.00 10.77  ? 147 HIS A CG  1 
ATOM   1127 N ND1 . HIS A 1 147 ? -12.484 2.673   -9.106  1.00 11.85  ? 147 HIS A ND1 1 
ATOM   1128 C CD2 . HIS A 1 147 ? -13.287 3.754   -7.389  1.00 11.61  ? 147 HIS A CD2 1 
ATOM   1129 C CE1 . HIS A 1 147 ? -12.394 3.958   -9.382  1.00 11.65  ? 147 HIS A CE1 1 
ATOM   1130 N NE2 . HIS A 1 147 ? -12.873 4.634   -8.357  1.00 13.04  ? 147 HIS A NE2 1 
ATOM   1131 N N   . SER A 1 148 ? -12.302 -0.878  -5.228  1.00 8.20   ? 148 SER A N   1 
ATOM   1132 C CA  . SER A 1 148 ? -12.233 -2.250  -4.784  1.00 8.81   ? 148 SER A CA  1 
ATOM   1133 C C   . SER A 1 148 ? -10.862 -2.642  -4.247  1.00 8.27   ? 148 SER A C   1 
ATOM   1134 O O   . SER A 1 148 ? -9.834  -2.079  -4.641  1.00 8.49   ? 148 SER A O   1 
ATOM   1135 C CB  . SER A 1 148 ? -12.627 -3.195  -5.920  1.00 9.56   ? 148 SER A CB  1 
ATOM   1136 O OG  . SER A 1 148 ? -11.707 -3.124  -6.989  1.00 9.10   ? 148 SER A OG  1 
ATOM   1137 N N   . ILE A 1 149 ? -10.894 -3.615  -3.345  1.00 8.71   ? 149 ILE A N   1 
ATOM   1138 C CA  . ILE A 1 149 ? -9.719  -4.296  -2.819  1.00 9.19   ? 149 ILE A CA  1 
ATOM   1139 C C   . ILE A 1 149 ? -9.949  -5.791  -2.998  1.00 9.58   ? 149 ILE A C   1 
ATOM   1140 O O   . ILE A 1 149 ? -11.002 -6.302  -2.611  1.00 9.97   ? 149 ILE A O   1 
ATOM   1141 C CB  . ILE A 1 149 ? -9.521  -4.032  -1.318  1.00 9.28   ? 149 ILE A CB  1 
ATOM   1142 C CG1 . ILE A 1 149 ? -9.381  -2.536  -1.032  1.00 10.66  ? 149 ILE A CG1 1 
ATOM   1143 C CG2 . ILE A 1 149 ? -8.306  -4.802  -0.791  1.00 10.77  ? 149 ILE A CG2 1 
ATOM   1144 C CD1 . ILE A 1 149 ? -9.677  -2.165  0.400   1.00 11.12  ? 149 ILE A CD1 1 
ATOM   1145 N N   . GLY A 1 150 ? -8.968  -6.483  -3.566  1.00 8.48   ? 150 GLY A N   1 
ATOM   1146 C CA  . GLY A 1 150 ? -9.024  -7.935  -3.723  1.00 10.48  ? 150 GLY A CA  1 
ATOM   1147 C C   . GLY A 1 150 ? -7.676  -8.591  -3.522  1.00 10.36  ? 150 GLY A C   1 
ATOM   1148 O O   . GLY A 1 150 ? -6.630  -7.938  -3.602  1.00 10.88  ? 150 GLY A O   1 
ATOM   1149 N N   . PHE A 1 151 ? -7.704  -9.897  -3.265  1.00 10.68  ? 151 PHE A N   1 
ATOM   1150 C CA  . PHE A 1 151 ? -6.498  -10.666 -3.000  1.00 11.28  ? 151 PHE A CA  1 
ATOM   1151 C C   . PHE A 1 151 ? -6.395  -11.882 -3.909  1.00 11.47  ? 151 PHE A C   1 
ATOM   1152 O O   . PHE A 1 151 ? -7.402  -12.401 -4.377  1.00 14.46  ? 151 PHE A O   1 
ATOM   1153 C CB  . PHE A 1 151 ? -6.480  -11.135 -1.548  1.00 12.64  ? 151 PHE A CB  1 
ATOM   1154 C CG  . PHE A 1 151 ? -6.547  -10.020 -0.551  1.00 12.98  ? 151 PHE A CG  1 
ATOM   1155 C CD1 . PHE A 1 151 ? -5.385  -9.423  -0.086  1.00 13.95  ? 151 PHE A CD1 1 
ATOM   1156 C CD2 . PHE A 1 151 ? -7.771  -9.559  -0.086  1.00 12.52  ? 151 PHE A CD2 1 
ATOM   1157 C CE1 . PHE A 1 151 ? -5.445  -8.382  0.836   1.00 13.91  ? 151 PHE A CE1 1 
ATOM   1158 C CE2 . PHE A 1 151 ? -7.837  -8.521  0.833   1.00 12.76  ? 151 PHE A CE2 1 
ATOM   1159 C CZ  . PHE A 1 151 ? -6.672  -7.938  1.304   1.00 11.86  ? 151 PHE A CZ  1 
ATOM   1160 N N   . SER A 1 152 ? -5.167  -12.308 -4.165  1.00 11.45  ? 152 SER A N   1 
ATOM   1161 C CA  . SER A 1 152 ? -4.900  -13.608 -4.771  1.00 13.00  ? 152 SER A CA  1 
ATOM   1162 C C   . SER A 1 152 ? -3.836  -14.269 -3.918  1.00 12.54  ? 152 SER A C   1 
ATOM   1163 O O   . SER A 1 152 ? -2.666  -13.884 -3.977  1.00 13.84  ? 152 SER A O   1 
ATOM   1164 C CB  . SER A 1 152 ? -4.417  -13.442 -6.211  1.00 13.61  ? 152 SER A CB  1 
ATOM   1165 O OG  . SER A 1 152 ? -4.101  -14.698 -6.778  1.00 17.59  ? 152 SER A OG  1 
ATOM   1166 N N   . PHE A 1 153 ? -4.240  -15.243 -3.111  1.00 14.44  ? 153 PHE A N   1 
ATOM   1167 C CA  . PHE A 1 153 ? -3.329  -15.894 -2.168  1.00 14.25  ? 153 PHE A CA  1 
ATOM   1168 C C   . PHE A 1 153 ? -2.680  -17.094 -2.828  1.00 19.90  ? 153 PHE A C   1 
ATOM   1169 O O   . PHE A 1 153 ? -3.339  -17.830 -3.561  1.00 19.70  ? 153 PHE A O   1 
ATOM   1170 C CB  . PHE A 1 153 ? -4.076  -16.314 -0.903  1.00 15.41  ? 153 PHE A CB  1 
ATOM   1171 C CG  . PHE A 1 153 ? -4.608  -15.156 -0.114  1.00 12.65  ? 153 PHE A CG  1 
ATOM   1172 C CD1 . PHE A 1 153 ? -3.733  -14.307 0.562   1.00 13.86  ? 153 PHE A CD1 1 
ATOM   1173 C CD2 . PHE A 1 153 ? -5.969  -14.903 -0.046  1.00 12.15  ? 153 PHE A CD2 1 
ATOM   1174 C CE1 . PHE A 1 153 ? -4.213  -13.224 1.287   1.00 14.25  ? 153 PHE A CE1 1 
ATOM   1175 C CE2 . PHE A 1 153 ? -6.455  -13.827 0.677   1.00 12.80  ? 153 PHE A CE2 1 
ATOM   1176 C CZ  . PHE A 1 153 ? -5.578  -12.987 1.345   1.00 14.37  ? 153 PHE A CZ  1 
ATOM   1177 N N   . SER A 1 154 ? -1.387  -17.273 -2.583  1.00 22.92  ? 154 SER A N   1 
ATOM   1178 C CA  . SER A 1 154 ? -0.632  -18.371 -3.188  1.00 27.78  ? 154 SER A CA  1 
ATOM   1179 C C   . SER A 1 154 ? -0.688  -19.598 -2.279  1.00 35.04  ? 154 SER A C   1 
ATOM   1180 O O   . SER A 1 154 ? -0.305  -20.692 -2.682  1.00 37.79  ? 154 SER A O   1 
ATOM   1181 C CB  . SER A 1 154 ? 0.818   -17.948 -3.448  1.00 29.25  ? 154 SER A CB  1 
ATOM   1182 O OG  . SER A 1 154 ? 1.407   -17.379 -2.290  1.00 25.48  ? 154 SER A OG  1 
HETATM 1183 C C1  . GLC B 2 .   ? 11.011  14.451  6.413   1.00 33.73  ? 1   GLC B C1  1 
HETATM 1184 C C2  . GLC B 2 .   ? 10.580  13.637  5.190   1.00 25.41  ? 1   GLC B C2  1 
HETATM 1185 C C3  . GLC B 2 .   ? 9.079   13.338  5.224   1.00 22.57  ? 1   GLC B C3  1 
HETATM 1186 C C4  . GLC B 2 .   ? 8.651   12.769  6.569   1.00 21.78  ? 1   GLC B C4  1 
HETATM 1187 C C5  . GLC B 2 .   ? 9.089   13.705  7.695   1.00 28.75  ? 1   GLC B C5  1 
HETATM 1188 C C6  . GLC B 2 .   ? 8.694   13.206  9.086   1.00 27.93  ? 1   GLC B C6  1 
HETATM 1189 O O1  . GLC B 2 .   ? 10.526  15.791  6.282   1.00 46.52  ? 1   GLC B O1  1 
HETATM 1190 O O2  . GLC B 2 .   ? 10.907  14.371  4.002   1.00 25.01  ? 1   GLC B O2  1 
HETATM 1191 O O3  . GLC B 2 .   ? 8.707   12.425  4.185   1.00 15.36  ? 1   GLC B O3  1 
HETATM 1192 O O4  . GLC B 2 .   ? 7.227   12.657  6.551   1.00 22.23  ? 1   GLC B O4  1 
HETATM 1193 O O5  . GLC B 2 .   ? 10.515  13.876  7.631   1.00 30.86  ? 1   GLC B O5  1 
HETATM 1194 O O6  . GLC B 2 .   ? 9.260   11.909  9.346   1.00 34.55  ? 1   GLC B O6  1 
HETATM 1195 C C1  . GAL B 2 .   ? 6.729   11.390  6.994   1.00 17.69  ? 2   GAL B C1  1 
HETATM 1196 C C2  . GAL B 2 .   ? 5.204   11.476  7.138   1.00 18.76  ? 2   GAL B C2  1 
HETATM 1197 C C3  . GAL B 2 .   ? 4.589   10.097  7.406   1.00 16.63  ? 2   GAL B C3  1 
HETATM 1198 C C4  . GAL B 2 .   ? 5.163   9.033   6.461   1.00 13.04  ? 2   GAL B C4  1 
HETATM 1199 C C5  . GAL B 2 .   ? 6.692   9.088   6.482   1.00 13.72  ? 2   GAL B C5  1 
HETATM 1200 C C6  . GAL B 2 .   ? 7.335   8.032   5.593   1.00 11.75  ? 2   GAL B C6  1 
HETATM 1201 O O2  . GAL B 2 .   ? 4.835   12.361  8.211   1.00 19.68  ? 2   GAL B O2  1 
HETATM 1202 O O3  . GAL B 2 .   ? 3.168   10.192  7.290   1.00 18.35  ? 2   GAL B O3  1 
HETATM 1203 O O4  . GAL B 2 .   ? 4.691   9.250   5.120   1.00 11.21  ? 2   GAL B O4  1 
HETATM 1204 O O5  . GAL B 2 .   ? 7.107   10.385  6.046   1.00 14.12  ? 2   GAL B O5  1 
HETATM 1205 O O6  . GAL B 2 .   ? 8.753   8.216   5.610   1.00 11.02  ? 2   GAL B O6  1 
HETATM 1206 C C1  . GOL C 3 .   ? 15.299  -1.795  -2.038  1.00 33.37  ? 202 GOL A C1  1 
HETATM 1207 O O1  . GOL C 3 .   ? 14.235  -1.864  -1.089  1.00 17.31  ? 202 GOL A O1  1 
HETATM 1208 C C2  . GOL C 3 .   ? 14.982  -2.745  -3.185  1.00 38.19  ? 202 GOL A C2  1 
HETATM 1209 O O2  . GOL C 3 .   ? 15.697  -2.345  -4.358  1.00 49.02  ? 202 GOL A O2  1 
HETATM 1210 C C3  . GOL C 3 .   ? 15.385  -4.151  -2.754  1.00 47.83  ? 202 GOL A C3  1 
HETATM 1211 O O3  . GOL C 3 .   ? 14.772  -5.138  -3.593  1.00 45.39  ? 202 GOL A O3  1 
HETATM 1212 O O   . HOH D 4 .   ? 0.670   -21.266 8.820   1.00 31.25  ? 301 HOH A O   1 
HETATM 1213 O O   . HOH D 4 .   ? -15.656 -8.416  -8.792  1.00 32.76  ? 302 HOH A O   1 
HETATM 1214 O O   . HOH D 4 .   ? -6.760  -6.331  11.427  1.00 24.38  ? 303 HOH A O   1 
HETATM 1215 O O   . HOH D 4 .   ? -11.812 0.970   -10.972 1.00 23.71  ? 304 HOH A O   1 
HETATM 1216 O O   . HOH D 4 .   ? -15.254 4.225   -3.987  1.00 26.60  ? 305 HOH A O   1 
HETATM 1217 O O   . HOH D 4 .   ? 11.564  1.295   -2.739  1.00 15.55  ? 306 HOH A O   1 
HETATM 1218 O O   . HOH D 4 .   ? -17.563 -10.090 -5.536  1.00 25.12  ? 307 HOH A O   1 
HETATM 1219 O O   . HOH D 4 .   ? -13.701 1.701   6.276   1.00 14.11  ? 308 HOH A O   1 
HETATM 1220 O O   . HOH D 4 .   ? -9.320  -16.265 1.851   1.00 27.14  ? 309 HOH A O   1 
HETATM 1221 O O   . HOH D 4 .   ? 1.034   5.861   20.699  1.00 37.44  ? 310 HOH A O   1 
HETATM 1222 O O   . HOH D 4 .   ? 1.087   6.929   23.462  1.00 38.80  ? 311 HOH A O   1 
HETATM 1223 O O   . HOH D 4 .   ? -7.319  -17.912 1.309   1.00 29.93  ? 312 HOH A O   1 
HETATM 1224 O O   . HOH D 4 .   ? 2.653   2.715   -14.163 1.00 24.45  ? 313 HOH A O   1 
HETATM 1225 O O   . HOH D 4 .   ? 7.939   -3.563  17.247  1.00 21.78  ? 314 HOH A O   1 
HETATM 1226 O O   . HOH D 4 .   ? 2.365   10.244  -7.039  1.00 17.22  ? 315 HOH A O   1 
HETATM 1227 O O   . HOH D 4 .   ? 5.144   1.249   15.100  1.00 12.24  ? 316 HOH A O   1 
HETATM 1228 O O   . HOH D 4 .   ? -10.818 -17.068 -1.059  1.00 31.76  ? 317 HOH A O   1 
HETATM 1229 O O   . HOH D 4 .   ? 8.390   11.144  11.759  1.00 45.71  ? 318 HOH A O   1 
HETATM 1230 O O   . HOH D 4 .   ? 10.710  -12.342 14.324  1.00 43.93  ? 319 HOH A O   1 
HETATM 1231 O O   . HOH D 4 .   ? -11.236 15.188  -1.950  1.00 37.69  ? 320 HOH A O   1 
HETATM 1232 O O   . HOH D 4 .   ? 3.990   -0.693  17.829  1.00 24.99  ? 321 HOH A O   1 
HETATM 1233 O O   . HOH D 4 .   ? 8.593   17.634  -7.502  1.00 48.19  ? 322 HOH A O   1 
HETATM 1234 O O   . HOH D 4 .   ? 8.348   13.034  -10.354 1.00 30.49  ? 323 HOH A O   1 
HETATM 1235 O O   . HOH D 4 .   ? 5.233   2.644   -13.047 1.00 24.42  ? 324 HOH A O   1 
HETATM 1236 O O   . HOH D 4 .   ? 13.455  -1.986  2.348   1.00 10.23  ? 325 HOH A O   1 
HETATM 1237 O O   . HOH D 4 .   ? 15.982  8.341   2.322   1.00 31.06  ? 326 HOH A O   1 
HETATM 1238 O O   . HOH D 4 .   ? -9.652  20.710  -7.727  1.00 41.12  ? 327 HOH A O   1 
HETATM 1239 O O   . HOH D 4 .   ? 0.194   -11.964 10.817  1.00 34.64  ? 328 HOH A O   1 
HETATM 1240 O O   . HOH D 4 .   ? -10.709 -10.284 6.910   1.00 24.87  ? 329 HOH A O   1 
HETATM 1241 O O   . HOH D 4 .   ? -0.195  5.148   -15.484 1.00 26.82  ? 330 HOH A O   1 
HETATM 1242 O O   . HOH D 4 .   ? -9.854  -9.696  12.508  1.00 48.13  ? 331 HOH A O   1 
HETATM 1243 O O   . HOH D 4 .   ? 0.882   -15.450 -8.072  1.00 19.13  ? 332 HOH A O   1 
HETATM 1244 O O   . HOH D 4 .   ? -0.605  3.297   9.391   1.00 10.68  ? 333 HOH A O   1 
HETATM 1245 O O   . HOH D 4 .   ? 1.872   12.268  -9.053  1.00 21.29  ? 334 HOH A O   1 
HETATM 1246 O O   . HOH D 4 .   ? 13.303  -18.323 4.941   1.00 19.61  ? 335 HOH A O   1 
HETATM 1247 O O   . HOH D 4 .   ? 4.425   -19.573 -2.854  1.00 27.06  ? 336 HOH A O   1 
HETATM 1248 O O   . HOH D 4 .   ? 20.173  1.790   3.733   1.00 36.30  ? 337 HOH A O   1 
HETATM 1249 O O   . HOH D 4 .   ? -4.124  15.069  -13.819 1.00 38.00  ? 338 HOH A O   1 
HETATM 1250 O O   . HOH D 4 .   ? -2.172  -11.977 6.744   1.00 21.23  ? 339 HOH A O   1 
HETATM 1251 O O   . HOH D 4 .   ? 9.026   -4.818  5.547   1.00 12.15  ? 340 HOH A O   1 
HETATM 1252 O O   . HOH D 4 .   ? -8.332  2.446   -14.079 1.00 38.80  ? 341 HOH A O   1 
HETATM 1253 O O   . HOH D 4 .   ? 1.301   15.094  -9.010  1.00 24.20  ? 342 HOH A O   1 
HETATM 1254 O O   . HOH D 4 .   ? 7.563   -7.062  4.864   1.00 10.35  ? 343 HOH A O   1 
HETATM 1255 O O   . HOH D 4 .   ? 15.848  -5.598  5.693   1.00 15.67  ? 344 HOH A O   1 
HETATM 1256 O O   . HOH D 4 .   ? 9.828   4.109   -3.262  1.00 19.78  ? 345 HOH A O   1 
HETATM 1257 O O   . HOH D 4 .   ? -9.218  13.663  -15.525 1.00 48.45  ? 346 HOH A O   1 
HETATM 1258 O O   . HOH D 4 .   ? -11.936 9.338   0.304   1.00 29.73  ? 347 HOH A O   1 
HETATM 1259 O O   . HOH D 4 .   ? 2.671   -6.650  -9.027  1.00 12.09  ? 348 HOH A O   1 
HETATM 1260 O O   . HOH D 4 .   ? -13.403 5.228   8.274   1.00 22.16  ? 349 HOH A O   1 
HETATM 1261 O O   . HOH D 4 .   ? 12.765  -7.609  11.128  1.00 12.41  ? 350 HOH A O   1 
HETATM 1262 O O   . HOH D 4 .   ? 12.149  2.703   -7.358  1.00 22.69  ? 351 HOH A O   1 
HETATM 1263 O O   . HOH D 4 .   ? -17.244 -2.023  1.883   1.00 25.83  ? 352 HOH A O   1 
HETATM 1264 O O   . HOH D 4 .   ? 14.394  -4.223  10.067  1.00 17.06  ? 353 HOH A O   1 
HETATM 1265 O O   . HOH D 4 .   ? 11.513  6.291   -10.829 1.00 34.80  ? 354 HOH A O   1 
HETATM 1266 O O   . HOH D 4 .   ? 8.528   0.139   -15.613 1.00 32.98  ? 355 HOH A O   1 
HETATM 1267 O O   . HOH D 4 .   ? -15.093 11.056  -6.911  1.00 36.55  ? 356 HOH A O   1 
HETATM 1268 O O   . HOH D 4 .   ? 13.071  14.587  -3.318  1.00 37.41  ? 357 HOH A O   1 
HETATM 1269 O O   . HOH D 4 .   ? 13.995  10.827  2.184   1.00 39.22  ? 358 HOH A O   1 
HETATM 1270 O O   . HOH D 4 .   ? -4.573  1.138   11.782  1.00 10.94  ? 359 HOH A O   1 
HETATM 1271 O O   . HOH D 4 .   ? -12.134 0.137   8.028   1.00 18.14  ? 360 HOH A O   1 
HETATM 1272 O O   . HOH D 4 .   ? -3.327  6.463   -12.658 1.00 19.40  ? 361 HOH A O   1 
HETATM 1273 O O   . HOH D 4 .   ? -12.767 -4.233  -9.332  1.00 29.37  ? 362 HOH A O   1 
HETATM 1274 O O   . HOH D 4 .   ? 1.241   -12.646 6.332   1.00 14.77  ? 363 HOH A O   1 
HETATM 1275 O O   . HOH D 4 .   ? 2.114   10.834  -13.050 1.00 27.28  ? 364 HOH A O   1 
HETATM 1276 O O   . HOH D 4 .   ? 9.401   14.745  -7.548  1.00 34.48  ? 365 HOH A O   1 
HETATM 1277 O O   . HOH D 4 .   ? 16.679  -0.397  1.564   1.00 43.12  ? 366 HOH A O   1 
HETATM 1278 O O   . HOH D 4 .   ? 11.082  -3.939  19.435  1.00 41.05  ? 367 HOH A O   1 
HETATM 1279 O O   . HOH D 4 .   ? -11.944 15.319  -7.077  1.00 24.63  ? 368 HOH A O   1 
HETATM 1280 O O   . HOH D 4 .   ? -9.364  -4.665  -6.709  1.00 10.57  ? 369 HOH A O   1 
HETATM 1281 O O   . HOH D 4 .   ? -2.418  1.949   13.408  1.00 12.56  ? 370 HOH A O   1 
HETATM 1282 O O   . HOH D 4 .   ? -1.462  9.795   3.153   1.00 13.03  ? 371 HOH A O   1 
HETATM 1283 O O   . HOH D 4 .   ? -1.719  19.000  -2.354  1.00 45.89  ? 372 HOH A O   1 
HETATM 1284 O O   . HOH D 4 .   ? 14.699  8.801   5.349   1.00 22.40  ? 373 HOH A O   1 
HETATM 1285 O O   . HOH D 4 .   ? -13.396 4.814   -1.154  1.00 14.36  ? 374 HOH A O   1 
HETATM 1286 O O   . HOH D 4 .   ? -14.226 8.823   6.749   1.00 37.75  ? 375 HOH A O   1 
HETATM 1287 O O   . HOH D 4 .   ? -17.801 -7.995  -0.893  1.00 21.50  ? 376 HOH A O   1 
HETATM 1288 O O   . HOH D 4 .   ? 0.606   -10.309 13.226  1.00 24.64  ? 377 HOH A O   1 
HETATM 1289 O O   . HOH D 4 .   ? -15.023 -11.915 -2.561  1.00 21.03  ? 378 HOH A O   1 
HETATM 1290 O O   . HOH D 4 .   ? 2.338   16.140  -1.738  1.00 31.68  ? 379 HOH A O   1 
HETATM 1291 O O   . HOH D 4 .   ? -17.802 -5.083  -0.150  1.00 15.56  ? 380 HOH A O   1 
HETATM 1292 O O   . HOH D 4 .   ? -21.189 0.655   -1.439  1.00 10.13  ? 381 HOH A O   1 
HETATM 1293 O O   . HOH D 4 .   ? -0.171  -7.324  16.331  1.00 35.79  ? 382 HOH A O   1 
HETATM 1294 O O   . HOH D 4 .   ? 12.484  1.514   15.657  1.00 28.28  ? 383 HOH A O   1 
HETATM 1295 O O   . HOH D 4 .   ? -5.635  1.474   -14.554 1.00 31.98  ? 384 HOH A O   1 
HETATM 1296 O O   . HOH D 4 .   ? 9.883   -15.248 -4.048  1.00 19.61  ? 385 HOH A O   1 
HETATM 1297 O O   . HOH D 4 .   ? -2.041  -15.298 -8.647  1.00 38.86  ? 386 HOH A O   1 
HETATM 1298 O O   . HOH D 4 .   ? 5.409   7.886   14.702  1.00 38.62  ? 387 HOH A O   1 
HETATM 1299 O O   . HOH D 4 .   ? -1.198  -17.301 0.837   1.00 22.23  ? 388 HOH A O   1 
HETATM 1300 O O   . HOH D 4 .   ? -4.053  -12.746 8.749   1.00 42.64  ? 389 HOH A O   1 
HETATM 1301 O O   . HOH D 4 .   ? -4.255  13.427  2.945   1.00 22.78  ? 390 HOH A O   1 
HETATM 1302 O O   . HOH D 4 .   ? -8.436  -1.941  -12.869 1.00 34.12  ? 391 HOH A O   1 
HETATM 1303 O O   . HOH D 4 .   ? 15.605  -6.882  -1.496  1.00 41.37  ? 392 HOH A O   1 
HETATM 1304 O O   . HOH D 4 .   ? 15.614  2.097   8.081   1.00 16.56  ? 393 HOH A O   1 
HETATM 1305 O O   . HOH D 4 .   ? -1.649  5.802   15.916  1.00 39.63  ? 394 HOH A O   1 
HETATM 1306 O O   . HOH D 4 .   ? -2.405  10.503  24.376  1.00 36.86  ? 395 HOH A O   1 
HETATM 1307 O O   . HOH D 4 .   ? -9.125  8.034   -15.045 1.00 21.19  ? 396 HOH A O   1 
HETATM 1308 O O   . HOH D 4 .   ? -6.045  6.027   -15.661 1.00 33.04  ? 397 HOH A O   1 
HETATM 1309 O O   . HOH D 4 .   ? 12.717  -1.395  -9.724  1.00 21.18  ? 398 HOH A O   1 
HETATM 1310 O O   . HOH D 4 .   ? -6.352  18.310  -10.287 1.00 34.16  ? 399 HOH A O   1 
HETATM 1311 O O   . HOH D 4 .   ? -14.298 -13.581 -4.599  1.00 29.83  ? 400 HOH A O   1 
HETATM 1312 O O   . HOH D 4 .   ? 7.620   14.845  -0.092  1.00 19.60  ? 401 HOH A O   1 
HETATM 1313 O O   . HOH D 4 .   ? 15.035  -8.030  2.824   1.00 22.03  ? 402 HOH A O   1 
HETATM 1314 O O   . HOH D 4 .   ? -13.645 -11.816 2.779   1.00 29.89  ? 403 HOH A O   1 
HETATM 1315 O O   . HOH D 4 .   ? 12.486  0.025   -6.895  1.00 13.20  ? 404 HOH A O   1 
HETATM 1316 O O   . HOH D 4 .   ? -1.007  -3.491  16.260  1.00 13.73  ? 405 HOH A O   1 
HETATM 1317 O O   . HOH D 4 .   ? 8.769   3.854   -11.476 1.00 34.60  ? 406 HOH A O   1 
HETATM 1318 O O   . HOH D 4 .   ? 6.632   -13.063 13.849  1.00 34.73  ? 407 HOH A O   1 
HETATM 1319 O O   . HOH D 4 .   ? 6.281   -13.987 1.675   1.00 34.16  ? 408 HOH A O   1 
HETATM 1320 O O   . HOH D 4 .   ? -1.327  15.016  -10.377 1.00 18.72  ? 409 HOH A O   1 
HETATM 1321 O O   . HOH D 4 .   ? -10.874 -8.885  2.596   1.00 15.55  ? 410 HOH A O   1 
HETATM 1322 O O   . HOH D 4 .   ? 10.104  9.609   7.818   1.00 27.14  ? 411 HOH A O   1 
HETATM 1323 O O   . HOH D 4 .   ? -12.955 17.347  -8.497  1.00 26.02  ? 412 HOH A O   1 
HETATM 1324 O O   . HOH D 4 .   ? -15.167 -10.155 1.104   1.00 24.49  ? 413 HOH A O   1 
HETATM 1325 O O   . HOH D 4 .   ? -4.452  -5.475  16.190  1.00 21.77  ? 414 HOH A O   1 
HETATM 1326 O O   . HOH D 4 .   ? -1.086  -2.933  -12.203 1.00 13.54  ? 415 HOH A O   1 
HETATM 1327 O O   . HOH D 4 .   ? -3.298  -19.637 0.893   1.00 31.98  ? 416 HOH A O   1 
HETATM 1328 O O   . HOH D 4 .   ? 3.582   9.148   10.754  1.00 23.49  ? 417 HOH A O   1 
HETATM 1329 O O   . HOH D 4 .   ? -6.694  0.962   13.340  1.00 22.99  ? 418 HOH A O   1 
HETATM 1330 O O   . HOH D 4 .   ? -2.679  -20.432 4.487   1.00 45.39  ? 419 HOH A O   1 
HETATM 1331 O O   . HOH D 4 .   ? -15.760 0.585   4.903   1.00 19.74  ? 420 HOH A O   1 
HETATM 1332 O O   . HOH D 4 .   ? 6.189   -5.999  13.812  1.00 19.61  ? 421 HOH A O   1 
HETATM 1333 O O   . HOH D 4 .   ? 12.984  0.626   8.758   1.00 9.78   ? 422 HOH A O   1 
HETATM 1334 O O   . HOH D 4 .   ? -6.566  -16.238 -6.549  1.00 38.80  ? 423 HOH A O   1 
HETATM 1335 O O   . HOH D 4 .   ? -12.473 18.031  -0.700  1.00 36.39  ? 424 HOH A O   1 
HETATM 1336 O O   . HOH D 4 .   ? 6.526   -3.351  -16.604 1.00 19.46  ? 425 HOH A O   1 
HETATM 1337 O O   . HOH D 4 .   ? -14.620 7.347   2.220   1.00 26.53  ? 426 HOH A O   1 
HETATM 1338 O O   . HOH D 4 .   ? 10.313  -8.882  11.664  1.00 16.42  ? 427 HOH A O   1 
HETATM 1339 O O   . HOH D 4 .   ? 1.525   8.042   8.393   1.00 4.49   ? 428 HOH A O   1 
HETATM 1340 O O   . HOH D 4 .   ? -10.442 10.517  2.481   1.00 33.98  ? 429 HOH A O   1 
HETATM 1341 O O   . HOH D 4 .   ? -9.073  0.866   -11.808 1.00 25.95  ? 430 HOH A O   1 
HETATM 1342 O O   . HOH D 4 .   ? -13.088 -15.253 -1.701  1.00 25.13  ? 431 HOH A O   1 
HETATM 1343 O O   . HOH D 4 .   ? -10.080 -6.903  4.427   1.00 19.92  ? 432 HOH A O   1 
HETATM 1344 O O   . HOH D 4 .   ? -1.223  -15.951 -5.987  1.00 31.92  ? 433 HOH A O   1 
HETATM 1345 O O   . HOH D 4 .   ? 2.939   7.620   14.343  1.00 30.61  ? 434 HOH A O   1 
HETATM 1346 O O   . HOH D 4 .   ? 12.627  -12.085 -3.554  1.00 18.89  ? 435 HOH A O   1 
HETATM 1347 O O   . HOH D 4 .   ? 9.875   8.698   13.013  1.00 17.60  ? 436 HOH A O   1 
HETATM 1348 O O   . HOH D 4 .   ? 0.005   2.024   11.832  1.00 11.51  ? 437 HOH A O   1 
HETATM 1349 O O   . HOH D 4 .   ? 12.676  8.289   12.677  1.00 43.37  ? 438 HOH A O   1 
HETATM 1350 O O   . HOH D 4 .   ? 12.897  8.950   8.526   1.00 37.86  ? 439 HOH A O   1 
HETATM 1351 O O   . HOH D 4 .   ? -2.395  -8.414  15.325  1.00 45.44  ? 440 HOH A O   1 
HETATM 1352 O O   . HOH D 4 .   ? 1.396   19.183  -8.404  1.00 35.18  ? 441 HOH A O   1 
HETATM 1353 O O   . HOH D 4 .   ? -20.040 -1.983  -0.967  1.00 17.27  ? 442 HOH A O   1 
HETATM 1354 O O   . HOH D 4 .   ? -7.858  8.876   5.828   1.00 17.53  ? 443 HOH A O   1 
HETATM 1355 O O   . HOH D 4 .   ? -7.229  9.737   -18.513 1.00 45.02  ? 444 HOH A O   1 
HETATM 1356 O O   . HOH D 4 .   ? -11.606 -6.619  8.715   1.00 20.05  ? 445 HOH A O   1 
HETATM 1357 O O   . HOH D 4 .   ? -11.408 6.034   -15.425 1.00 39.64  ? 446 HOH A O   1 
HETATM 1358 O O   . HOH D 4 .   ? -12.952 12.748  -8.023  1.00 38.61  ? 447 HOH A O   1 
HETATM 1359 O O   . HOH D 4 .   ? -11.791 11.718  -1.499  1.00 41.46  ? 448 HOH A O   1 
HETATM 1360 O O   . HOH D 4 .   ? -18.693 0.406   2.311   1.00 35.40  ? 449 HOH A O   1 
HETATM 1361 O O   . HOH D 4 .   ? -1.165  9.976   7.145   1.00 39.53  ? 450 HOH A O   1 
HETATM 1362 O O   . HOH D 4 .   ? -12.995 -2.704  7.929   1.00 39.59  ? 451 HOH A O   1 
HETATM 1363 O O   . HOH D 4 .   ? 11.615  1.501   10.961  1.00 13.85  ? 452 HOH A O   1 
HETATM 1364 O O   . HOH D 4 .   ? -4.714  0.904   20.382  1.00 27.14  ? 453 HOH A O   1 
HETATM 1365 O O   . HOH D 4 .   ? 2.868   16.117  -11.038 1.00 45.77  ? 454 HOH A O   1 
HETATM 1366 O O   . HOH D 4 .   ? 5.671   -0.290  20.135  1.00 21.57  ? 455 HOH A O   1 
HETATM 1367 O O   . HOH D 4 .   ? 2.985   -14.884 12.233  1.00 34.40  ? 456 HOH A O   1 
HETATM 1368 O O   . HOH D 4 .   ? 23.645  4.356   1.288   1.00 44.62  ? 457 HOH A O   1 
HETATM 1369 O O   . HOH D 4 .   ? -16.842 5.375   0.054   1.00 40.79  ? 458 HOH A O   1 
HETATM 1370 O O   . HOH D 4 .   ? -3.892  8.084   -10.534 1.00 14.20  ? 459 HOH A O   1 
HETATM 1371 O O   . HOH D 4 .   ? -20.743 5.263   -0.286  1.00 31.17  ? 460 HOH A O   1 
HETATM 1372 O O   . HOH D 4 .   ? 2.229   -22.028 -3.733  1.00 42.07  ? 461 HOH A O   1 
HETATM 1373 O O   . HOH D 4 .   ? -1.910  14.447  4.577   1.00 44.37  ? 462 HOH A O   1 
HETATM 1374 O O   . HOH D 4 .   ? 14.689  4.460   12.467  1.00 44.40  ? 463 HOH A O   1 
HETATM 1375 O O   . HOH D 4 .   ? 3.528   -9.751  16.356  1.00 38.83  ? 464 HOH A O   1 
HETATM 1376 O O   . HOH D 4 .   ? -4.188  -1.887  -15.075 1.00 35.77  ? 465 HOH A O   1 
HETATM 1377 O O   . HOH D 4 .   ? 0.203   20.836  -5.196  1.00 38.37  ? 466 HOH A O   1 
HETATM 1378 O O   . HOH D 4 .   ? 3.789   14.436  2.977   1.00 22.79  ? 467 HOH A O   1 
HETATM 1379 O O   . HOH D 4 .   ? 2.731   7.143   17.017  1.00 31.36  ? 468 HOH A O   1 
HETATM 1380 O O   . HOH D 4 .   ? -5.217  20.821  -5.884  1.00 48.85  ? 469 HOH A O   1 
HETATM 1381 O O   . HOH D 4 .   ? 5.782   15.148  4.938   1.00 43.21  ? 470 HOH A O   1 
HETATM 1382 O O   . HOH D 4 .   ? 5.079   6.754   -15.034 1.00 44.20  ? 471 HOH A O   1 
HETATM 1383 O O   . HOH D 4 .   ? -3.013  -15.375 8.076   1.00 43.02  ? 472 HOH A O   1 
HETATM 1384 O O   . HOH D 4 .   ? -4.783  17.613  -12.448 1.00 47.16  ? 473 HOH A O   1 
HETATM 1385 O O   . HOH D 4 .   ? 16.422  3.339   2.034   1.00 48.48  ? 474 HOH A O   1 
HETATM 1386 O O   . HOH D 4 .   ? -5.094  -7.967  14.610  1.00 50.06  ? 475 HOH A O   1 
HETATM 1387 O O   . HOH D 4 .   ? -17.221 -10.086 -2.748  1.00 36.61  ? 476 HOH A O   1 
HETATM 1388 O O   . HOH D 4 .   ? 1.708   15.988  1.203   1.00 36.36  ? 477 HOH A O   1 
HETATM 1389 O O   . HOH D 4 .   ? 17.245  1.331   3.713   1.00 35.12  ? 478 HOH A O   1 
HETATM 1390 O O   . HOH D 4 .   ? -14.937 -13.915 -0.112  1.00 40.76  ? 479 HOH A O   1 
HETATM 1391 O O   . HOH D 4 .   ? 10.614  -0.358  22.035  1.00 40.67  ? 480 HOH A O   1 
HETATM 1392 O O   . HOH D 4 .   ? -2.336  5.444   10.312  1.00 18.05  ? 481 HOH A O   1 
HETATM 1393 O O   . HOH D 4 .   ? 13.848  11.586  5.072   1.00 46.69  ? 482 HOH A O   1 
HETATM 1394 O O   . HOH D 4 .   ? 23.024  1.354   1.650   1.00 42.33  ? 483 HOH A O   1 
HETATM 1395 O O   . HOH D 4 .   ? 13.312  2.092   12.956  1.00 42.38  ? 484 HOH A O   1 
HETATM 1396 O O   . HOH D 4 .   ? -8.198  21.176  -5.484  1.00 47.08  ? 485 HOH A O   1 
HETATM 1397 O O   . HOH D 4 .   ? 4.376   -21.043 5.987   1.00 39.54  ? 486 HOH A O   1 
HETATM 1398 O O   . HOH D 4 .   ? 12.279  -2.588  21.695  1.00 49.76  ? 487 HOH A O   1 
HETATM 1399 O O   . HOH D 4 .   ? 16.933  0.556   6.308   1.00 34.57  ? 488 HOH A O   1 
HETATM 1400 O O   . HOH D 4 .   ? -2.926  11.654  4.732   1.00 25.87  ? 489 HOH A O   1 
HETATM 1401 O O   . HOH D 4 .   ? -12.190 -9.964  -9.781  1.00 47.84  ? 490 HOH A O   1 
HETATM 1402 O O   . HOH D 4 .   ? 11.883  11.124  -12.699 1.00 32.55  ? 491 HOH A O   1 
HETATM 1403 O O   . HOH D 4 .   ? 17.487  0.667   -1.006  1.00 38.00  ? 492 HOH A O   1 
HETATM 1404 O O   . HOH D 4 .   ? -2.246  -7.285  -13.460 1.00 37.39  ? 493 HOH A O   1 
HETATM 1405 O O   . HOH D 4 .   ? 15.901  -3.262  2.357   1.00 27.52  ? 494 HOH A O   1 
HETATM 1406 O O   . HOH D 4 .   ? -14.965 2.863   8.586   1.00 34.09  ? 495 HOH A O   1 
HETATM 1407 O O   . HOH D 4 .   ? -11.638 1.238   10.719  1.00 39.82  ? 496 HOH A O   1 
HETATM 1408 O O   . HOH D 4 .   ? -2.881  4.696   13.278  1.00 23.66  ? 497 HOH A O   1 
HETATM 1409 O O   . HOH D 4 .   ? 11.602  -14.149 -5.506  1.00 40.11  ? 498 HOH A O   1 
HETATM 1410 O O   . HOH D 4 .   ? -0.081  -5.382  -12.856 1.00 17.24  ? 499 HOH A O   1 
HETATM 1411 O O   . HOH D 4 .   ? -12.991 14.926  -4.236  1.00 41.75  ? 500 HOH A O   1 
HETATM 1412 O O   . HOH D 4 .   ? 1.936   3.565   -16.615 1.00 34.58  ? 501 HOH A O   1 
HETATM 1413 O O   . HOH D 4 .   ? -12.288 -5.962  5.899   1.00 17.68  ? 502 HOH A O   1 
HETATM 1414 O O   . HOH D 4 .   ? -17.420 8.647   -1.568  1.00 45.03  ? 503 HOH A O   1 
HETATM 1415 O O   . HOH D 4 .   ? -9.909  -12.622 8.463   1.00 37.16  ? 504 HOH A O   1 
HETATM 1416 O O   . HOH D 4 .   ? -6.768  13.842  4.329   1.00 42.35  ? 505 HOH A O   1 
HETATM 1417 O O   . HOH D 4 .   ? -16.438 -12.241 -6.810  1.00 29.08  ? 506 HOH A O   1 
HETATM 1418 O O   . HOH D 4 .   ? 16.321  -5.844  1.267   1.00 34.81  ? 507 HOH A O   1 
HETATM 1419 O O   . HOH D 4 .   ? 9.245   -6.733  13.693  1.00 30.30  ? 508 HOH A O   1 
HETATM 1420 O O   . HOH D 4 .   ? 10.633  14.500  -10.456 1.00 15.81  ? 509 HOH A O   1 
HETATM 1421 O O   . HOH D 4 .   ? -5.276  -9.580  -11.227 1.00 44.94  ? 510 HOH A O   1 
HETATM 1422 O O   . HOH D 4 .   ? -1.915  -5.474  18.213  1.00 39.74  ? 511 HOH A O   1 
HETATM 1423 O O   . HOH D 4 .   ? 16.705  3.029   10.935  1.00 39.83  ? 512 HOH A O   1 
HETATM 1424 O O   . HOH D 4 .   ? -17.801 -4.929  2.456   1.00 35.87  ? 513 HOH A O   1 
HETATM 1425 O O   . HOH D 4 .   ? -15.260 -1.896  3.908   1.00 18.41  ? 514 HOH A O   1 
HETATM 1426 O O   . HOH D 4 .   ? 10.795  -5.262  15.704  1.00 37.61  ? 515 HOH A O   1 
HETATM 1427 O O   . HOH D 4 .   ? -6.599  3.811   13.063  1.00 36.47  ? 516 HOH A O   1 
HETATM 1428 O O   . HOH D 4 .   ? -8.222  4.701   10.757  1.00 31.75  ? 517 HOH A O   1 
HETATM 1429 O O   . HOH D 4 .   ? 14.635  -1.433  9.595   1.00 15.35  ? 518 HOH A O   1 
HETATM 1430 O O   . HOH D 4 .   ? -7.259  9.183   8.560   1.00 37.54  ? 519 HOH A O   1 
HETATM 1431 O O   . HOH D 4 .   ? 13.425  7.097   -17.053 1.00 36.18  ? 520 HOH A O   1 
HETATM 1432 O O   . HOH D 4 .   ? -14.365 -4.071  5.672   1.00 33.49  ? 521 HOH A O   1 
HETATM 1433 O O   . HOH D 4 .   ? -7.204  7.165   10.490  1.00 32.65  ? 522 HOH A O   1 
# 
